data_1G1A
#
_entry.id   1G1A
#
_cell.length_a   110.623
_cell.length_b   87.533
_cell.length_c   111.304
_cell.angle_alpha   90.00
_cell.angle_beta   98.04
_cell.angle_gamma   90.00
#
_symmetry.space_group_name_H-M   'P 1 21 1'
#
loop_
_entity.id
_entity.type
_entity.pdbx_description
1 polymer 'DTDP-D-GLUCOSE 4,6-DEHYDRATASE'
2 non-polymer 'SULFATE ION'
3 non-polymer NICOTINAMIDE-ADENINE-DINUCLEOTIDE
4 water water
#
_entity_poly.entity_id   1
_entity_poly.type   'polypeptide(L)'
_entity_poly.pdbx_seq_one_letter_code
;MKILITGGAGFIGSAVVRHIIKNTQDTVVNIDKLTYAGNLESLSDISESNRYNFEHADICDSAEITRIFEQYQPDAVMHL
AAESHVDRSITGPAAFIETNIVGTYALLEVARKYWSALGEDKKNNFRFHHISTDEVYGDLPHPDEVENSVTLPLFTETTA
YAPSSPYSASKASSDHLVRAWRRTYGLPTIVTNCSNNYGPYHFPEKLIPLVILNALEGKPLPIYGKGDQIRDWLYVEDHA
RALHMVVTEGKAGETYNIGGHNEKKNLDVVFTICDLLDEIVPKATSYREQITYVADRPGHDRRYAIDAGKISRELGWKPL
ETFESGIRKTVEWYLANTQWVNNVKSGAYQSWIEQNYEGRQ
;
_entity_poly.pdbx_strand_id   A,B,C,D
#
# COMPACT_ATOMS: atom_id res chain seq x y z
N MET A 1 27.97 -7.54 -40.43
CA MET A 1 26.94 -8.27 -39.63
C MET A 1 26.33 -9.35 -40.49
N LYS A 2 26.19 -10.55 -39.93
CA LYS A 2 25.58 -11.67 -40.66
C LYS A 2 24.13 -11.72 -40.20
N ILE A 3 23.22 -11.57 -41.15
CA ILE A 3 21.79 -11.58 -40.87
C ILE A 3 21.12 -12.84 -41.38
N LEU A 4 20.47 -13.59 -40.49
CA LEU A 4 19.79 -14.80 -40.93
C LEU A 4 18.34 -14.39 -41.23
N ILE A 5 17.89 -14.66 -42.45
CA ILE A 5 16.55 -14.27 -42.87
C ILE A 5 15.66 -15.43 -43.29
N THR A 6 14.42 -15.46 -42.82
CA THR A 6 13.52 -16.55 -43.24
C THR A 6 12.57 -15.96 -44.27
N GLY A 7 12.11 -16.77 -45.22
CA GLY A 7 11.20 -16.30 -46.25
C GLY A 7 11.85 -15.34 -47.25
N GLY A 8 13.18 -15.45 -47.36
CA GLY A 8 13.94 -14.59 -48.25
C GLY A 8 13.63 -14.72 -49.73
N ALA A 9 12.94 -15.77 -50.14
CA ALA A 9 12.58 -15.95 -51.55
C ALA A 9 11.16 -15.45 -51.84
N GLY A 10 10.55 -14.81 -50.85
CA GLY A 10 9.20 -14.31 -51.04
C GLY A 10 9.17 -12.88 -51.57
N PHE A 11 7.96 -12.34 -51.74
CA PHE A 11 7.75 -10.98 -52.26
C PHE A 11 8.60 -9.94 -51.52
N ILE A 12 8.26 -9.71 -50.26
CA ILE A 12 8.97 -8.75 -49.43
C ILE A 12 10.36 -9.25 -49.09
N GLY A 13 10.44 -10.52 -48.71
CA GLY A 13 11.72 -11.12 -48.37
C GLY A 13 12.76 -10.90 -49.46
N SER A 14 12.39 -11.15 -50.71
CA SER A 14 13.36 -10.97 -51.78
C SER A 14 13.83 -9.52 -51.88
N ALA A 15 12.95 -8.56 -51.58
CA ALA A 15 13.31 -7.15 -51.63
C ALA A 15 14.34 -6.81 -50.53
N VAL A 16 14.19 -7.46 -49.39
CA VAL A 16 15.11 -7.27 -48.26
C VAL A 16 16.50 -7.81 -48.62
N VAL A 17 16.52 -9.02 -49.16
CA VAL A 17 17.78 -9.66 -49.52
C VAL A 17 18.50 -8.81 -50.58
N ARG A 18 17.79 -8.44 -51.65
CA ARG A 18 18.38 -7.62 -52.69
C ARG A 18 18.94 -6.33 -52.11
N HIS A 19 18.21 -5.73 -51.19
CA HIS A 19 18.68 -4.49 -50.60
C HIS A 19 19.97 -4.62 -49.79
N ILE A 20 20.05 -5.67 -48.98
CA ILE A 20 21.24 -5.88 -48.18
C ILE A 20 22.47 -6.14 -49.04
N ILE A 21 22.30 -6.91 -50.10
CA ILE A 21 23.41 -7.23 -50.97
C ILE A 21 23.83 -6.07 -51.85
N LYS A 22 22.86 -5.31 -52.35
CA LYS A 22 23.17 -4.19 -53.23
C LYS A 22 23.59 -2.93 -52.51
N ASN A 23 23.05 -2.69 -51.32
CA ASN A 23 23.36 -1.44 -50.64
C ASN A 23 23.91 -1.46 -49.23
N THR A 24 24.47 -2.58 -48.80
CA THR A 24 25.01 -2.61 -47.45
C THR A 24 26.26 -3.45 -47.39
N GLN A 25 26.90 -3.41 -46.23
CA GLN A 25 28.11 -4.16 -45.98
C GLN A 25 27.78 -5.53 -45.41
N ASP A 26 26.53 -5.72 -44.97
CA ASP A 26 26.11 -6.98 -44.37
C ASP A 26 26.03 -8.19 -45.30
N THR A 27 26.06 -9.37 -44.70
CA THR A 27 25.96 -10.62 -45.45
C THR A 27 24.64 -11.29 -45.04
N VAL A 28 24.18 -12.26 -45.88
CA VAL A 28 22.92 -12.90 -45.56
C VAL A 28 22.81 -14.37 -45.92
N VAL A 29 22.24 -15.10 -45.01
CA VAL A 29 21.97 -16.51 -45.16
C VAL A 29 20.42 -16.57 -45.21
N ASN A 30 19.88 -16.97 -46.35
CA ASN A 30 18.44 -17.02 -46.59
C ASN A 30 17.86 -18.41 -46.42
N ILE A 31 16.98 -18.56 -45.44
CA ILE A 31 16.32 -19.85 -45.20
C ILE A 31 14.91 -19.79 -45.75
N ASP A 32 14.62 -20.61 -46.76
CA ASP A 32 13.29 -20.63 -47.37
C ASP A 32 12.92 -22.04 -47.82
N LYS A 33 11.71 -22.50 -47.52
CA LYS A 33 11.33 -23.85 -47.93
C LYS A 33 10.75 -23.89 -49.34
N LEU A 34 10.66 -22.73 -49.96
CA LEU A 34 10.16 -22.63 -51.32
C LEU A 34 8.80 -23.26 -51.61
N THR A 35 7.77 -22.70 -51.03
CA THR A 35 6.42 -23.11 -51.31
C THR A 35 6.02 -22.45 -52.61
N TYR A 36 4.78 -22.62 -53.04
CA TYR A 36 4.27 -22.00 -54.25
C TYR A 36 4.57 -20.49 -54.23
N ALA A 37 4.79 -19.92 -53.05
CA ALA A 37 5.04 -18.49 -52.94
C ALA A 37 6.50 -18.06 -53.11
N GLY A 38 7.45 -18.98 -52.95
CA GLY A 38 8.86 -18.64 -53.10
C GLY A 38 9.27 -18.60 -54.56
N ASN A 39 10.22 -17.72 -54.92
CA ASN A 39 10.67 -17.64 -56.30
C ASN A 39 12.13 -17.28 -56.36
N LEU A 40 12.98 -18.26 -56.62
CA LEU A 40 14.41 -18.00 -56.71
C LEU A 40 14.78 -17.02 -57.82
N GLU A 41 13.89 -16.88 -58.82
CA GLU A 41 14.17 -15.96 -59.91
C GLU A 41 14.13 -14.51 -59.42
N SER A 42 13.41 -14.28 -58.34
CA SER A 42 13.31 -12.94 -57.79
C SER A 42 14.61 -12.55 -57.11
N LEU A 43 15.51 -13.52 -56.97
CA LEU A 43 16.81 -13.28 -56.35
C LEU A 43 17.94 -13.49 -57.33
N SER A 44 17.59 -13.78 -58.58
CA SER A 44 18.58 -14.06 -59.62
C SER A 44 19.77 -13.10 -59.76
N ASP A 45 19.55 -11.79 -59.74
CA ASP A 45 20.72 -10.93 -59.89
C ASP A 45 21.42 -10.62 -58.59
N ILE A 46 21.39 -11.57 -57.67
CA ILE A 46 22.03 -11.38 -56.37
C ILE A 46 22.54 -12.72 -55.80
N SER A 47 22.00 -13.81 -56.32
CA SER A 47 22.32 -15.16 -55.84
C SER A 47 23.76 -15.63 -56.02
N GLU A 48 24.57 -14.90 -56.78
CA GLU A 48 25.94 -15.31 -56.99
C GLU A 48 26.92 -14.63 -56.04
N SER A 49 26.45 -13.60 -55.32
CA SER A 49 27.28 -12.89 -54.36
C SER A 49 27.82 -13.85 -53.30
N ASN A 50 29.08 -13.68 -52.96
CA ASN A 50 29.70 -14.51 -51.94
C ASN A 50 29.15 -14.08 -50.57
N ARG A 51 28.45 -12.95 -50.55
CA ARG A 51 27.88 -12.46 -49.31
C ARG A 51 26.46 -12.98 -49.12
N TYR A 52 26.06 -13.89 -50.00
CA TYR A 52 24.72 -14.47 -49.96
C TYR A 52 24.76 -15.97 -49.91
N ASN A 53 23.97 -16.57 -49.03
CA ASN A 53 23.91 -18.02 -48.95
C ASN A 53 22.48 -18.48 -48.82
N PHE A 54 22.14 -19.55 -49.56
CA PHE A 54 20.78 -20.07 -49.53
C PHE A 54 20.65 -21.45 -48.84
N GLU A 55 19.66 -21.58 -47.98
CA GLU A 55 19.43 -22.84 -47.28
C GLU A 55 17.96 -23.22 -47.47
N HIS A 56 17.76 -24.30 -48.22
CA HIS A 56 16.44 -24.84 -48.51
C HIS A 56 15.87 -25.61 -47.33
N ALA A 57 15.15 -24.93 -46.43
CA ALA A 57 14.62 -25.59 -45.25
C ALA A 57 13.28 -25.02 -44.74
N ASP A 58 12.58 -25.84 -43.96
CA ASP A 58 11.31 -25.44 -43.35
C ASP A 58 11.60 -24.98 -41.92
N ILE A 59 11.09 -23.81 -41.55
CA ILE A 59 11.33 -23.29 -40.20
C ILE A 59 10.84 -24.22 -39.09
N CYS A 60 9.91 -25.12 -39.40
CA CYS A 60 9.40 -26.05 -38.39
C CYS A 60 10.39 -27.16 -38.11
N ASP A 61 11.36 -27.35 -39.00
CA ASP A 61 12.40 -28.38 -38.87
C ASP A 61 13.52 -27.93 -37.88
N SER A 62 13.29 -28.10 -36.59
CA SER A 62 14.24 -27.67 -35.56
C SER A 62 15.67 -28.17 -35.72
N ALA A 63 15.83 -29.44 -36.07
CA ALA A 63 17.15 -30.02 -36.24
C ALA A 63 17.88 -29.26 -37.33
N GLU A 64 17.25 -29.09 -38.49
CA GLU A 64 17.88 -28.36 -39.59
C GLU A 64 18.17 -26.92 -39.19
N ILE A 65 17.16 -26.22 -38.69
CA ILE A 65 17.37 -24.83 -38.30
C ILE A 65 18.49 -24.70 -37.27
N THR A 66 18.59 -25.67 -36.37
CA THR A 66 19.63 -25.60 -35.34
C THR A 66 21.00 -25.73 -35.99
N ARG A 67 21.11 -26.67 -36.91
CA ARG A 67 22.37 -26.85 -37.61
C ARG A 67 22.77 -25.52 -38.27
N ILE A 68 21.83 -24.92 -39.01
CA ILE A 68 22.06 -23.67 -39.71
C ILE A 68 22.55 -22.53 -38.82
N PHE A 69 21.94 -22.36 -37.65
CA PHE A 69 22.36 -21.30 -36.72
C PHE A 69 23.79 -21.57 -36.27
N GLU A 70 24.06 -22.82 -35.90
CA GLU A 70 25.39 -23.20 -35.43
C GLU A 70 26.42 -22.96 -36.52
N GLN A 71 26.07 -23.29 -37.75
CA GLN A 71 27.03 -23.11 -38.84
C GLN A 71 27.29 -21.67 -39.25
N TYR A 72 26.27 -20.82 -39.27
CA TYR A 72 26.49 -19.45 -39.70
C TYR A 72 26.64 -18.44 -38.57
N GLN A 73 26.37 -18.86 -37.34
CA GLN A 73 26.50 -17.96 -36.19
C GLN A 73 26.05 -16.53 -36.53
N PRO A 74 24.74 -16.35 -36.80
CA PRO A 74 24.07 -15.11 -37.16
C PRO A 74 24.20 -14.02 -36.11
N ASP A 75 24.32 -12.78 -36.55
CA ASP A 75 24.39 -11.67 -35.61
C ASP A 75 22.97 -11.20 -35.35
N ALA A 76 22.06 -11.55 -36.25
CA ALA A 76 20.67 -11.15 -36.13
C ALA A 76 19.74 -12.00 -36.98
N VAL A 77 18.44 -11.95 -36.65
CA VAL A 77 17.44 -12.72 -37.38
C VAL A 77 16.30 -11.81 -37.86
N MET A 78 15.88 -12.01 -39.11
CA MET A 78 14.76 -11.26 -39.69
C MET A 78 13.79 -12.35 -40.13
N HIS A 79 12.71 -12.48 -39.39
CA HIS A 79 11.72 -13.51 -39.66
C HIS A 79 10.55 -13.01 -40.53
N LEU A 80 10.56 -13.41 -41.80
CA LEU A 80 9.50 -13.02 -42.73
C LEU A 80 8.74 -14.23 -43.26
N ALA A 81 9.23 -15.44 -43.00
CA ALA A 81 8.56 -16.63 -43.51
C ALA A 81 7.15 -16.76 -42.93
N ALA A 82 6.15 -16.89 -43.81
CA ALA A 82 4.77 -17.00 -43.36
C ALA A 82 3.93 -17.55 -44.49
N GLU A 83 2.81 -18.16 -44.14
CA GLU A 83 1.89 -18.74 -45.10
C GLU A 83 0.69 -17.81 -45.11
N SER A 84 0.38 -17.25 -46.26
CA SER A 84 -0.74 -16.33 -46.33
C SER A 84 -2.00 -16.95 -46.94
N HIS A 85 -1.89 -18.19 -47.39
CA HIS A 85 -3.05 -18.84 -47.97
C HIS A 85 -3.71 -19.65 -46.88
N VAL A 86 -5.01 -19.41 -46.66
CA VAL A 86 -5.74 -20.14 -45.64
C VAL A 86 -6.37 -21.39 -46.23
N ASP A 87 -5.73 -22.52 -45.93
CA ASP A 87 -6.12 -23.83 -46.40
C ASP A 87 -6.80 -24.59 -45.25
N ARG A 88 -7.22 -25.83 -45.51
CA ARG A 88 -7.83 -26.66 -44.48
C ARG A 88 -7.12 -28.02 -44.51
N SER A 89 -7.08 -28.73 -43.38
CA SER A 89 -6.36 -30.00 -43.35
C SER A 89 -7.16 -31.28 -43.06
N ILE A 90 -6.99 -32.26 -43.93
CA ILE A 90 -7.68 -33.53 -43.73
C ILE A 90 -6.82 -34.32 -42.77
N THR A 91 -5.72 -33.70 -42.37
CA THR A 91 -4.79 -34.30 -41.44
C THR A 91 -4.20 -33.24 -40.50
N GLY A 92 -4.92 -32.98 -39.41
CA GLY A 92 -4.45 -32.03 -38.41
C GLY A 92 -4.42 -30.56 -38.76
N PRO A 93 -3.42 -29.83 -38.26
CA PRO A 93 -3.23 -28.40 -38.48
C PRO A 93 -2.99 -28.00 -39.93
N ALA A 94 -3.66 -26.92 -40.34
CA ALA A 94 -3.54 -26.38 -41.68
C ALA A 94 -2.16 -25.74 -41.81
N ALA A 95 -1.71 -25.53 -43.04
CA ALA A 95 -0.38 -24.94 -43.25
C ALA A 95 -0.18 -23.62 -42.55
N PHE A 96 -1.16 -22.71 -42.65
CA PHE A 96 -0.96 -21.42 -42.03
C PHE A 96 -0.76 -21.50 -40.51
N ILE A 97 -1.44 -22.45 -39.87
CA ILE A 97 -1.26 -22.61 -38.43
C ILE A 97 0.16 -23.16 -38.19
N GLU A 98 0.53 -24.22 -38.90
CA GLU A 98 1.87 -24.81 -38.76
C GLU A 98 3.00 -23.82 -39.00
N THR A 99 2.95 -23.13 -40.12
CA THR A 99 4.01 -22.19 -40.44
C THR A 99 4.04 -20.92 -39.63
N ASN A 100 2.90 -20.23 -39.57
CA ASN A 100 2.85 -18.95 -38.87
C ASN A 100 2.97 -19.04 -37.35
N ILE A 101 2.27 -20.00 -36.74
CA ILE A 101 2.32 -20.11 -35.28
C ILE A 101 3.36 -21.10 -34.80
N VAL A 102 3.17 -22.37 -35.05
CA VAL A 102 4.13 -23.38 -34.61
C VAL A 102 5.54 -23.06 -35.11
N GLY A 103 5.64 -22.66 -36.37
CA GLY A 103 6.94 -22.31 -36.94
C GLY A 103 7.63 -21.17 -36.22
N THR A 104 6.87 -20.17 -35.81
CA THR A 104 7.46 -19.03 -35.11
C THR A 104 7.94 -19.53 -33.75
N TYR A 105 7.13 -20.38 -33.13
CA TYR A 105 7.49 -20.97 -31.85
C TYR A 105 8.80 -21.74 -32.01
N ALA A 106 8.86 -22.59 -33.04
CA ALA A 106 10.05 -23.38 -33.27
C ALA A 106 11.27 -22.48 -33.47
N LEU A 107 11.12 -21.45 -34.28
CA LEU A 107 12.23 -20.55 -34.57
C LEU A 107 12.67 -19.87 -33.29
N LEU A 108 11.70 -19.40 -32.52
CA LEU A 108 12.00 -18.75 -31.25
C LEU A 108 12.84 -19.66 -30.33
N GLU A 109 12.49 -20.94 -30.26
CA GLU A 109 13.23 -21.83 -29.38
C GLU A 109 14.66 -22.07 -29.85
N VAL A 110 14.89 -22.21 -31.15
CA VAL A 110 16.26 -22.38 -31.62
C VAL A 110 17.05 -21.12 -31.34
N ALA A 111 16.47 -19.96 -31.65
CA ALA A 111 17.14 -18.69 -31.42
C ALA A 111 17.41 -18.45 -29.93
N ARG A 112 16.53 -18.93 -29.05
CA ARG A 112 16.76 -18.70 -27.63
C ARG A 112 17.99 -19.44 -27.16
N LYS A 113 18.08 -20.73 -27.50
CA LYS A 113 19.22 -21.54 -27.09
C LYS A 113 20.50 -20.96 -27.65
N TYR A 114 20.47 -20.63 -28.94
CA TYR A 114 21.62 -20.04 -29.61
C TYR A 114 22.09 -18.77 -28.89
N TRP A 115 21.16 -17.85 -28.68
CA TRP A 115 21.45 -16.58 -28.04
C TRP A 115 22.03 -16.73 -26.64
N SER A 116 21.42 -17.58 -25.81
CA SER A 116 21.90 -17.72 -24.44
C SER A 116 23.29 -18.34 -24.36
N ALA A 117 23.73 -18.97 -25.44
CA ALA A 117 25.05 -19.59 -25.48
C ALA A 117 26.07 -18.76 -26.25
N LEU A 118 25.82 -17.47 -26.43
CA LEU A 118 26.76 -16.64 -27.20
C LEU A 118 28.05 -16.20 -26.52
N GLY A 119 28.08 -14.97 -26.04
CA GLY A 119 29.23 -14.40 -25.38
C GLY A 119 28.86 -12.95 -25.12
N GLU A 120 28.83 -12.55 -23.84
CA GLU A 120 28.45 -11.19 -23.44
C GLU A 120 28.30 -10.16 -24.56
N ASP A 121 29.37 -9.95 -25.31
CA ASP A 121 29.36 -8.97 -26.39
C ASP A 121 28.31 -9.28 -27.46
N LYS A 122 28.54 -10.36 -28.21
CA LYS A 122 27.63 -10.77 -29.27
C LYS A 122 26.21 -11.05 -28.77
N LYS A 123 26.10 -11.43 -27.50
CA LYS A 123 24.80 -11.72 -26.91
C LYS A 123 24.00 -10.45 -26.62
N ASN A 124 24.68 -9.34 -26.36
CA ASN A 124 23.96 -8.10 -26.10
C ASN A 124 23.60 -7.37 -27.39
N ASN A 125 24.26 -7.74 -28.49
CA ASN A 125 24.01 -7.08 -29.76
C ASN A 125 23.00 -7.84 -30.61
N PHE A 126 22.79 -9.12 -30.28
CA PHE A 126 21.86 -9.97 -31.02
C PHE A 126 20.43 -9.40 -31.06
N ARG A 127 19.74 -9.63 -32.17
CA ARG A 127 18.38 -9.14 -32.34
C ARG A 127 17.53 -10.15 -33.10
N PHE A 128 16.30 -10.36 -32.64
CA PHE A 128 15.36 -11.24 -33.33
C PHE A 128 14.24 -10.31 -33.80
N HIS A 129 14.26 -9.97 -35.09
CA HIS A 129 13.28 -9.06 -35.68
C HIS A 129 12.13 -9.79 -36.38
N HIS A 130 10.94 -9.64 -35.83
CA HIS A 130 9.74 -10.30 -36.32
C HIS A 130 8.91 -9.39 -37.24
N ILE A 131 8.67 -9.83 -38.47
CA ILE A 131 7.91 -9.01 -39.40
C ILE A 131 6.45 -9.43 -39.33
N SER A 132 5.57 -8.43 -39.18
CA SER A 132 4.15 -8.71 -39.10
C SER A 132 3.29 -7.73 -39.91
N THR A 133 1.97 -7.91 -39.83
CA THR A 133 1.00 -7.11 -40.56
C THR A 133 0.12 -6.20 -39.70
N ASP A 134 -0.36 -5.13 -40.32
CA ASP A 134 -1.21 -4.17 -39.62
C ASP A 134 -2.60 -4.78 -39.38
N GLU A 135 -2.88 -5.91 -40.02
CA GLU A 135 -4.18 -6.58 -39.85
C GLU A 135 -4.46 -7.04 -38.41
N VAL A 136 -3.40 -7.19 -37.61
CA VAL A 136 -3.57 -7.63 -36.23
C VAL A 136 -4.40 -6.65 -35.43
N TYR A 137 -4.42 -5.40 -35.89
CA TYR A 137 -5.16 -4.35 -35.20
C TYR A 137 -6.69 -4.35 -35.39
N GLY A 138 -7.21 -5.19 -36.27
CA GLY A 138 -8.64 -5.21 -36.49
C GLY A 138 -9.07 -4.26 -37.61
N ASP A 139 -10.06 -3.42 -37.36
CA ASP A 139 -10.55 -2.50 -38.38
C ASP A 139 -10.68 -1.11 -37.79
N LEU A 140 -10.74 -0.09 -38.65
CA LEU A 140 -10.85 1.30 -38.23
C LEU A 140 -12.15 1.88 -38.75
N PRO A 141 -12.65 2.93 -38.09
CA PRO A 141 -13.83 3.66 -38.64
C PRO A 141 -13.68 4.14 -40.10
N HIS A 142 -14.68 3.87 -40.93
CA HIS A 142 -14.67 4.28 -42.33
C HIS A 142 -15.11 5.74 -42.51
N PRO A 143 -14.60 6.38 -43.59
CA PRO A 143 -14.98 7.79 -43.78
C PRO A 143 -16.44 8.09 -43.80
N ASP A 144 -17.19 7.19 -44.44
CA ASP A 144 -18.62 7.36 -44.60
C ASP A 144 -19.45 7.09 -43.34
N GLU A 145 -18.81 6.65 -42.26
CA GLU A 145 -19.52 6.37 -41.01
C GLU A 145 -19.27 7.54 -40.06
N VAL A 146 -18.05 8.06 -40.05
CA VAL A 146 -17.68 9.19 -39.20
C VAL A 146 -17.99 10.45 -40.00
N GLU A 147 -19.23 10.91 -39.88
CA GLU A 147 -19.74 12.06 -40.62
C GLU A 147 -18.90 13.32 -40.48
N ASN A 148 -18.89 14.11 -41.57
CA ASN A 148 -18.20 15.38 -41.71
C ASN A 148 -16.78 15.27 -41.19
N SER A 149 -16.10 16.39 -41.34
CA SER A 149 -14.73 16.58 -40.96
C SER A 149 -14.53 16.26 -39.53
N VAL A 150 -14.56 15.01 -39.18
CA VAL A 150 -14.21 14.77 -37.84
C VAL A 150 -12.66 14.66 -37.83
N THR A 151 -12.23 13.55 -38.36
CA THR A 151 -10.83 13.14 -38.50
C THR A 151 -10.79 11.73 -38.01
N LEU A 152 -10.14 10.91 -38.73
CA LEU A 152 -10.19 9.55 -38.38
C LEU A 152 -8.96 9.02 -37.68
N PRO A 153 -9.27 7.97 -36.85
CA PRO A 153 -8.27 7.17 -36.11
C PRO A 153 -7.24 6.49 -36.98
N LEU A 154 -6.06 6.23 -36.46
CA LEU A 154 -5.06 5.49 -37.21
C LEU A 154 -4.51 4.37 -36.34
N PHE A 155 -3.87 3.40 -36.96
CA PHE A 155 -3.27 2.29 -36.23
C PHE A 155 -1.95 2.79 -35.62
N THR A 156 -1.80 2.68 -34.30
CA THR A 156 -0.53 3.08 -33.66
C THR A 156 -0.01 1.84 -32.97
N GLU A 157 1.22 1.90 -32.48
CA GLU A 157 1.79 0.74 -31.81
C GLU A 157 1.03 0.31 -30.55
N THR A 158 0.16 1.16 -30.03
CA THR A 158 -0.59 0.81 -28.82
C THR A 158 -2.06 0.53 -29.08
N THR A 159 -2.41 0.33 -30.35
CA THR A 159 -3.78 0.00 -30.68
C THR A 159 -4.02 -1.45 -30.29
N ALA A 160 -5.19 -1.73 -29.74
CA ALA A 160 -5.57 -3.07 -29.28
C ALA A 160 -5.65 -4.12 -30.37
N TYR A 161 -5.09 -5.31 -30.13
CA TYR A 161 -5.15 -6.38 -31.12
C TYR A 161 -6.59 -6.83 -31.28
N ALA A 162 -7.06 -7.12 -32.52
CA ALA A 162 -8.46 -7.56 -32.72
C ALA A 162 -8.55 -8.21 -34.07
N PRO A 163 -7.79 -9.33 -34.25
CA PRO A 163 -7.79 -10.05 -35.58
C PRO A 163 -9.10 -10.44 -36.15
N SER A 164 -9.38 -10.20 -37.41
CA SER A 164 -10.68 -10.66 -37.79
C SER A 164 -10.68 -11.82 -38.78
N SER A 165 -9.53 -12.32 -39.22
CA SER A 165 -9.51 -13.45 -40.15
C SER A 165 -8.56 -14.53 -39.61
N PRO A 166 -8.70 -15.75 -40.12
CA PRO A 166 -7.77 -16.77 -39.60
C PRO A 166 -6.31 -16.37 -39.80
N TYR A 167 -6.00 -15.80 -40.96
CA TYR A 167 -4.63 -15.38 -41.26
C TYR A 167 -4.15 -14.32 -40.28
N SER A 168 -4.91 -13.23 -40.15
CA SER A 168 -4.47 -12.20 -39.22
C SER A 168 -4.39 -12.76 -37.80
N ALA A 169 -5.29 -13.67 -37.45
CA ALA A 169 -5.27 -14.27 -36.11
C ALA A 169 -3.96 -15.04 -35.92
N SER A 170 -3.54 -15.79 -36.94
CA SER A 170 -2.29 -16.54 -36.82
C SER A 170 -1.09 -15.57 -36.68
N LYS A 171 -1.09 -14.46 -37.42
CA LYS A 171 0.02 -13.50 -37.30
C LYS A 171 0.00 -12.81 -35.92
N ALA A 172 -1.18 -12.48 -35.42
CA ALA A 172 -1.28 -11.84 -34.12
C ALA A 172 -0.67 -12.76 -33.08
N SER A 173 -0.88 -14.06 -33.24
CA SER A 173 -0.35 -15.05 -32.30
C SER A 173 1.17 -15.13 -32.34
N SER A 174 1.74 -15.11 -33.54
CA SER A 174 3.20 -15.16 -33.65
C SER A 174 3.77 -13.91 -32.96
N ASP A 175 3.06 -12.78 -33.06
CA ASP A 175 3.47 -11.54 -32.40
C ASP A 175 3.52 -11.75 -30.89
N HIS A 176 2.45 -12.33 -30.32
CA HIS A 176 2.42 -12.59 -28.88
C HIS A 176 3.55 -13.54 -28.47
N LEU A 177 3.86 -14.56 -29.27
CA LEU A 177 4.93 -15.47 -28.88
C LEU A 177 6.23 -14.68 -28.82
N VAL A 178 6.49 -13.86 -29.85
CA VAL A 178 7.71 -13.06 -29.91
C VAL A 178 7.92 -12.17 -28.68
N ARG A 179 6.86 -11.50 -28.24
CA ARG A 179 6.98 -10.64 -27.07
C ARG A 179 7.14 -11.42 -25.79
N ALA A 180 6.42 -12.52 -25.66
CA ALA A 180 6.53 -13.31 -24.44
C ALA A 180 7.97 -13.87 -24.26
N TRP A 181 8.60 -14.22 -25.36
CA TRP A 181 9.93 -14.79 -25.26
C TRP A 181 10.91 -13.74 -24.73
N ARG A 182 10.63 -12.50 -25.09
CA ARG A 182 11.45 -11.40 -24.63
C ARG A 182 11.26 -11.24 -23.13
N ARG A 183 10.01 -11.02 -22.73
CA ARG A 183 9.71 -10.81 -21.32
C ARG A 183 10.00 -12.01 -20.42
N THR A 184 9.91 -13.21 -20.96
CA THR A 184 10.13 -14.41 -20.19
C THR A 184 11.55 -14.92 -20.18
N TYR A 185 12.22 -14.86 -21.32
CA TYR A 185 13.58 -15.38 -21.36
C TYR A 185 14.61 -14.29 -21.62
N GLY A 186 14.16 -13.07 -21.86
CA GLY A 186 15.09 -11.99 -22.12
C GLY A 186 15.62 -11.96 -23.55
N LEU A 187 14.97 -12.66 -24.44
CA LEU A 187 15.42 -12.69 -25.84
C LEU A 187 15.26 -11.29 -26.44
N PRO A 188 16.33 -10.87 -27.15
CA PRO A 188 16.32 -9.54 -27.87
C PRO A 188 15.26 -9.43 -28.94
N THR A 189 13.98 -9.29 -28.70
CA THR A 189 13.12 -9.30 -29.89
C THR A 189 12.57 -7.94 -30.29
N ILE A 190 12.20 -7.80 -31.56
CA ILE A 190 11.61 -6.60 -32.07
C ILE A 190 10.45 -6.97 -32.96
N VAL A 191 9.41 -6.13 -33.00
CA VAL A 191 8.26 -6.41 -33.85
C VAL A 191 7.87 -5.22 -34.70
N THR A 192 7.65 -5.45 -35.99
CA THR A 192 7.19 -4.39 -36.86
C THR A 192 5.90 -4.85 -37.54
N ASN A 193 4.93 -3.93 -37.67
CA ASN A 193 3.66 -4.21 -38.34
C ASN A 193 3.54 -3.20 -39.46
N CYS A 194 3.38 -3.68 -40.68
CA CYS A 194 3.27 -2.78 -41.83
C CYS A 194 1.98 -2.97 -42.58
N SER A 195 1.68 -2.02 -43.47
CA SER A 195 0.47 -2.06 -44.27
C SER A 195 0.70 -2.81 -45.58
N ASN A 196 -0.29 -2.77 -46.47
CA ASN A 196 -0.19 -3.45 -47.76
C ASN A 196 0.99 -3.05 -48.64
N ASN A 197 1.81 -4.05 -49.01
CA ASN A 197 2.96 -3.80 -49.85
C ASN A 197 2.59 -3.97 -51.32
N TYR A 198 3.28 -3.25 -52.20
CA TYR A 198 3.06 -3.39 -53.64
C TYR A 198 4.40 -3.06 -54.28
N GLY A 199 4.58 -3.43 -55.54
CA GLY A 199 5.85 -3.15 -56.21
C GLY A 199 6.37 -4.31 -57.04
N PRO A 200 7.63 -4.24 -57.49
CA PRO A 200 8.23 -5.30 -58.31
C PRO A 200 8.24 -6.69 -57.64
N TYR A 201 8.14 -7.73 -58.47
CA TYR A 201 8.16 -9.12 -58.02
C TYR A 201 6.94 -9.60 -57.23
N HIS A 202 5.86 -8.83 -57.33
CA HIS A 202 4.63 -9.20 -56.64
C HIS A 202 3.96 -10.21 -57.59
N PHE A 203 3.57 -11.39 -57.09
CA PHE A 203 2.94 -12.36 -57.95
C PHE A 203 1.77 -11.79 -58.78
N PRO A 204 1.58 -12.30 -60.01
CA PRO A 204 0.56 -11.91 -61.00
C PRO A 204 -0.90 -11.87 -60.56
N GLU A 205 -1.29 -12.74 -59.63
CA GLU A 205 -2.69 -12.78 -59.18
C GLU A 205 -2.98 -11.76 -58.09
N LYS A 206 -1.97 -11.07 -57.58
CA LYS A 206 -2.22 -10.08 -56.54
C LYS A 206 -3.00 -8.89 -57.12
N LEU A 207 -3.72 -8.18 -56.26
CA LEU A 207 -4.53 -7.06 -56.68
C LEU A 207 -3.92 -6.10 -57.70
N ILE A 208 -2.92 -5.33 -57.29
CA ILE A 208 -2.33 -4.36 -58.20
C ILE A 208 -1.71 -4.99 -59.45
N PRO A 209 -0.95 -6.08 -59.29
CA PRO A 209 -0.38 -6.69 -60.49
C PRO A 209 -1.50 -7.17 -61.43
N LEU A 210 -2.54 -7.76 -60.86
CA LEU A 210 -3.63 -8.28 -61.67
C LEU A 210 -4.31 -7.19 -62.48
N VAL A 211 -4.48 -6.01 -61.89
CA VAL A 211 -5.13 -4.91 -62.61
C VAL A 211 -4.24 -4.47 -63.76
N ILE A 212 -2.95 -4.35 -63.52
CA ILE A 212 -1.99 -3.94 -64.55
C ILE A 212 -1.97 -4.93 -65.72
N LEU A 213 -1.87 -6.21 -65.39
CA LEU A 213 -1.81 -7.22 -66.44
C LEU A 213 -3.14 -7.36 -67.18
N ASN A 214 -4.26 -7.44 -66.46
CA ASN A 214 -5.54 -7.56 -67.15
C ASN A 214 -5.78 -6.36 -68.05
N ALA A 215 -5.41 -5.18 -67.59
CA ALA A 215 -5.59 -3.93 -68.33
C ALA A 215 -4.92 -3.95 -69.71
N LEU A 216 -3.63 -4.23 -69.72
CA LEU A 216 -2.86 -4.32 -70.96
C LEU A 216 -3.40 -5.45 -71.83
N GLU A 217 -3.80 -6.57 -71.22
CA GLU A 217 -4.36 -7.70 -71.96
C GLU A 217 -5.72 -7.28 -72.54
N GLY A 218 -6.18 -6.07 -72.20
CA GLY A 218 -7.47 -5.60 -72.69
C GLY A 218 -8.67 -6.22 -71.97
N LYS A 219 -8.40 -7.05 -70.98
CA LYS A 219 -9.46 -7.71 -70.22
C LYS A 219 -10.22 -6.71 -69.33
N PRO A 220 -11.28 -7.19 -68.65
CA PRO A 220 -12.04 -6.30 -67.77
C PRO A 220 -11.30 -6.06 -66.47
N LEU A 221 -11.53 -4.87 -65.89
CA LEU A 221 -10.94 -4.48 -64.62
C LEU A 221 -12.12 -4.47 -63.62
N PRO A 222 -12.45 -5.65 -63.05
CA PRO A 222 -13.54 -5.79 -62.10
C PRO A 222 -13.32 -5.20 -60.71
N ILE A 223 -14.36 -4.54 -60.20
CA ILE A 223 -14.35 -3.97 -58.86
C ILE A 223 -15.43 -4.68 -58.09
N TYR A 224 -15.16 -4.94 -56.82
CA TYR A 224 -16.07 -5.68 -55.96
C TYR A 224 -17.29 -4.95 -55.43
N GLY A 225 -17.17 -4.29 -54.29
CA GLY A 225 -18.32 -3.58 -53.79
C GLY A 225 -18.31 -2.28 -54.55
N LYS A 226 -18.45 -1.19 -53.83
CA LYS A 226 -18.42 0.14 -54.42
C LYS A 226 -16.94 0.49 -54.52
N GLY A 227 -16.07 -0.47 -54.23
CA GLY A 227 -14.64 -0.21 -54.25
C GLY A 227 -14.28 0.60 -53.01
N ASP A 228 -15.13 0.44 -52.01
CA ASP A 228 -15.09 1.10 -50.72
C ASP A 228 -13.81 0.99 -49.92
N GLN A 229 -13.35 -0.25 -49.77
CA GLN A 229 -12.17 -0.59 -49.00
C GLN A 229 -11.01 0.39 -49.06
N ILE A 230 -10.52 0.75 -47.88
CA ILE A 230 -9.40 1.65 -47.76
C ILE A 230 -8.19 0.92 -47.19
N ARG A 231 -7.03 1.16 -47.81
CA ARG A 231 -5.78 0.53 -47.41
C ARG A 231 -4.64 1.52 -47.53
N ASP A 232 -3.61 1.30 -46.73
CA ASP A 232 -2.41 2.12 -46.70
C ASP A 232 -1.40 1.36 -47.58
N TRP A 233 -1.04 1.91 -48.74
CA TRP A 233 -0.10 1.21 -49.62
C TRP A 233 1.34 1.62 -49.44
N LEU A 234 2.18 0.64 -49.11
CA LEU A 234 3.60 0.84 -48.86
C LEU A 234 4.44 0.19 -49.97
N TYR A 235 5.30 0.98 -50.61
CA TYR A 235 6.13 0.46 -51.69
C TYR A 235 7.14 -0.52 -51.08
N VAL A 236 7.22 -1.71 -51.67
CA VAL A 236 8.11 -2.74 -51.13
C VAL A 236 9.55 -2.32 -50.88
N GLU A 237 10.14 -1.56 -51.80
CA GLU A 237 11.52 -1.13 -51.61
C GLU A 237 11.64 -0.23 -50.38
N ASP A 238 10.58 0.53 -50.09
CA ASP A 238 10.57 1.40 -48.91
C ASP A 238 10.53 0.54 -47.65
N HIS A 239 9.68 -0.48 -47.67
CA HIS A 239 9.54 -1.40 -46.54
C HIS A 239 10.91 -2.04 -46.29
N ALA A 240 11.53 -2.51 -47.37
CA ALA A 240 12.83 -3.13 -47.26
C ALA A 240 13.84 -2.22 -46.54
N ARG A 241 13.88 -0.94 -46.89
CA ARG A 241 14.82 -0.04 -46.23
C ARG A 241 14.46 0.11 -44.75
N ALA A 242 13.19 0.29 -44.44
CA ALA A 242 12.78 0.43 -43.05
C ALA A 242 13.21 -0.80 -42.23
N LEU A 243 12.97 -1.98 -42.78
CA LEU A 243 13.32 -3.21 -42.07
C LEU A 243 14.81 -3.32 -41.72
N HIS A 244 15.69 -2.99 -42.68
CA HIS A 244 17.09 -3.07 -42.39
C HIS A 244 17.45 -2.04 -41.35
N MET A 245 16.83 -0.86 -41.46
CA MET A 245 17.06 0.22 -40.50
C MET A 245 16.72 -0.30 -39.10
N VAL A 246 15.54 -0.92 -38.98
CA VAL A 246 15.07 -1.45 -37.71
C VAL A 246 15.95 -2.56 -37.12
N VAL A 247 16.37 -3.51 -37.93
CA VAL A 247 17.20 -4.59 -37.40
C VAL A 247 18.57 -4.10 -36.95
N THR A 248 19.08 -3.04 -37.56
CA THR A 248 20.39 -2.52 -37.18
C THR A 248 20.33 -1.44 -36.11
N GLU A 249 19.29 -0.61 -36.12
CA GLU A 249 19.17 0.47 -35.14
C GLU A 249 18.00 0.34 -34.17
N GLY A 250 17.16 -0.66 -34.37
CA GLY A 250 16.01 -0.84 -33.49
C GLY A 250 16.36 -1.20 -32.07
N LYS A 251 15.53 -0.76 -31.13
CA LYS A 251 15.74 -1.03 -29.72
C LYS A 251 14.95 -2.29 -29.26
N ALA A 252 15.65 -3.24 -28.64
CA ALA A 252 15.03 -4.49 -28.16
C ALA A 252 13.78 -4.23 -27.32
N GLY A 253 12.73 -4.98 -27.61
CA GLY A 253 11.48 -4.83 -26.88
C GLY A 253 10.60 -3.72 -27.45
N GLU A 254 10.99 -3.17 -28.59
CA GLU A 254 10.20 -2.11 -29.19
C GLU A 254 9.34 -2.60 -30.34
N THR A 255 8.30 -1.85 -30.63
CA THR A 255 7.39 -2.14 -31.74
C THR A 255 7.37 -0.93 -32.68
N TYR A 256 7.38 -1.18 -33.99
CA TYR A 256 7.35 -0.10 -34.96
C TYR A 256 6.33 -0.32 -36.08
N ASN A 257 5.43 0.63 -36.29
CA ASN A 257 4.46 0.51 -37.37
C ASN A 257 5.12 1.10 -38.63
N ILE A 258 4.86 0.50 -39.78
CA ILE A 258 5.47 0.97 -41.02
C ILE A 258 4.40 1.10 -42.07
N GLY A 259 4.33 2.26 -42.69
CA GLY A 259 3.33 2.51 -43.71
C GLY A 259 3.82 3.50 -44.75
N GLY A 260 3.10 3.58 -45.86
CA GLY A 260 3.47 4.47 -46.93
C GLY A 260 2.93 5.89 -46.76
N HIS A 261 2.48 6.25 -45.56
CA HIS A 261 1.94 7.58 -45.28
C HIS A 261 0.82 7.97 -46.24
N ASN A 262 -0.17 7.09 -46.40
CA ASN A 262 -1.28 7.42 -47.29
C ASN A 262 -2.46 6.52 -46.99
N GLU A 263 -3.53 6.73 -47.74
CA GLU A 263 -4.75 5.98 -47.53
C GLU A 263 -5.41 6.02 -48.91
N LYS A 264 -5.92 4.89 -49.39
CA LYS A 264 -6.57 4.85 -50.71
C LYS A 264 -7.68 3.81 -50.80
N LYS A 265 -8.75 4.17 -51.52
CA LYS A 265 -9.83 3.27 -51.77
C LYS A 265 -9.42 2.42 -52.96
N ASN A 266 -9.91 1.20 -53.05
CA ASN A 266 -9.57 0.35 -54.16
C ASN A 266 -9.89 1.03 -55.50
N LEU A 267 -11.06 1.65 -55.57
CA LEU A 267 -11.47 2.33 -56.79
C LEU A 267 -10.39 3.33 -57.18
N ASP A 268 -9.80 4.01 -56.21
CA ASP A 268 -8.75 4.97 -56.53
C ASP A 268 -7.53 4.29 -57.08
N VAL A 269 -7.23 3.10 -56.57
CA VAL A 269 -6.08 2.34 -57.02
C VAL A 269 -6.29 1.96 -58.51
N VAL A 270 -7.44 1.39 -58.82
CA VAL A 270 -7.71 0.99 -60.18
C VAL A 270 -7.63 2.19 -61.11
N PHE A 271 -8.24 3.30 -60.71
CA PHE A 271 -8.22 4.48 -61.55
C PHE A 271 -6.82 5.01 -61.77
N THR A 272 -6.04 5.01 -60.70
CA THR A 272 -4.66 5.49 -60.79
C THR A 272 -3.84 4.69 -61.80
N ILE A 273 -3.99 3.37 -61.77
CA ILE A 273 -3.27 2.54 -62.71
C ILE A 273 -3.73 2.80 -64.15
N CYS A 274 -5.05 2.96 -64.34
CA CYS A 274 -5.57 3.22 -65.67
C CYS A 274 -5.03 4.54 -66.18
N ASP A 275 -4.97 5.53 -65.31
CA ASP A 275 -4.47 6.83 -65.74
C ASP A 275 -3.03 6.72 -66.24
N LEU A 276 -2.20 5.99 -65.49
CA LEU A 276 -0.80 5.82 -65.86
C LEU A 276 -0.65 5.01 -67.14
N LEU A 277 -1.43 3.94 -67.27
CA LEU A 277 -1.36 3.13 -68.48
C LEU A 277 -1.86 3.92 -69.68
N ASP A 278 -2.63 4.98 -69.42
CA ASP A 278 -3.12 5.81 -70.52
C ASP A 278 -2.01 6.75 -70.94
N GLU A 279 -1.22 7.18 -69.95
CA GLU A 279 -0.09 8.07 -70.20
C GLU A 279 1.03 7.33 -70.93
N ILE A 280 1.46 6.22 -70.34
CA ILE A 280 2.49 5.33 -70.90
C ILE A 280 1.65 4.31 -71.69
N VAL A 281 2.18 3.68 -72.72
CA VAL A 281 1.35 2.70 -73.44
C VAL A 281 -0.06 3.27 -73.72
N PRO A 282 -0.15 4.56 -74.13
CA PRO A 282 -1.42 5.24 -74.44
C PRO A 282 -2.23 4.46 -75.45
N LYS A 283 -3.54 4.61 -75.35
CA LYS A 283 -4.44 3.90 -76.24
C LYS A 283 -5.55 4.89 -76.59
N ALA A 284 -5.99 4.90 -77.83
CA ALA A 284 -7.06 5.80 -78.26
C ALA A 284 -8.13 5.83 -77.15
N THR A 285 -8.71 4.67 -76.88
CA THR A 285 -9.71 4.49 -75.83
C THR A 285 -8.95 4.64 -74.48
N SER A 286 -9.66 4.90 -73.39
CA SER A 286 -8.99 4.99 -72.10
C SER A 286 -9.08 3.64 -71.40
N TYR A 287 -8.12 3.35 -70.53
CA TYR A 287 -8.14 2.08 -69.85
C TYR A 287 -9.25 1.95 -68.81
N ARG A 288 -9.95 3.04 -68.49
CA ARG A 288 -11.05 2.96 -67.51
C ARG A 288 -12.23 2.27 -68.14
N GLU A 289 -12.39 2.51 -69.44
CA GLU A 289 -13.45 1.90 -70.23
C GLU A 289 -13.57 0.44 -69.83
N GLN A 290 -12.42 -0.12 -69.45
CA GLN A 290 -12.34 -1.52 -69.06
C GLN A 290 -12.88 -1.80 -67.66
N ILE A 291 -13.05 -0.77 -66.84
CA ILE A 291 -13.54 -0.96 -65.49
C ILE A 291 -14.96 -1.44 -65.47
N THR A 292 -15.25 -2.42 -64.61
CA THR A 292 -16.58 -2.98 -64.50
C THR A 292 -16.88 -3.27 -63.03
N TYR A 293 -18.14 -3.54 -62.70
CA TYR A 293 -18.54 -3.86 -61.32
C TYR A 293 -19.11 -5.26 -61.14
N VAL A 294 -18.60 -5.97 -60.15
CA VAL A 294 -19.06 -7.33 -59.85
C VAL A 294 -19.73 -7.31 -58.46
N ALA A 295 -19.57 -8.37 -57.69
CA ALA A 295 -20.14 -8.42 -56.34
C ALA A 295 -18.96 -8.29 -55.37
N ASP A 296 -19.21 -8.29 -54.05
CA ASP A 296 -18.07 -8.18 -53.15
C ASP A 296 -18.13 -9.10 -51.94
N ARG A 297 -16.95 -9.42 -51.42
CA ARG A 297 -16.84 -10.30 -50.26
C ARG A 297 -17.48 -9.74 -48.98
N PRO A 298 -18.18 -10.63 -48.28
CA PRO A 298 -18.88 -10.35 -47.01
C PRO A 298 -18.01 -9.72 -45.91
N GLY A 299 -18.63 -9.13 -44.89
CA GLY A 299 -17.95 -8.56 -43.73
C GLY A 299 -16.39 -8.51 -43.75
N HIS A 300 -15.85 -7.64 -44.61
CA HIS A 300 -14.42 -7.45 -44.74
C HIS A 300 -14.08 -6.14 -44.06
N ASP A 301 -12.86 -6.05 -43.57
CA ASP A 301 -12.44 -4.84 -42.90
C ASP A 301 -12.49 -3.71 -43.89
N ARG A 302 -13.12 -2.63 -43.47
CA ARG A 302 -13.34 -1.45 -44.33
C ARG A 302 -12.19 -0.46 -44.46
N ARG A 303 -11.35 -0.32 -43.44
CA ARG A 303 -10.27 0.65 -43.51
C ARG A 303 -9.05 0.34 -42.67
N TYR A 304 -7.87 0.34 -43.29
CA TYR A 304 -6.61 0.13 -42.59
C TYR A 304 -5.85 1.41 -42.91
N ALA A 305 -5.20 1.99 -41.91
CA ALA A 305 -4.40 3.19 -42.13
C ALA A 305 -3.39 3.20 -40.99
N ILE A 306 -2.13 3.44 -41.32
CA ILE A 306 -1.10 3.40 -40.31
C ILE A 306 -0.48 4.73 -39.96
N ASP A 307 -0.23 4.91 -38.67
CA ASP A 307 0.42 6.09 -38.16
C ASP A 307 1.85 5.62 -37.98
N ALA A 308 2.74 6.05 -38.87
CA ALA A 308 4.14 5.66 -38.81
C ALA A 308 5.01 6.74 -38.16
N GLY A 309 4.40 7.50 -37.26
CA GLY A 309 5.12 8.56 -36.58
C GLY A 309 6.24 8.11 -35.67
N LYS A 310 5.98 7.09 -34.88
CA LYS A 310 6.99 6.61 -33.95
C LYS A 310 8.30 6.22 -34.64
N ILE A 311 8.23 5.47 -35.72
CA ILE A 311 9.47 5.07 -36.39
C ILE A 311 10.18 6.28 -36.99
N SER A 312 9.39 7.29 -37.37
CA SER A 312 9.94 8.52 -37.94
C SER A 312 10.69 9.28 -36.85
N ARG A 313 9.98 9.53 -35.75
CA ARG A 313 10.52 10.23 -34.60
C ARG A 313 11.74 9.55 -34.01
N GLU A 314 11.65 8.24 -33.79
CA GLU A 314 12.73 7.51 -33.17
C GLU A 314 13.85 6.96 -34.05
N LEU A 315 13.57 6.58 -35.29
CA LEU A 315 14.64 6.04 -36.15
C LEU A 315 14.85 6.89 -37.38
N GLY A 316 13.98 7.89 -37.57
CA GLY A 316 14.09 8.76 -38.70
C GLY A 316 13.81 8.13 -40.05
N TRP A 317 12.81 7.26 -40.12
CA TRP A 317 12.45 6.63 -41.38
C TRP A 317 11.16 7.21 -41.94
N LYS A 318 11.17 7.44 -43.25
CA LYS A 318 10.01 7.95 -43.97
C LYS A 318 10.08 7.35 -45.36
N PRO A 319 8.92 7.11 -45.98
CA PRO A 319 8.90 6.53 -47.32
C PRO A 319 9.49 7.52 -48.32
N LEU A 320 10.29 7.01 -49.26
CA LEU A 320 10.86 7.87 -50.28
C LEU A 320 9.82 8.06 -51.37
N GLU A 321 8.99 7.04 -51.57
CA GLU A 321 7.95 7.11 -52.60
C GLU A 321 6.61 7.62 -52.08
N THR A 322 5.77 8.03 -52.99
CA THR A 322 4.41 8.44 -52.73
C THR A 322 3.61 7.40 -53.47
N PHE A 323 2.32 7.28 -53.18
CA PHE A 323 1.55 6.29 -53.90
C PHE A 323 1.65 6.51 -55.41
N GLU A 324 1.70 7.77 -55.81
CA GLU A 324 1.79 8.12 -57.22
C GLU A 324 3.10 7.71 -57.87
N SER A 325 4.23 8.11 -57.29
CA SER A 325 5.53 7.75 -57.85
C SER A 325 5.75 6.25 -57.80
N GLY A 326 5.28 5.62 -56.73
CA GLY A 326 5.43 4.18 -56.59
C GLY A 326 4.61 3.35 -57.56
N ILE A 327 3.38 3.76 -57.84
CA ILE A 327 2.54 3.02 -58.77
C ILE A 327 3.13 3.12 -60.16
N ARG A 328 3.73 4.27 -60.45
CA ARG A 328 4.36 4.49 -61.74
C ARG A 328 5.53 3.49 -61.91
N LYS A 329 6.39 3.38 -60.89
CA LYS A 329 7.49 2.46 -60.98
C LYS A 329 7.02 1.02 -61.13
N THR A 330 5.91 0.69 -60.48
CA THR A 330 5.35 -0.65 -60.54
C THR A 330 4.87 -0.97 -61.94
N VAL A 331 4.11 -0.06 -62.54
CA VAL A 331 3.62 -0.30 -63.89
C VAL A 331 4.80 -0.50 -64.82
N GLU A 332 5.79 0.38 -64.72
CA GLU A 332 6.96 0.27 -65.58
C GLU A 332 7.66 -1.06 -65.37
N TRP A 333 7.68 -1.57 -64.13
CA TRP A 333 8.33 -2.84 -63.87
C TRP A 333 7.65 -4.00 -64.57
N TYR A 334 6.33 -4.09 -64.45
CA TYR A 334 5.61 -5.16 -65.13
C TYR A 334 5.79 -5.12 -66.62
N LEU A 335 5.71 -3.92 -67.20
CA LEU A 335 5.88 -3.76 -68.65
C LEU A 335 7.25 -4.24 -69.07
N ALA A 336 8.22 -4.13 -68.16
CA ALA A 336 9.59 -4.53 -68.47
C ALA A 336 9.98 -5.92 -68.01
N ASN A 337 9.06 -6.68 -67.43
CA ASN A 337 9.41 -8.01 -66.93
C ASN A 337 8.44 -9.11 -67.28
N THR A 338 8.08 -9.16 -68.56
CA THR A 338 7.16 -10.15 -69.08
C THR A 338 7.67 -11.56 -68.79
N GLN A 339 8.97 -11.73 -68.94
CA GLN A 339 9.60 -13.05 -68.71
C GLN A 339 9.34 -13.58 -67.31
N TRP A 340 9.61 -12.76 -66.31
CA TRP A 340 9.39 -13.15 -64.92
C TRP A 340 7.94 -13.54 -64.73
N VAL A 341 7.04 -12.70 -65.24
CA VAL A 341 5.61 -12.93 -65.12
C VAL A 341 5.20 -14.24 -65.75
N ASN A 342 5.70 -14.49 -66.94
CA ASN A 342 5.34 -15.71 -67.65
C ASN A 342 5.88 -16.97 -66.99
N ASN A 343 7.05 -16.88 -66.36
CA ASN A 343 7.62 -18.02 -65.69
C ASN A 343 6.81 -18.38 -64.45
N VAL A 344 6.17 -17.38 -63.87
CA VAL A 344 5.33 -17.60 -62.70
C VAL A 344 4.03 -18.20 -63.18
N LYS A 345 3.44 -17.59 -64.21
CA LYS A 345 2.18 -18.08 -64.76
C LYS A 345 2.27 -19.52 -65.29
N SER A 346 3.40 -19.88 -65.87
CA SER A 346 3.59 -21.24 -66.41
C SER A 346 3.99 -22.28 -65.36
N GLY A 347 4.58 -21.84 -64.26
CA GLY A 347 5.01 -22.76 -63.24
C GLY A 347 6.49 -23.00 -63.34
N ALA A 348 7.06 -22.61 -64.47
CA ALA A 348 8.48 -22.79 -64.72
C ALA A 348 9.37 -22.27 -63.60
N TYR A 349 8.91 -21.25 -62.87
CA TYR A 349 9.74 -20.71 -61.80
C TYR A 349 10.07 -21.73 -60.71
N GLN A 350 9.25 -22.78 -60.59
CA GLN A 350 9.48 -23.79 -59.57
C GLN A 350 10.49 -24.85 -59.96
N SER A 351 11.43 -24.50 -60.84
CA SER A 351 12.47 -25.43 -61.26
C SER A 351 13.83 -24.87 -60.87
N TRP A 352 13.79 -23.89 -59.95
CA TRP A 352 14.98 -23.22 -59.45
C TRP A 352 15.46 -22.08 -60.39
N MET B 1 -31.00 -28.79 -22.46
CA MET B 1 -29.93 -28.37 -23.42
C MET B 1 -28.74 -29.29 -23.23
N LYS B 2 -28.14 -29.77 -24.31
CA LYS B 2 -26.96 -30.62 -24.12
C LYS B 2 -25.71 -29.78 -24.35
N ILE B 3 -24.83 -29.79 -23.35
CA ILE B 3 -23.60 -29.02 -23.42
C ILE B 3 -22.38 -29.93 -23.56
N LEU B 4 -21.60 -29.71 -24.61
CA LEU B 4 -20.38 -30.48 -24.84
C LEU B 4 -19.28 -29.65 -24.15
N ILE B 5 -18.59 -30.27 -23.20
CA ILE B 5 -17.55 -29.59 -22.41
C ILE B 5 -16.22 -30.26 -22.56
N THR B 6 -15.16 -29.48 -22.83
CA THR B 6 -13.81 -30.04 -22.97
C THR B 6 -13.10 -29.67 -21.68
N GLY B 7 -12.16 -30.50 -21.24
CA GLY B 7 -11.45 -30.24 -20.00
C GLY B 7 -12.32 -30.46 -18.76
N GLY B 8 -13.38 -31.25 -18.89
CA GLY B 8 -14.28 -31.50 -17.77
C GLY B 8 -13.70 -32.19 -16.54
N ALA B 9 -12.60 -32.91 -16.67
CA ALA B 9 -12.03 -33.56 -15.50
C ALA B 9 -10.98 -32.67 -14.82
N GLY B 10 -10.92 -31.42 -15.27
CA GLY B 10 -9.96 -30.48 -14.72
C GLY B 10 -10.46 -29.75 -13.47
N PHE B 11 -9.61 -28.90 -12.94
CA PHE B 11 -9.95 -28.15 -11.74
C PHE B 11 -11.26 -27.38 -11.93
N ILE B 12 -11.26 -26.41 -12.85
CA ILE B 12 -12.46 -25.62 -13.09
C ILE B 12 -13.52 -26.46 -13.79
N GLY B 13 -13.09 -27.23 -14.79
CA GLY B 13 -14.00 -28.05 -15.53
C GLY B 13 -14.85 -28.93 -14.63
N SER B 14 -14.24 -29.57 -13.65
CA SER B 14 -15.02 -30.45 -12.78
C SER B 14 -16.07 -29.63 -12.02
N ALA B 15 -15.75 -28.41 -11.66
CA ALA B 15 -16.73 -27.60 -10.94
C ALA B 15 -17.93 -27.25 -11.85
N VAL B 16 -17.64 -27.06 -13.13
CA VAL B 16 -18.66 -26.73 -14.11
C VAL B 16 -19.59 -27.92 -14.26
N VAL B 17 -18.98 -29.10 -14.45
CA VAL B 17 -19.76 -30.32 -14.63
C VAL B 17 -20.63 -30.61 -13.40
N ARG B 18 -20.04 -30.59 -12.21
CA ARG B 18 -20.77 -30.84 -10.98
C ARG B 18 -21.94 -29.87 -10.83
N HIS B 19 -21.73 -28.63 -11.23
CA HIS B 19 -22.77 -27.63 -11.12
C HIS B 19 -23.96 -27.90 -12.03
N ILE B 20 -23.67 -28.25 -13.28
CA ILE B 20 -24.72 -28.53 -14.23
C ILE B 20 -25.55 -29.76 -13.82
N ILE B 21 -24.89 -30.78 -13.30
CA ILE B 21 -25.60 -31.98 -12.90
C ILE B 21 -26.37 -31.80 -11.60
N LYS B 22 -25.81 -31.05 -10.66
CA LYS B 22 -26.44 -30.86 -9.37
C LYS B 22 -27.49 -29.76 -9.36
N ASN B 23 -27.32 -28.73 -10.18
CA ASN B 23 -28.25 -27.63 -10.10
C ASN B 23 -28.95 -27.17 -11.37
N THR B 24 -28.88 -27.96 -12.42
CA THR B 24 -29.56 -27.52 -13.63
C THR B 24 -30.33 -28.65 -14.29
N GLN B 25 -31.05 -28.31 -15.35
CA GLN B 25 -31.83 -29.29 -16.10
C GLN B 25 -31.04 -29.83 -17.28
N ASP B 26 -29.90 -29.18 -17.56
CA ASP B 26 -29.06 -29.55 -18.69
C ASP B 26 -28.29 -30.87 -18.52
N THR B 27 -27.84 -31.41 -19.64
CA THR B 27 -27.06 -32.65 -19.67
C THR B 27 -25.67 -32.33 -20.22
N VAL B 28 -24.69 -33.17 -19.93
CA VAL B 28 -23.35 -32.90 -20.41
C VAL B 28 -22.56 -34.09 -20.92
N VAL B 29 -21.79 -33.86 -21.97
CA VAL B 29 -20.89 -34.86 -22.52
C VAL B 29 -19.51 -34.22 -22.28
N ASN B 30 -18.70 -34.88 -21.48
CA ASN B 30 -17.40 -34.37 -21.11
C ASN B 30 -16.27 -35.01 -21.88
N ILE B 31 -15.55 -34.17 -22.65
CA ILE B 31 -14.43 -34.63 -23.46
C ILE B 31 -13.13 -34.26 -22.75
N ASP B 32 -12.34 -35.26 -22.35
CA ASP B 32 -11.10 -35.00 -21.63
C ASP B 32 -10.07 -36.08 -21.92
N LYS B 33 -8.84 -35.71 -22.24
CA LYS B 33 -7.84 -36.74 -22.55
C LYS B 33 -7.14 -37.26 -21.31
N LEU B 34 -7.48 -36.69 -20.16
CA LEU B 34 -6.89 -37.10 -18.90
C LEU B 34 -5.37 -37.02 -18.84
N THR B 35 -4.82 -35.81 -18.88
CA THR B 35 -3.40 -35.65 -18.70
C THR B 35 -3.13 -35.69 -17.21
N TYR B 36 -1.92 -35.44 -16.80
CA TYR B 36 -1.59 -35.44 -15.39
C TYR B 36 -2.57 -34.51 -14.63
N ALA B 37 -3.15 -33.54 -15.35
CA ALA B 37 -4.06 -32.58 -14.72
C ALA B 37 -5.50 -33.06 -14.51
N GLY B 38 -5.93 -34.08 -15.25
CA GLY B 38 -7.29 -34.55 -15.09
C GLY B 38 -7.44 -35.49 -13.92
N ASN B 39 -8.60 -35.47 -13.29
CA ASN B 39 -8.85 -36.35 -12.16
C ASN B 39 -10.32 -36.82 -12.13
N LEU B 40 -10.58 -38.06 -12.52
CA LEU B 40 -11.94 -38.58 -12.54
C LEU B 40 -12.56 -38.63 -11.13
N GLU B 41 -11.70 -38.65 -10.12
CA GLU B 41 -12.19 -38.67 -8.76
C GLU B 41 -12.90 -37.36 -8.41
N SER B 42 -12.52 -36.28 -9.08
CA SER B 42 -13.14 -34.98 -8.83
C SER B 42 -14.57 -34.94 -9.39
N LEU B 43 -14.94 -35.98 -10.12
CA LEU B 43 -16.27 -36.05 -10.71
C LEU B 43 -17.04 -37.22 -10.11
N SER B 44 -16.40 -37.95 -9.20
CA SER B 44 -16.97 -39.14 -8.59
C SER B 44 -18.44 -39.10 -8.12
N ASP B 45 -18.88 -38.01 -7.51
CA ASP B 45 -20.26 -38.02 -7.05
C ASP B 45 -21.20 -37.43 -8.08
N ILE B 46 -20.86 -37.60 -9.35
CA ILE B 46 -21.67 -37.09 -10.44
C ILE B 46 -21.61 -38.01 -11.65
N SER B 47 -20.56 -38.83 -11.73
CA SER B 47 -20.34 -39.72 -12.86
C SER B 47 -21.35 -40.82 -13.13
N GLU B 48 -22.28 -41.04 -12.21
CA GLU B 48 -23.28 -42.07 -12.42
C GLU B 48 -24.58 -41.51 -13.00
N SER B 49 -24.72 -40.20 -13.01
CA SER B 49 -25.91 -39.59 -13.55
C SER B 49 -26.11 -39.95 -15.03
N ASN B 50 -27.37 -40.18 -15.40
CA ASN B 50 -27.71 -40.51 -16.78
C ASN B 50 -27.61 -39.25 -17.62
N ARG B 51 -27.49 -38.11 -16.96
CA ARG B 51 -27.37 -36.85 -17.69
C ARG B 51 -25.92 -36.49 -17.96
N TYR B 52 -25.01 -37.38 -17.56
CA TYR B 52 -23.58 -37.18 -17.76
C TYR B 52 -22.96 -38.28 -18.59
N ASN B 53 -22.11 -37.90 -19.55
CA ASN B 53 -21.43 -38.85 -20.40
C ASN B 53 -19.96 -38.46 -20.52
N PHE B 54 -19.07 -39.46 -20.45
CA PHE B 54 -17.65 -39.16 -20.54
C PHE B 54 -17.00 -39.74 -21.80
N GLU B 55 -16.21 -38.93 -22.49
CA GLU B 55 -15.51 -39.38 -23.69
C GLU B 55 -14.04 -39.07 -23.53
N HIS B 56 -13.25 -40.13 -23.43
CA HIS B 56 -11.82 -40.06 -23.30
C HIS B 56 -11.14 -39.75 -24.63
N ALA B 57 -10.95 -38.47 -24.92
CA ALA B 57 -10.35 -38.08 -26.20
C ALA B 57 -9.48 -36.81 -26.11
N ASP B 58 -8.67 -36.60 -27.14
CA ASP B 58 -7.79 -35.43 -27.25
C ASP B 58 -8.48 -34.46 -28.24
N ILE B 59 -8.61 -33.19 -27.87
CA ILE B 59 -9.25 -32.23 -28.77
C ILE B 59 -8.51 -32.06 -30.10
N CYS B 60 -7.27 -32.55 -30.17
CA CYS B 60 -6.52 -32.44 -31.41
C CYS B 60 -6.93 -33.53 -32.42
N ASP B 61 -7.58 -34.58 -31.91
CA ASP B 61 -8.03 -35.71 -32.72
C ASP B 61 -9.35 -35.37 -33.42
N SER B 62 -9.27 -34.72 -34.59
CA SER B 62 -10.45 -34.31 -35.34
C SER B 62 -11.45 -35.40 -35.65
N ALA B 63 -10.95 -36.55 -36.09
CA ALA B 63 -11.81 -37.66 -36.44
C ALA B 63 -12.69 -37.99 -35.25
N GLU B 64 -12.04 -38.27 -34.13
CA GLU B 64 -12.76 -38.61 -32.92
C GLU B 64 -13.72 -37.50 -32.48
N ILE B 65 -13.25 -36.26 -32.44
CA ILE B 65 -14.11 -35.14 -32.03
C ILE B 65 -15.31 -35.00 -32.97
N THR B 66 -15.08 -35.18 -34.27
CA THR B 66 -16.15 -35.09 -35.25
C THR B 66 -17.21 -36.14 -34.93
N ARG B 67 -16.75 -37.36 -34.62
CA ARG B 67 -17.66 -38.45 -34.29
C ARG B 67 -18.52 -38.06 -33.10
N ILE B 68 -17.87 -37.59 -32.03
CA ILE B 68 -18.58 -37.20 -30.81
C ILE B 68 -19.64 -36.13 -31.06
N PHE B 69 -19.32 -35.13 -31.86
CA PHE B 69 -20.29 -34.06 -32.17
C PHE B 69 -21.51 -34.65 -32.90
N GLU B 70 -21.23 -35.48 -33.90
CA GLU B 70 -22.29 -36.09 -34.70
C GLU B 70 -23.17 -36.96 -33.81
N GLN B 71 -22.54 -37.70 -32.90
CA GLN B 71 -23.29 -38.55 -32.00
C GLN B 71 -24.10 -37.83 -30.94
N TYR B 72 -23.55 -36.79 -30.32
CA TYR B 72 -24.29 -36.10 -29.27
C TYR B 72 -25.10 -34.88 -29.66
N GLN B 73 -24.91 -34.40 -30.88
CA GLN B 73 -25.66 -33.22 -31.35
C GLN B 73 -25.80 -32.20 -30.21
N PRO B 74 -24.68 -31.59 -29.81
CA PRO B 74 -24.60 -30.59 -28.75
C PRO B 74 -25.38 -29.33 -29.07
N ASP B 75 -25.94 -28.68 -28.05
CA ASP B 75 -26.65 -27.43 -28.29
C ASP B 75 -25.67 -26.29 -28.05
N ALA B 76 -24.59 -26.61 -27.36
CA ALA B 76 -23.56 -25.63 -27.06
C ALA B 76 -22.24 -26.30 -26.64
N VAL B 77 -21.15 -25.53 -26.74
CA VAL B 77 -19.82 -25.99 -26.39
C VAL B 77 -19.19 -25.07 -25.38
N MET B 78 -18.53 -25.66 -24.39
CA MET B 78 -17.81 -24.90 -23.36
C MET B 78 -16.42 -25.48 -23.43
N HIS B 79 -15.48 -24.65 -23.91
CA HIS B 79 -14.10 -25.09 -24.10
C HIS B 79 -13.14 -24.69 -22.96
N LEU B 80 -12.81 -25.67 -22.12
CA LEU B 80 -11.92 -25.42 -21.00
C LEU B 80 -10.60 -26.21 -21.09
N ALA B 81 -10.55 -27.20 -21.96
CA ALA B 81 -9.31 -27.98 -22.06
C ALA B 81 -8.17 -27.06 -22.45
N ALA B 82 -7.08 -27.16 -21.69
CA ALA B 82 -5.89 -26.37 -21.94
C ALA B 82 -4.73 -26.96 -21.15
N GLU B 83 -3.52 -26.71 -21.62
CA GLU B 83 -2.30 -27.20 -20.99
C GLU B 83 -1.68 -25.98 -20.33
N SER B 84 -1.49 -26.04 -19.02
CA SER B 84 -0.90 -24.91 -18.33
C SER B 84 0.57 -25.13 -17.99
N HIS B 85 1.09 -26.30 -18.30
CA HIS B 85 2.50 -26.59 -18.04
C HIS B 85 3.33 -26.26 -19.28
N VAL B 86 4.31 -25.39 -19.13
CA VAL B 86 5.14 -25.04 -20.27
C VAL B 86 6.34 -25.95 -20.34
N ASP B 87 6.27 -26.85 -21.33
CA ASP B 87 7.26 -27.88 -21.60
C ASP B 87 8.10 -27.57 -22.83
N ARG B 88 9.09 -28.43 -23.10
CA ARG B 88 10.00 -28.31 -24.26
C ARG B 88 10.25 -29.63 -25.00
N SER B 89 9.27 -30.07 -25.79
CA SER B 89 9.40 -31.32 -26.54
C SER B 89 10.68 -31.39 -27.38
N ILE B 90 11.29 -32.57 -27.42
CA ILE B 90 12.51 -32.78 -28.19
C ILE B 90 12.17 -32.80 -29.69
N THR B 91 11.49 -33.87 -30.09
CA THR B 91 11.07 -34.06 -31.47
C THR B 91 10.46 -32.80 -32.01
N GLY B 92 9.23 -32.60 -31.60
CA GLY B 92 8.47 -31.49 -32.07
C GLY B 92 7.77 -30.56 -31.09
N PRO B 93 6.43 -30.79 -30.97
CA PRO B 93 5.50 -29.94 -30.16
C PRO B 93 5.76 -29.74 -28.72
N ALA B 94 5.45 -28.57 -28.28
CA ALA B 94 5.43 -28.42 -26.85
C ALA B 94 3.96 -28.60 -26.60
N ALA B 95 3.58 -29.45 -25.67
CA ALA B 95 2.18 -29.71 -25.44
C ALA B 95 1.31 -28.45 -25.36
N PHE B 96 1.82 -27.39 -24.72
CA PHE B 96 0.97 -26.21 -24.61
C PHE B 96 0.63 -25.56 -25.96
N ILE B 97 1.56 -25.61 -26.91
CA ILE B 97 1.25 -25.03 -28.23
C ILE B 97 0.21 -25.95 -28.90
N GLU B 98 0.45 -27.26 -28.85
CA GLU B 98 -0.43 -28.23 -29.46
C GLU B 98 -1.86 -28.17 -28.94
N THR B 99 -1.99 -28.21 -27.62
CA THR B 99 -3.30 -28.20 -27.00
C THR B 99 -4.02 -26.87 -27.01
N ASN B 100 -3.33 -25.83 -26.59
CA ASN B 100 -3.95 -24.51 -26.49
C ASN B 100 -4.23 -23.83 -27.83
N ILE B 101 -3.32 -23.96 -28.78
CA ILE B 101 -3.51 -23.30 -30.06
C ILE B 101 -4.04 -24.23 -31.12
N VAL B 102 -3.26 -25.24 -31.51
CA VAL B 102 -3.72 -26.17 -32.53
C VAL B 102 -5.04 -26.83 -32.10
N GLY B 103 -5.13 -27.19 -30.82
CA GLY B 103 -6.33 -27.83 -30.31
C GLY B 103 -7.53 -26.90 -30.45
N THR B 104 -7.36 -25.62 -30.16
CA THR B 104 -8.49 -24.71 -30.29
C THR B 104 -8.89 -24.57 -31.75
N TYR B 105 -7.89 -24.56 -32.63
CA TYR B 105 -8.14 -24.45 -34.06
C TYR B 105 -8.89 -25.69 -34.51
N ALA B 106 -8.42 -26.85 -34.06
CA ALA B 106 -9.05 -28.11 -34.43
C ALA B 106 -10.50 -28.14 -33.99
N LEU B 107 -10.73 -27.78 -32.74
CA LEU B 107 -12.07 -27.77 -32.20
C LEU B 107 -12.96 -26.77 -32.96
N LEU B 108 -12.42 -25.60 -33.28
CA LEU B 108 -13.19 -24.60 -34.00
C LEU B 108 -13.66 -25.09 -35.36
N GLU B 109 -12.79 -25.83 -36.06
CA GLU B 109 -13.16 -26.34 -37.37
C GLU B 109 -14.25 -27.41 -37.25
N VAL B 110 -14.18 -28.27 -36.25
CA VAL B 110 -15.20 -29.29 -36.11
C VAL B 110 -16.51 -28.58 -35.80
N ALA B 111 -16.46 -27.64 -34.87
CA ALA B 111 -17.67 -26.94 -34.49
C ALA B 111 -18.25 -26.11 -35.64
N ARG B 112 -17.42 -25.64 -36.55
CA ARG B 112 -17.95 -24.85 -37.65
C ARG B 112 -18.76 -25.70 -38.61
N LYS B 113 -18.23 -26.86 -38.99
CA LYS B 113 -18.92 -27.77 -39.91
C LYS B 113 -20.21 -28.24 -39.28
N TYR B 114 -20.15 -28.54 -37.98
CA TYR B 114 -21.31 -28.99 -37.25
C TYR B 114 -22.38 -27.90 -37.24
N TRP B 115 -21.97 -26.71 -36.85
CA TRP B 115 -22.88 -25.59 -36.78
C TRP B 115 -23.54 -25.27 -38.11
N SER B 116 -22.76 -25.21 -39.18
CA SER B 116 -23.35 -24.85 -40.46
C SER B 116 -24.30 -25.91 -41.05
N ALA B 117 -24.20 -27.12 -40.54
CA ALA B 117 -25.05 -28.20 -41.01
C ALA B 117 -26.30 -28.38 -40.14
N LEU B 118 -26.57 -27.38 -39.31
CA LEU B 118 -27.72 -27.42 -38.42
C LEU B 118 -28.91 -26.73 -39.08
N GLY B 119 -30.09 -26.93 -38.49
CA GLY B 119 -31.28 -26.30 -39.01
C GLY B 119 -31.52 -24.93 -38.38
N GLU B 120 -31.94 -23.98 -39.20
CA GLU B 120 -32.23 -22.61 -38.77
C GLU B 120 -32.43 -22.38 -37.27
N ASP B 121 -33.31 -23.15 -36.64
CA ASP B 121 -33.56 -22.96 -35.22
C ASP B 121 -32.36 -23.28 -34.35
N LYS B 122 -31.98 -24.55 -34.34
CA LYS B 122 -30.87 -25.00 -33.53
C LYS B 122 -29.57 -24.27 -33.88
N LYS B 123 -29.49 -23.80 -35.12
CA LYS B 123 -28.31 -23.10 -35.58
C LYS B 123 -28.20 -21.69 -35.03
N ASN B 124 -29.35 -21.06 -34.76
CA ASN B 124 -29.35 -19.70 -34.23
C ASN B 124 -29.19 -19.70 -32.71
N ASN B 125 -29.39 -20.85 -32.07
CA ASN B 125 -29.25 -20.94 -30.63
C ASN B 125 -27.92 -21.52 -30.18
N PHE B 126 -27.20 -22.12 -31.13
CA PHE B 126 -25.91 -22.73 -30.84
C PHE B 126 -24.93 -21.68 -30.32
N ARG B 127 -24.01 -22.12 -29.46
CA ARG B 127 -23.02 -21.22 -28.86
C ARG B 127 -21.71 -21.96 -28.62
N PHE B 128 -20.60 -21.32 -28.97
CA PHE B 128 -19.26 -21.87 -28.73
C PHE B 128 -18.65 -20.92 -27.72
N HIS B 129 -18.65 -21.33 -26.45
CA HIS B 129 -18.13 -20.53 -25.35
C HIS B 129 -16.71 -20.95 -25.02
N HIS B 130 -15.79 -20.01 -25.18
CA HIS B 130 -14.37 -20.21 -24.95
C HIS B 130 -13.93 -19.67 -23.59
N ILE B 131 -13.33 -20.51 -22.77
CA ILE B 131 -12.90 -20.07 -21.44
C ILE B 131 -11.44 -19.62 -21.43
N SER B 132 -11.20 -18.38 -21.01
CA SER B 132 -9.82 -17.90 -21.00
C SER B 132 -9.38 -17.19 -19.73
N THR B 133 -8.13 -16.73 -19.73
CA THR B 133 -7.53 -16.08 -18.57
C THR B 133 -7.31 -14.58 -18.68
N ASP B 134 -7.24 -13.93 -17.52
CA ASP B 134 -7.02 -12.49 -17.49
C ASP B 134 -5.57 -12.18 -17.85
N GLU B 135 -4.73 -13.21 -17.88
CA GLU B 135 -3.33 -13.02 -18.21
C GLU B 135 -3.10 -12.47 -19.60
N VAL B 136 -4.06 -12.66 -20.50
CA VAL B 136 -3.89 -12.16 -21.86
C VAL B 136 -3.71 -10.65 -21.91
N TYR B 137 -4.22 -9.95 -20.88
CA TYR B 137 -4.15 -8.50 -20.81
C TYR B 137 -2.79 -7.91 -20.42
N GLY B 138 -1.84 -8.75 -20.04
CA GLY B 138 -0.54 -8.23 -19.65
C GLY B 138 -0.47 -7.90 -18.16
N ASP B 139 0.10 -6.75 -17.79
CA ASP B 139 0.22 -6.38 -16.40
C ASP B 139 -0.45 -5.03 -16.12
N LEU B 140 -0.74 -4.76 -14.85
CA LEU B 140 -1.32 -3.48 -14.45
C LEU B 140 -0.35 -2.69 -13.58
N PRO B 141 -0.49 -1.33 -13.47
CA PRO B 141 0.31 -0.59 -12.46
C PRO B 141 0.13 -1.14 -11.07
N HIS B 142 1.24 -1.21 -10.34
CA HIS B 142 1.23 -1.72 -8.98
C HIS B 142 0.99 -0.60 -8.00
N PRO B 143 0.43 -0.92 -6.82
CA PRO B 143 0.14 0.18 -5.84
C PRO B 143 1.29 1.07 -5.50
N ASP B 144 2.49 0.49 -5.54
CA ASP B 144 3.69 1.22 -5.15
C ASP B 144 4.42 1.88 -6.33
N GLU B 145 3.71 2.11 -7.43
CA GLU B 145 4.28 2.76 -8.60
C GLU B 145 3.44 4.00 -8.80
N VAL B 146 2.19 3.89 -8.40
CA VAL B 146 1.26 4.97 -8.44
C VAL B 146 1.32 5.50 -7.03
N GLU B 147 1.53 6.79 -6.84
CA GLU B 147 1.63 7.29 -5.50
C GLU B 147 0.27 7.66 -4.91
N ASN B 148 0.21 7.61 -3.58
CA ASN B 148 -0.93 7.87 -2.72
C ASN B 148 -2.28 8.21 -3.42
N SER B 149 -3.32 7.51 -2.98
CA SER B 149 -4.74 7.62 -3.37
C SER B 149 -5.05 8.03 -4.81
N VAL B 150 -4.42 7.35 -5.76
CA VAL B 150 -4.74 7.54 -7.17
C VAL B 150 -5.46 6.26 -7.58
N THR B 151 -6.70 6.35 -8.07
CA THR B 151 -7.44 5.16 -8.46
C THR B 151 -6.75 4.33 -9.53
N LEU B 152 -6.35 3.11 -9.16
CA LEU B 152 -5.65 2.18 -10.03
C LEU B 152 -6.52 1.59 -11.13
N PRO B 153 -5.90 1.33 -12.29
CA PRO B 153 -6.58 0.75 -13.47
C PRO B 153 -6.99 -0.70 -13.25
N LEU B 154 -8.02 -1.13 -13.98
CA LEU B 154 -8.51 -2.49 -13.90
C LEU B 154 -8.59 -3.09 -15.30
N PHE B 155 -8.64 -4.43 -15.38
CA PHE B 155 -8.74 -5.13 -16.66
C PHE B 155 -10.19 -5.07 -17.09
N THR B 156 -10.46 -4.55 -18.29
CA THR B 156 -11.84 -4.52 -18.79
C THR B 156 -11.85 -5.25 -20.11
N GLU B 157 -13.03 -5.50 -20.65
CA GLU B 157 -13.11 -6.20 -21.91
C GLU B 157 -12.44 -5.48 -23.07
N THR B 158 -12.08 -4.21 -22.91
CA THR B 158 -11.44 -3.52 -24.02
C THR B 158 -9.98 -3.22 -23.75
N THR B 159 -9.43 -3.82 -22.71
CA THR B 159 -8.01 -3.63 -22.41
C THR B 159 -7.23 -4.36 -23.51
N ALA B 160 -6.15 -3.75 -23.96
CA ALA B 160 -5.29 -4.31 -25.01
C ALA B 160 -4.56 -5.60 -24.58
N TYR B 161 -4.48 -6.55 -25.50
CA TYR B 161 -3.80 -7.80 -25.22
C TYR B 161 -2.30 -7.56 -25.14
N ALA B 162 -1.65 -8.21 -24.19
CA ALA B 162 -0.20 -8.04 -24.00
C ALA B 162 0.33 -9.18 -23.17
N PRO B 163 0.33 -10.34 -23.79
CA PRO B 163 0.78 -11.61 -23.16
C PRO B 163 2.21 -11.58 -22.65
N SER B 164 2.52 -11.96 -21.44
CA SER B 164 3.97 -11.87 -21.19
C SER B 164 4.68 -13.22 -20.94
N SER B 165 3.95 -14.33 -20.98
CA SER B 165 4.57 -15.65 -20.80
C SER B 165 4.14 -16.57 -21.95
N PRO B 166 4.87 -17.67 -22.17
CA PRO B 166 4.44 -18.56 -23.27
C PRO B 166 2.99 -19.05 -23.07
N TYR B 167 2.66 -19.40 -21.83
CA TYR B 167 1.31 -19.87 -21.54
C TYR B 167 0.25 -18.82 -21.86
N SER B 168 0.40 -17.63 -21.31
CA SER B 168 -0.59 -16.59 -21.58
C SER B 168 -0.59 -16.25 -23.08
N ALA B 169 0.57 -16.29 -23.73
CA ALA B 169 0.63 -16.02 -25.16
C ALA B 169 -0.21 -17.07 -25.89
N SER B 170 -0.07 -18.34 -25.50
CA SER B 170 -0.85 -19.40 -26.16
C SER B 170 -2.37 -19.19 -25.94
N LYS B 171 -2.78 -18.74 -24.75
CA LYS B 171 -4.21 -18.49 -24.51
C LYS B 171 -4.72 -17.27 -25.32
N ALA B 172 -3.91 -16.22 -25.37
CA ALA B 172 -4.27 -15.04 -26.14
C ALA B 172 -4.53 -15.47 -27.59
N SER B 173 -3.70 -16.37 -28.10
CA SER B 173 -3.85 -16.87 -29.47
C SER B 173 -5.17 -17.59 -29.68
N SER B 174 -5.50 -18.49 -28.77
CA SER B 174 -6.76 -19.22 -28.89
C SER B 174 -7.91 -18.19 -28.88
N ASP B 175 -7.76 -17.12 -28.11
CA ASP B 175 -8.79 -16.08 -28.05
C ASP B 175 -8.99 -15.48 -29.44
N HIS B 176 -7.87 -15.16 -30.10
CA HIS B 176 -7.93 -14.59 -31.42
C HIS B 176 -8.59 -15.53 -32.42
N LEU B 177 -8.26 -16.80 -32.31
CA LEU B 177 -8.84 -17.77 -33.24
C LEU B 177 -10.35 -17.83 -33.06
N VAL B 178 -10.80 -17.86 -31.81
CA VAL B 178 -12.23 -17.89 -31.54
C VAL B 178 -12.98 -16.68 -32.09
N ARG B 179 -12.40 -15.47 -31.97
CA ARG B 179 -13.08 -14.30 -32.51
C ARG B 179 -13.06 -14.23 -34.03
N ALA B 180 -11.96 -14.65 -34.64
CA ALA B 180 -11.87 -14.64 -36.10
C ALA B 180 -12.90 -15.60 -36.76
N TRP B 181 -13.12 -16.76 -36.14
CA TRP B 181 -14.07 -17.71 -36.71
C TRP B 181 -15.47 -17.09 -36.68
N ARG B 182 -15.73 -16.25 -35.69
CA ARG B 182 -17.02 -15.59 -35.59
C ARG B 182 -17.15 -14.58 -36.71
N ARG B 183 -16.18 -13.68 -36.81
CA ARG B 183 -16.22 -12.66 -37.84
C ARG B 183 -16.05 -13.17 -39.26
N THR B 184 -15.36 -14.30 -39.43
CA THR B 184 -15.14 -14.84 -40.76
C THR B 184 -16.19 -15.85 -41.20
N TYR B 185 -16.65 -16.68 -40.29
CA TYR B 185 -17.63 -17.69 -40.67
C TYR B 185 -18.98 -17.52 -40.02
N GLY B 186 -19.09 -16.56 -39.11
CA GLY B 186 -20.37 -16.35 -38.47
C GLY B 186 -20.63 -17.32 -37.34
N LEU B 187 -19.64 -18.11 -36.96
CA LEU B 187 -19.80 -19.04 -35.83
C LEU B 187 -20.18 -18.23 -34.57
N PRO B 188 -21.14 -18.76 -33.80
CA PRO B 188 -21.66 -18.17 -32.53
C PRO B 188 -20.65 -18.15 -31.41
N THR B 189 -19.57 -17.41 -31.41
CA THR B 189 -18.69 -17.62 -30.29
C THR B 189 -18.77 -16.58 -29.18
N ILE B 190 -18.34 -16.96 -27.98
CA ILE B 190 -18.33 -16.05 -26.85
C ILE B 190 -17.02 -16.31 -26.12
N VAL B 191 -16.45 -15.26 -25.54
CA VAL B 191 -15.20 -15.39 -24.79
C VAL B 191 -15.25 -14.82 -23.39
N THR B 192 -14.80 -15.59 -22.41
CA THR B 192 -14.74 -15.06 -21.07
C THR B 192 -13.31 -15.15 -20.53
N ASN B 193 -12.89 -14.11 -19.84
CA ASN B 193 -11.56 -14.08 -19.25
C ASN B 193 -11.75 -13.91 -17.74
N CYS B 194 -11.15 -14.81 -16.95
CA CYS B 194 -11.28 -14.75 -15.51
C CYS B 194 -9.95 -14.68 -14.84
N SER B 195 -9.99 -14.29 -13.56
CA SER B 195 -8.81 -14.17 -12.73
C SER B 195 -8.48 -15.50 -12.08
N ASN B 196 -7.58 -15.49 -11.10
CA ASN B 196 -7.15 -16.70 -10.43
C ASN B 196 -8.25 -17.41 -9.68
N ASN B 197 -8.41 -18.70 -9.96
CA ASN B 197 -9.41 -19.47 -9.26
C ASN B 197 -8.77 -20.17 -8.05
N TYR B 198 -9.59 -20.46 -7.04
CA TYR B 198 -9.11 -21.23 -5.88
C TYR B 198 -10.36 -21.94 -5.34
N GLY B 199 -10.15 -22.97 -4.54
CA GLY B 199 -11.28 -23.71 -3.99
C GLY B 199 -11.02 -25.20 -3.95
N PRO B 200 -12.09 -26.00 -3.74
CA PRO B 200 -12.02 -27.47 -3.67
C PRO B 200 -11.49 -28.12 -4.94
N TYR B 201 -10.78 -29.23 -4.77
CA TYR B 201 -10.24 -30.03 -5.87
C TYR B 201 -9.11 -29.38 -6.64
N HIS B 202 -8.47 -28.39 -6.03
CA HIS B 202 -7.35 -27.72 -6.65
C HIS B 202 -6.16 -28.64 -6.32
N PHE B 203 -5.33 -28.95 -7.30
CA PHE B 203 -4.18 -29.82 -7.06
C PHE B 203 -3.25 -29.35 -5.92
N PRO B 204 -2.71 -30.31 -5.14
CA PRO B 204 -1.82 -30.08 -3.99
C PRO B 204 -0.66 -29.12 -4.19
N GLU B 205 -0.08 -29.10 -5.37
CA GLU B 205 1.06 -28.22 -5.60
C GLU B 205 0.73 -26.78 -5.91
N LYS B 206 -0.56 -26.47 -6.10
CA LYS B 206 -0.95 -25.09 -6.39
C LYS B 206 -0.73 -24.22 -5.16
N LEU B 207 -0.56 -22.91 -5.39
CA LEU B 207 -0.29 -21.95 -4.32
C LEU B 207 -1.10 -22.08 -3.04
N ILE B 208 -2.40 -21.80 -3.10
CA ILE B 208 -3.21 -21.88 -1.91
C ILE B 208 -3.20 -23.28 -1.30
N PRO B 209 -3.46 -24.31 -2.12
CA PRO B 209 -3.44 -25.66 -1.51
C PRO B 209 -2.09 -25.99 -0.87
N LEU B 210 -1.02 -25.59 -1.52
CA LEU B 210 0.31 -25.88 -1.00
C LEU B 210 0.56 -25.25 0.36
N VAL B 211 0.09 -24.03 0.54
CA VAL B 211 0.26 -23.38 1.81
C VAL B 211 -0.51 -24.13 2.87
N ILE B 212 -1.77 -24.47 2.57
CA ILE B 212 -2.63 -25.17 3.54
C ILE B 212 -2.04 -26.52 3.97
N LEU B 213 -1.58 -27.29 3.00
CA LEU B 213 -1.04 -28.61 3.28
C LEU B 213 0.34 -28.59 3.96
N ASN B 214 1.24 -27.73 3.49
CA ASN B 214 2.56 -27.63 4.09
C ASN B 214 2.37 -27.19 5.52
N ALA B 215 1.45 -26.26 5.70
CA ALA B 215 1.19 -25.79 7.04
C ALA B 215 1.03 -27.07 7.86
N LEU B 216 0.01 -27.86 7.52
CA LEU B 216 -0.32 -29.10 8.22
C LEU B 216 0.82 -30.13 8.33
N GLU B 217 1.65 -30.27 7.32
CA GLU B 217 2.73 -31.25 7.43
C GLU B 217 3.93 -30.71 8.19
N GLY B 218 3.77 -29.54 8.80
CA GLY B 218 4.88 -28.94 9.53
C GLY B 218 6.01 -28.52 8.60
N LYS B 219 5.68 -27.98 7.43
CA LYS B 219 6.70 -27.54 6.48
C LYS B 219 6.60 -26.06 6.16
N PRO B 220 7.66 -25.53 5.52
CA PRO B 220 7.81 -24.14 5.09
C PRO B 220 6.67 -23.59 4.24
N LEU B 221 6.15 -22.45 4.64
CA LEU B 221 5.08 -21.76 3.91
C LEU B 221 5.80 -20.63 3.23
N PRO B 222 6.06 -20.73 1.95
CA PRO B 222 6.75 -19.67 1.21
C PRO B 222 6.00 -18.43 0.75
N ILE B 223 6.68 -17.30 0.89
CA ILE B 223 6.19 -16.01 0.42
C ILE B 223 7.27 -15.61 -0.59
N TYR B 224 6.91 -15.42 -1.85
CA TYR B 224 7.92 -15.06 -2.85
C TYR B 224 8.24 -13.60 -2.90
N GLY B 225 9.55 -13.30 -2.82
CA GLY B 225 10.01 -11.93 -2.85
C GLY B 225 9.30 -11.22 -1.73
N LYS B 226 8.76 -10.04 -2.03
CA LYS B 226 8.05 -9.25 -1.02
C LYS B 226 6.61 -9.70 -0.73
N GLY B 227 6.15 -10.79 -1.35
CA GLY B 227 4.77 -11.18 -1.14
C GLY B 227 3.99 -10.07 -1.81
N ASP B 228 4.75 -9.37 -2.66
CA ASP B 228 4.33 -8.21 -3.46
C ASP B 228 3.14 -8.46 -4.39
N GLN B 229 3.26 -9.51 -5.22
CA GLN B 229 2.27 -9.87 -6.23
C GLN B 229 0.81 -9.72 -5.85
N ILE B 230 0.07 -9.02 -6.70
CA ILE B 230 -1.34 -8.81 -6.50
C ILE B 230 -2.16 -9.63 -7.50
N ARG B 231 -3.17 -10.32 -7.02
CA ARG B 231 -4.04 -11.15 -7.85
C ARG B 231 -5.48 -11.04 -7.38
N ASP B 232 -6.41 -11.21 -8.32
CA ASP B 232 -7.85 -11.15 -8.06
C ASP B 232 -8.30 -12.59 -7.88
N TRP B 233 -8.65 -12.99 -6.65
CA TRP B 233 -9.04 -14.36 -6.40
C TRP B 233 -10.53 -14.61 -6.52
N LEU B 234 -10.86 -15.52 -7.42
CA LEU B 234 -12.23 -15.92 -7.73
C LEU B 234 -12.51 -17.38 -7.27
N TYR B 235 -13.52 -17.56 -6.42
CA TYR B 235 -13.85 -18.89 -5.90
C TYR B 235 -14.37 -19.76 -7.06
N VAL B 236 -13.85 -20.98 -7.18
CA VAL B 236 -14.23 -21.85 -8.29
C VAL B 236 -15.73 -22.06 -8.47
N GLU B 237 -16.47 -22.28 -7.38
CA GLU B 237 -17.93 -22.47 -7.45
C GLU B 237 -18.61 -21.21 -8.02
N ASP B 238 -18.01 -20.05 -7.81
CA ASP B 238 -18.58 -18.81 -8.35
C ASP B 238 -18.29 -18.73 -9.84
N HIS B 239 -17.07 -19.08 -10.22
CA HIS B 239 -16.73 -19.06 -11.64
C HIS B 239 -17.69 -20.00 -12.36
N ALA B 240 -17.84 -21.21 -11.81
CA ALA B 240 -18.73 -22.22 -12.37
C ALA B 240 -20.12 -21.64 -12.61
N ARG B 241 -20.68 -20.96 -11.61
CA ARG B 241 -22.00 -20.38 -11.82
C ARG B 241 -21.97 -19.30 -12.93
N ALA B 242 -20.93 -18.48 -13.01
CA ALA B 242 -20.90 -17.44 -14.05
C ALA B 242 -20.84 -18.04 -15.47
N LEU B 243 -20.05 -19.09 -15.61
CA LEU B 243 -19.87 -19.76 -16.89
C LEU B 243 -21.19 -20.34 -17.43
N HIS B 244 -21.96 -21.00 -16.58
CA HIS B 244 -23.22 -21.56 -17.03
C HIS B 244 -24.18 -20.44 -17.39
N MET B 245 -24.12 -19.36 -16.63
CA MET B 245 -24.97 -18.21 -16.91
C MET B 245 -24.63 -17.68 -18.32
N VAL B 246 -23.35 -17.49 -18.57
CA VAL B 246 -22.87 -16.99 -19.86
C VAL B 246 -23.26 -17.88 -21.05
N VAL B 247 -23.04 -19.18 -20.95
CA VAL B 247 -23.35 -20.06 -22.06
C VAL B 247 -24.86 -20.07 -22.37
N THR B 248 -25.70 -19.98 -21.35
CA THR B 248 -27.14 -19.98 -21.57
C THR B 248 -27.74 -18.61 -21.88
N GLU B 249 -27.17 -17.54 -21.35
CA GLU B 249 -27.74 -16.21 -21.58
C GLU B 249 -26.79 -15.25 -22.29
N GLY B 250 -25.55 -15.68 -22.52
CA GLY B 250 -24.57 -14.83 -23.18
C GLY B 250 -24.94 -14.48 -24.59
N LYS B 251 -24.51 -13.32 -25.05
CA LYS B 251 -24.82 -12.88 -26.40
C LYS B 251 -23.64 -13.14 -27.33
N ALA B 252 -23.91 -13.81 -28.45
CA ALA B 252 -22.86 -14.13 -29.43
C ALA B 252 -22.03 -12.91 -29.84
N GLY B 253 -20.72 -13.09 -29.89
CA GLY B 253 -19.87 -11.98 -30.27
C GLY B 253 -19.47 -11.11 -29.09
N GLU B 254 -19.93 -11.46 -27.89
CA GLU B 254 -19.59 -10.70 -26.70
C GLU B 254 -18.42 -11.31 -25.91
N THR B 255 -17.80 -10.46 -25.09
CA THR B 255 -16.70 -10.85 -24.20
C THR B 255 -17.09 -10.48 -22.76
N TYR B 256 -16.74 -11.31 -21.79
CA TYR B 256 -17.07 -11.02 -20.40
C TYR B 256 -15.91 -11.34 -19.48
N ASN B 257 -15.54 -10.38 -18.64
CA ASN B 257 -14.46 -10.59 -17.69
C ASN B 257 -15.15 -11.12 -16.44
N ILE B 258 -14.52 -12.08 -15.77
CA ILE B 258 -15.10 -12.62 -14.55
C ILE B 258 -14.05 -12.59 -13.44
N GLY B 259 -14.44 -12.03 -12.30
CA GLY B 259 -13.52 -11.93 -11.16
C GLY B 259 -14.23 -11.99 -9.83
N GLY B 260 -13.45 -12.14 -8.76
CA GLY B 260 -14.06 -12.24 -7.45
C GLY B 260 -14.30 -10.91 -6.77
N HIS B 261 -14.17 -9.81 -7.50
CA HIS B 261 -14.37 -8.48 -6.94
C HIS B 261 -13.41 -8.21 -5.76
N ASN B 262 -12.12 -8.48 -5.94
CA ASN B 262 -11.15 -8.23 -4.89
C ASN B 262 -9.76 -8.13 -5.46
N GLU B 263 -8.78 -7.89 -4.58
CA GLU B 263 -7.39 -7.74 -4.96
C GLU B 263 -6.60 -8.10 -3.71
N LYS B 264 -5.63 -9.01 -3.81
CA LYS B 264 -4.86 -9.43 -2.63
C LYS B 264 -3.39 -9.69 -2.91
N LYS B 265 -2.54 -9.33 -1.95
CA LYS B 265 -1.11 -9.59 -2.10
C LYS B 265 -0.85 -11.01 -1.61
N ASN B 266 0.14 -11.68 -2.19
CA ASN B 266 0.43 -13.05 -1.79
C ASN B 266 0.61 -13.12 -0.28
N LEU B 267 1.43 -12.23 0.28
CA LEU B 267 1.64 -12.21 1.72
C LEU B 267 0.32 -12.21 2.48
N ASP B 268 -0.66 -11.43 2.02
CA ASP B 268 -1.94 -11.41 2.69
C ASP B 268 -2.64 -12.76 2.62
N VAL B 269 -2.48 -13.48 1.51
CA VAL B 269 -3.10 -14.78 1.34
C VAL B 269 -2.49 -15.81 2.31
N VAL B 270 -1.17 -15.80 2.42
CA VAL B 270 -0.52 -16.73 3.32
C VAL B 270 -0.92 -16.47 4.76
N PHE B 271 -0.95 -15.20 5.14
CA PHE B 271 -1.33 -14.89 6.50
C PHE B 271 -2.78 -15.23 6.79
N THR B 272 -3.67 -14.96 5.84
CA THR B 272 -5.06 -15.25 6.05
C THR B 272 -5.25 -16.73 6.32
N ILE B 273 -4.55 -17.56 5.56
CA ILE B 273 -4.63 -19.01 5.72
C ILE B 273 -4.12 -19.43 7.10
N CYS B 274 -3.02 -18.85 7.53
CA CYS B 274 -2.48 -19.16 8.85
C CYS B 274 -3.45 -18.74 9.94
N ASP B 275 -4.12 -17.62 9.77
CA ASP B 275 -5.05 -17.18 10.81
C ASP B 275 -6.25 -18.12 10.88
N LEU B 276 -6.71 -18.62 9.74
CA LEU B 276 -7.86 -19.51 9.75
C LEU B 276 -7.46 -20.82 10.41
N LEU B 277 -6.28 -21.31 10.04
CA LEU B 277 -5.78 -22.56 10.61
C LEU B 277 -5.50 -22.42 12.10
N ASP B 278 -5.31 -21.20 12.59
CA ASP B 278 -5.08 -21.05 14.01
C ASP B 278 -6.47 -21.08 14.66
N GLU B 279 -7.50 -20.56 13.99
CA GLU B 279 -8.85 -20.53 14.56
C GLU B 279 -9.39 -21.96 14.61
N ILE B 280 -9.41 -22.58 13.44
CA ILE B 280 -9.86 -23.97 13.28
C ILE B 280 -8.57 -24.73 13.53
N VAL B 281 -8.63 -25.96 14.01
CA VAL B 281 -7.37 -26.71 14.17
C VAL B 281 -6.18 -26.07 14.94
N PRO B 282 -6.40 -25.60 16.17
CA PRO B 282 -5.25 -25.01 16.87
C PRO B 282 -4.15 -26.02 17.22
N LYS B 283 -2.93 -25.53 17.43
CA LYS B 283 -1.87 -26.45 17.85
C LYS B 283 -0.86 -25.80 18.81
N ALA B 284 0.22 -26.50 19.12
CA ALA B 284 1.22 -26.01 20.06
C ALA B 284 1.90 -24.70 19.71
N THR B 285 1.91 -24.36 18.43
CA THR B 285 2.51 -23.11 17.99
C THR B 285 1.72 -22.51 16.86
N SER B 286 1.97 -21.26 16.50
CA SER B 286 1.21 -20.69 15.40
C SER B 286 1.82 -21.16 14.09
N TYR B 287 0.95 -21.46 13.13
CA TYR B 287 1.38 -21.90 11.80
C TYR B 287 2.25 -20.83 11.15
N ARG B 288 2.08 -19.58 11.59
CA ARG B 288 2.83 -18.45 11.08
C ARG B 288 4.34 -18.71 11.17
N GLU B 289 4.74 -19.41 12.22
CA GLU B 289 6.17 -19.67 12.46
C GLU B 289 6.89 -20.47 11.38
N GLN B 290 6.14 -21.10 10.49
CA GLN B 290 6.70 -21.85 9.40
C GLN B 290 6.84 -20.96 8.18
N ILE B 291 6.36 -19.73 8.30
CA ILE B 291 6.42 -18.83 7.15
C ILE B 291 7.90 -18.57 6.86
N THR B 292 8.25 -18.61 5.57
CA THR B 292 9.63 -18.34 5.22
C THR B 292 9.65 -17.67 3.86
N TYR B 293 10.53 -16.69 3.70
CA TYR B 293 10.58 -15.96 2.44
C TYR B 293 11.54 -16.66 1.49
N VAL B 294 11.15 -16.73 0.23
CA VAL B 294 11.95 -17.41 -0.76
C VAL B 294 11.98 -16.74 -2.12
N ALA B 295 12.95 -17.19 -2.91
CA ALA B 295 13.18 -16.74 -4.27
C ALA B 295 12.02 -16.02 -4.91
N ASP B 296 12.38 -15.09 -5.78
CA ASP B 296 11.46 -14.27 -6.52
C ASP B 296 11.61 -14.81 -7.97
N ARG B 297 10.56 -14.72 -8.77
CA ARG B 297 10.69 -15.21 -10.14
C ARG B 297 10.73 -14.01 -11.14
N PRO B 298 11.83 -14.02 -11.96
CA PRO B 298 12.16 -12.89 -12.88
C PRO B 298 11.01 -12.28 -13.70
N GLY B 299 11.03 -10.97 -13.86
CA GLY B 299 10.05 -10.25 -14.61
C GLY B 299 8.66 -10.89 -14.63
N HIS B 300 8.04 -11.00 -13.46
CA HIS B 300 6.71 -11.58 -13.32
C HIS B 300 5.69 -10.46 -13.17
N ASP B 301 4.51 -10.66 -13.74
CA ASP B 301 3.47 -9.66 -13.64
C ASP B 301 3.16 -9.35 -12.18
N ARG B 302 3.18 -8.06 -11.86
CA ARG B 302 2.97 -7.60 -10.49
C ARG B 302 1.53 -7.43 -10.03
N ARG B 303 0.62 -7.19 -10.95
CA ARG B 303 -0.76 -7.01 -10.52
C ARG B 303 -1.84 -7.30 -11.55
N TYR B 304 -2.76 -8.18 -11.17
CA TYR B 304 -3.90 -8.55 -12.00
C TYR B 304 -5.09 -8.15 -11.14
N ALA B 305 -6.08 -7.49 -11.75
CA ALA B 305 -7.28 -7.08 -11.04
C ALA B 305 -8.31 -6.90 -12.13
N ILE B 306 -9.46 -7.53 -11.94
CA ILE B 306 -10.52 -7.49 -12.94
C ILE B 306 -11.74 -6.65 -12.64
N ASP B 307 -12.19 -5.92 -13.64
CA ASP B 307 -13.39 -5.11 -13.53
C ASP B 307 -14.48 -6.00 -14.15
N ALA B 308 -15.32 -6.56 -13.30
CA ALA B 308 -16.39 -7.44 -13.75
C ALA B 308 -17.72 -6.69 -13.84
N GLY B 309 -17.65 -5.39 -14.07
CA GLY B 309 -18.86 -4.61 -14.15
C GLY B 309 -19.80 -4.97 -15.28
N LYS B 310 -19.21 -5.26 -16.44
CA LYS B 310 -20.00 -5.59 -17.61
C LYS B 310 -20.89 -6.82 -17.44
N ILE B 311 -20.35 -7.91 -16.91
CA ILE B 311 -21.15 -9.10 -16.76
C ILE B 311 -22.24 -8.86 -15.71
N SER B 312 -21.94 -8.02 -14.73
CA SER B 312 -22.91 -7.68 -13.69
C SER B 312 -24.05 -6.88 -14.34
N ARG B 313 -23.67 -5.79 -15.00
CA ARG B 313 -24.64 -4.94 -15.66
C ARG B 313 -25.51 -5.66 -16.69
N GLU B 314 -24.89 -6.46 -17.54
CA GLU B 314 -25.61 -7.14 -18.61
C GLU B 314 -26.24 -8.50 -18.33
N LEU B 315 -25.62 -9.31 -17.47
CA LEU B 315 -26.20 -10.61 -17.17
C LEU B 315 -26.62 -10.72 -15.70
N GLY B 316 -26.21 -9.74 -14.90
CA GLY B 316 -26.54 -9.78 -13.49
C GLY B 316 -25.78 -10.80 -12.67
N TRP B 317 -24.49 -11.01 -12.96
CA TRP B 317 -23.71 -11.96 -12.17
C TRP B 317 -22.75 -11.26 -11.23
N LYS B 318 -22.68 -11.77 -10.00
CA LYS B 318 -21.79 -11.26 -8.97
C LYS B 318 -21.39 -12.47 -8.13
N PRO B 319 -20.16 -12.45 -7.58
CA PRO B 319 -19.72 -13.58 -6.76
C PRO B 319 -20.61 -13.68 -5.53
N LEU B 320 -20.80 -14.88 -5.02
CA LEU B 320 -21.59 -15.04 -3.81
C LEU B 320 -20.60 -15.02 -2.65
N GLU B 321 -19.38 -15.44 -2.89
CA GLU B 321 -18.37 -15.47 -1.85
C GLU B 321 -17.54 -14.18 -1.87
N THR B 322 -16.78 -14.00 -0.79
CA THR B 322 -15.84 -12.90 -0.65
C THR B 322 -14.56 -13.69 -0.47
N PHE B 323 -13.39 -13.07 -0.59
CA PHE B 323 -12.18 -13.83 -0.38
C PHE B 323 -12.24 -14.48 1.01
N GLU B 324 -12.74 -13.72 1.98
CA GLU B 324 -12.83 -14.20 3.36
C GLU B 324 -13.67 -15.46 3.49
N SER B 325 -14.90 -15.43 3.00
CA SER B 325 -15.76 -16.60 3.11
C SER B 325 -15.25 -17.76 2.25
N GLY B 326 -14.72 -17.44 1.08
CA GLY B 326 -14.20 -18.46 0.19
C GLY B 326 -12.98 -19.18 0.72
N ILE B 327 -12.02 -18.43 1.27
CA ILE B 327 -10.80 -19.06 1.80
C ILE B 327 -11.13 -19.99 2.95
N ARG B 328 -12.07 -19.58 3.80
CA ARG B 328 -12.48 -20.42 4.92
C ARG B 328 -13.02 -21.75 4.37
N LYS B 329 -13.93 -21.69 3.39
CA LYS B 329 -14.47 -22.92 2.81
C LYS B 329 -13.36 -23.80 2.25
N THR B 330 -12.36 -23.18 1.60
CA THR B 330 -11.27 -23.96 1.01
C THR B 330 -10.49 -24.72 2.08
N VAL B 331 -10.10 -24.01 3.14
CA VAL B 331 -9.37 -24.65 4.23
C VAL B 331 -10.18 -25.80 4.79
N GLU B 332 -11.46 -25.57 5.02
CA GLU B 332 -12.31 -26.63 5.54
C GLU B 332 -12.31 -27.82 4.59
N TRP B 333 -12.36 -27.55 3.28
CA TRP B 333 -12.39 -28.64 2.31
C TRP B 333 -11.14 -29.51 2.38
N TYR B 334 -9.98 -28.88 2.43
CA TYR B 334 -8.72 -29.66 2.48
C TYR B 334 -8.63 -30.47 3.76
N LEU B 335 -9.09 -29.86 4.86
CA LEU B 335 -9.07 -30.58 6.15
C LEU B 335 -9.95 -31.82 6.10
N ALA B 336 -11.06 -31.73 5.37
CA ALA B 336 -11.99 -32.86 5.25
C ALA B 336 -11.71 -33.79 4.05
N ASN B 337 -10.70 -33.50 3.23
CA ASN B 337 -10.46 -34.34 2.07
C ASN B 337 -9.07 -34.92 1.85
N THR B 338 -8.52 -35.47 2.92
CA THR B 338 -7.21 -36.11 2.88
C THR B 338 -7.12 -37.22 1.83
N GLN B 339 -8.18 -38.00 1.72
CA GLN B 339 -8.22 -39.11 0.78
C GLN B 339 -7.94 -38.64 -0.65
N TRP B 340 -8.71 -37.64 -1.09
CA TRP B 340 -8.54 -37.09 -2.43
C TRP B 340 -7.12 -36.57 -2.61
N VAL B 341 -6.62 -35.83 -1.63
CA VAL B 341 -5.28 -35.28 -1.69
C VAL B 341 -4.24 -36.38 -1.81
N ASN B 342 -4.39 -37.42 -0.98
CA ASN B 342 -3.43 -38.52 -1.00
C ASN B 342 -3.42 -39.32 -2.29
N ASN B 343 -4.60 -39.46 -2.92
CA ASN B 343 -4.66 -40.18 -4.19
C ASN B 343 -3.95 -39.42 -5.28
N VAL B 344 -3.96 -38.10 -5.19
CA VAL B 344 -3.26 -37.27 -6.17
C VAL B 344 -1.77 -37.40 -5.91
N LYS B 345 -1.36 -37.20 -4.66
CA LYS B 345 0.07 -37.29 -4.30
C LYS B 345 0.71 -38.64 -4.63
N SER B 346 -0.06 -39.71 -4.50
CA SER B 346 0.48 -41.03 -4.76
C SER B 346 0.39 -41.43 -6.23
N GLY B 347 -0.41 -40.72 -7.00
CA GLY B 347 -0.57 -41.05 -8.40
C GLY B 347 -1.77 -41.99 -8.58
N ALA B 348 -2.25 -42.54 -7.47
CA ALA B 348 -3.39 -43.46 -7.53
C ALA B 348 -4.58 -42.94 -8.34
N TYR B 349 -4.75 -41.62 -8.40
CA TYR B 349 -5.87 -41.04 -9.13
C TYR B 349 -5.83 -41.33 -10.63
N GLN B 350 -4.66 -41.65 -11.17
CA GLN B 350 -4.58 -41.93 -12.60
C GLN B 350 -4.91 -43.38 -12.96
N SER B 351 -5.79 -44.01 -12.18
CA SER B 351 -6.20 -45.38 -12.44
C SER B 351 -7.70 -45.40 -12.67
N TRP B 352 -8.24 -44.21 -12.93
CA TRP B 352 -9.67 -44.01 -13.19
C TRP B 352 -10.48 -43.90 -11.89
N MET C 1 25.26 34.07 16.84
CA MET C 1 24.31 33.58 17.89
C MET C 1 24.88 32.37 18.66
N LYS C 2 24.85 32.45 19.99
CA LYS C 2 25.35 31.35 20.81
C LYS C 2 24.15 30.47 21.15
N ILE C 3 24.24 29.19 20.78
CA ILE C 3 23.16 28.23 21.02
C ILE C 3 23.53 27.19 22.04
N LEU C 4 22.76 27.13 23.12
CA LEU C 4 23.03 26.13 24.17
C LEU C 4 22.21 24.88 23.79
N ILE C 5 22.91 23.75 23.66
CA ILE C 5 22.28 22.51 23.24
C ILE C 5 22.44 21.38 24.24
N THR C 6 21.35 20.70 24.55
CA THR C 6 21.45 19.58 25.48
C THR C 6 21.35 18.34 24.62
N GLY C 7 22.01 17.27 25.04
CA GLY C 7 21.98 16.03 24.29
C GLY C 7 22.77 16.10 23.00
N GLY C 8 23.74 17.00 22.93
CA GLY C 8 24.54 17.16 21.72
C GLY C 8 25.43 15.98 21.31
N ALA C 9 25.74 15.08 22.25
CA ALA C 9 26.57 13.92 21.92
C ALA C 9 25.70 12.73 21.50
N GLY C 10 24.40 12.99 21.32
CA GLY C 10 23.48 11.93 20.93
C GLY C 10 23.30 11.79 19.43
N PHE C 11 22.44 10.86 19.03
CA PHE C 11 22.19 10.61 17.63
C PHE C 11 21.81 11.86 16.84
N ILE C 12 20.64 12.43 17.14
CA ILE C 12 20.19 13.63 16.46
C ILE C 12 20.98 14.85 16.91
N GLY C 13 21.28 14.89 18.20
CA GLY C 13 22.02 16.02 18.72
C GLY C 13 23.34 16.20 18.00
N SER C 14 24.09 15.13 17.79
CA SER C 14 25.37 15.26 17.12
C SER C 14 25.18 15.79 15.71
N ALA C 15 24.11 15.39 15.06
CA ALA C 15 23.86 15.90 13.70
C ALA C 15 23.59 17.40 13.74
N VAL C 16 22.91 17.86 14.79
CA VAL C 16 22.62 19.28 14.92
C VAL C 16 23.91 20.07 15.14
N VAL C 17 24.74 19.58 16.06
CA VAL C 17 25.99 20.25 16.35
C VAL C 17 26.88 20.30 15.11
N ARG C 18 27.11 19.16 14.47
CA ARG C 18 27.93 19.12 13.26
C ARG C 18 27.41 20.11 12.22
N HIS C 19 26.09 20.23 12.11
CA HIS C 19 25.52 21.14 11.12
C HIS C 19 25.82 22.62 11.37
N ILE C 20 25.72 23.01 12.64
CA ILE C 20 25.95 24.40 13.02
C ILE C 20 27.42 24.79 12.86
N ILE C 21 28.31 23.86 13.16
CA ILE C 21 29.73 24.14 13.03
C ILE C 21 30.16 24.12 11.57
N LYS C 22 29.63 23.16 10.82
CA LYS C 22 29.99 23.05 9.42
C LYS C 22 29.29 24.03 8.50
N ASN C 23 28.04 24.36 8.78
CA ASN C 23 27.34 25.24 7.85
C ASN C 23 26.72 26.53 8.35
N THR C 24 27.11 27.01 9.53
CA THR C 24 26.54 28.27 9.98
C THR C 24 27.58 29.15 10.64
N GLN C 25 27.16 30.37 10.94
CA GLN C 25 28.00 31.35 11.59
C GLN C 25 27.89 31.23 13.11
N ASP C 26 26.87 30.50 13.59
CA ASP C 26 26.63 30.34 15.02
C ASP C 26 27.66 29.50 15.78
N THR C 27 27.67 29.64 17.10
CA THR C 27 28.59 28.88 17.94
C THR C 27 27.73 28.03 18.85
N VAL C 28 28.31 27.02 19.46
CA VAL C 28 27.54 26.14 20.33
C VAL C 28 28.24 25.58 21.56
N VAL C 29 27.51 25.51 22.67
CA VAL C 29 27.95 24.94 23.89
C VAL C 29 27.06 23.70 24.10
N ASN C 30 27.68 22.53 24.10
CA ASN C 30 26.99 21.26 24.20
C ASN C 30 27.00 20.67 25.61
N ILE C 31 25.81 20.58 26.19
CA ILE C 31 25.66 20.02 27.53
C ILE C 31 25.19 18.58 27.39
N ASP C 32 25.99 17.62 27.87
CA ASP C 32 25.59 16.22 27.74
C ASP C 32 26.21 15.43 28.88
N LYS C 33 25.42 14.59 29.54
CA LYS C 33 26.00 13.82 30.64
C LYS C 33 26.64 12.53 30.17
N LEU C 34 26.62 12.29 28.87
CA LEU C 34 27.22 11.08 28.29
C LEU C 34 26.79 9.75 28.92
N THR C 35 25.51 9.38 28.71
CA THR C 35 25.04 8.10 29.16
C THR C 35 25.50 7.09 28.14
N TYR C 36 25.07 5.86 28.28
CA TYR C 36 25.40 4.83 27.30
C TYR C 36 25.06 5.34 25.89
N ALA C 37 24.12 6.27 25.78
CA ALA C 37 23.71 6.77 24.46
C ALA C 37 24.60 7.88 23.85
N GLY C 38 25.41 8.54 24.68
CA GLY C 38 26.24 9.59 24.14
C GLY C 38 27.51 9.04 23.50
N ASN C 39 28.05 9.76 22.53
CA ASN C 39 29.27 9.30 21.91
C ASN C 39 30.08 10.48 21.38
N LEU C 40 31.17 10.80 22.07
CA LEU C 40 32.00 11.93 21.66
C LEU C 40 32.64 11.69 20.27
N GLU C 41 32.75 10.42 19.88
CA GLU C 41 33.33 10.10 18.58
C GLU C 41 32.47 10.62 17.46
N SER C 42 31.16 10.71 17.69
CA SER C 42 30.27 11.21 16.68
C SER C 42 30.47 12.70 16.50
N LEU C 43 31.27 13.30 17.38
CA LEU C 43 31.54 14.73 17.29
C LEU C 43 33.00 15.03 16.97
N SER C 44 33.77 13.96 16.82
CA SER C 44 35.21 14.05 16.56
C SER C 44 35.73 15.00 15.47
N ASP C 45 35.06 15.15 14.34
CA ASP C 45 35.62 16.09 13.38
C ASP C 45 35.06 17.50 13.51
N ILE C 46 34.61 17.83 14.71
CA ILE C 46 34.01 19.12 15.00
C ILE C 46 34.47 19.64 16.37
N SER C 47 34.86 18.71 17.24
CA SER C 47 35.23 19.05 18.61
C SER C 47 36.42 19.97 18.85
N GLU C 48 37.21 20.24 17.81
CA GLU C 48 38.37 21.12 17.95
C GLU C 48 38.01 22.57 17.58
N SER C 49 36.86 22.77 16.96
CA SER C 49 36.45 24.12 16.58
C SER C 49 36.36 25.05 17.80
N ASN C 50 36.88 26.26 17.66
CA ASN C 50 36.83 27.24 18.75
C ASN C 50 35.41 27.72 18.93
N ARG C 51 34.55 27.39 17.97
CA ARG C 51 33.15 27.76 18.04
C ARG C 51 32.31 26.68 18.73
N TYR C 52 32.98 25.68 19.27
CA TYR C 52 32.32 24.60 19.96
C TYR C 52 32.86 24.41 21.34
N ASN C 53 31.98 24.17 22.31
CA ASN C 53 32.39 23.93 23.68
C ASN C 53 31.58 22.81 24.28
N PHE C 54 32.26 21.94 25.01
CA PHE C 54 31.59 20.83 25.65
C PHE C 54 31.51 20.93 27.18
N GLU C 55 30.33 20.67 27.73
CA GLU C 55 30.13 20.71 29.18
C GLU C 55 29.53 19.36 29.60
N HIS C 56 30.32 18.58 30.34
CA HIS C 56 29.91 17.30 30.84
C HIS C 56 29.03 17.44 32.05
N ALA C 57 27.71 17.49 31.86
CA ALA C 57 26.78 17.67 32.97
C ALA C 57 25.39 17.05 32.77
N ASP C 58 24.69 16.88 33.89
CA ASP C 58 23.34 16.33 33.87
C ASP C 58 22.34 17.47 33.92
N ILE C 59 21.33 17.48 33.06
CA ILE C 59 20.37 18.56 33.07
C ILE C 59 19.60 18.66 34.41
N CYS C 60 19.58 17.58 35.19
CA CYS C 60 18.90 17.62 36.47
C CYS C 60 19.69 18.43 37.50
N ASP C 61 20.97 18.65 37.23
CA ASP C 61 21.89 19.38 38.11
C ASP C 61 21.74 20.91 37.93
N SER C 62 20.75 21.49 38.60
CA SER C 62 20.46 22.92 38.47
C SER C 62 21.61 23.87 38.74
N ALA C 63 22.39 23.59 39.78
CA ALA C 63 23.52 24.46 40.12
C ALA C 63 24.49 24.50 38.92
N GLU C 64 24.94 23.32 38.48
CA GLU C 64 25.83 23.25 37.33
C GLU C 64 25.22 23.90 36.10
N ILE C 65 23.95 23.61 35.80
CA ILE C 65 23.32 24.20 34.63
C ILE C 65 23.21 25.73 34.77
N THR C 66 22.97 26.21 35.98
CA THR C 66 22.86 27.65 36.17
C THR C 66 24.21 28.27 35.86
N ARG C 67 25.27 27.67 36.40
CA ARG C 67 26.62 28.18 36.15
C ARG C 67 26.86 28.31 34.65
N ILE C 68 26.64 27.22 33.93
CA ILE C 68 26.84 27.21 32.48
C ILE C 68 26.06 28.30 31.74
N PHE C 69 24.80 28.53 32.10
CA PHE C 69 24.04 29.60 31.44
C PHE C 69 24.67 30.96 31.72
N GLU C 70 25.04 31.19 32.97
CA GLU C 70 25.62 32.46 33.35
C GLU C 70 26.91 32.66 32.57
N GLN C 71 27.72 31.62 32.51
CA GLN C 71 28.98 31.71 31.82
C GLN C 71 28.94 31.89 30.32
N TYR C 72 28.02 31.23 29.63
CA TYR C 72 27.98 31.36 28.18
C TYR C 72 26.95 32.33 27.65
N GLN C 73 26.08 32.84 28.52
CA GLN C 73 25.07 33.79 28.07
C GLN C 73 24.51 33.41 26.71
N PRO C 74 23.80 32.27 26.65
CA PRO C 74 23.18 31.71 25.44
C PRO C 74 22.14 32.64 24.82
N ASP C 75 22.00 32.59 23.50
CA ASP C 75 21.00 33.40 22.80
C ASP C 75 19.78 32.55 22.58
N ALA C 76 19.98 31.24 22.71
CA ALA C 76 18.90 30.29 22.51
C ALA C 76 19.28 28.93 23.04
N VAL C 77 18.26 28.12 23.25
CA VAL C 77 18.39 26.77 23.79
C VAL C 77 17.65 25.76 22.91
N MET C 78 18.32 24.65 22.64
CA MET C 78 17.75 23.55 21.87
C MET C 78 17.89 22.39 22.84
N HIS C 79 16.75 21.88 23.28
CA HIS C 79 16.72 20.80 24.26
C HIS C 79 16.41 19.46 23.63
N LEU C 80 17.45 18.64 23.50
CA LEU C 80 17.28 17.31 22.91
C LEU C 80 17.67 16.19 23.88
N ALA C 81 18.26 16.51 25.02
CA ALA C 81 18.61 15.48 25.96
C ALA C 81 17.34 14.75 26.40
N ALA C 82 17.39 13.43 26.39
CA ALA C 82 16.25 12.62 26.76
C ALA C 82 16.73 11.20 26.93
N GLU C 83 16.00 10.43 27.70
CA GLU C 83 16.33 9.04 27.98
C GLU C 83 15.27 8.20 27.28
N SER C 84 15.68 7.41 26.29
CA SER C 84 14.70 6.62 25.54
C SER C 84 14.57 5.19 26.01
N HIS C 85 15.43 4.78 26.94
CA HIS C 85 15.36 3.42 27.47
C HIS C 85 14.46 3.41 28.69
N VAL C 86 13.42 2.59 28.65
CA VAL C 86 12.52 2.52 29.79
C VAL C 86 13.00 1.47 30.78
N ASP C 87 13.57 1.98 31.86
CA ASP C 87 14.12 1.20 32.95
C ASP C 87 13.17 1.24 34.13
N ARG C 88 13.56 0.57 35.20
CA ARG C 88 12.78 0.54 36.41
C ARG C 88 13.74 0.85 37.54
N SER C 89 13.30 0.72 38.78
CA SER C 89 14.19 0.97 39.91
C SER C 89 13.51 0.60 41.21
N ILE C 90 14.32 0.23 42.20
CA ILE C 90 13.79 -0.19 43.49
C ILE C 90 13.66 0.99 44.44
N THR C 91 14.45 2.03 44.18
CA THR C 91 14.45 3.21 45.02
C THR C 91 13.27 4.15 44.69
N GLY C 92 13.44 5.05 43.71
CA GLY C 92 12.38 6.00 43.37
C GLY C 92 11.96 6.15 41.91
N PRO C 93 12.22 7.31 41.27
CA PRO C 93 11.85 7.50 39.87
C PRO C 93 12.84 6.80 38.93
N ALA C 94 12.33 6.30 37.81
CA ALA C 94 13.18 5.63 36.83
C ALA C 94 14.05 6.71 36.17
N ALA C 95 15.04 6.31 35.36
CA ALA C 95 15.89 7.31 34.71
C ALA C 95 15.10 8.10 33.65
N PHE C 96 14.16 7.46 32.97
CA PHE C 96 13.43 8.19 31.95
C PHE C 96 12.50 9.23 32.54
N ILE C 97 12.00 8.99 33.76
CA ILE C 97 11.12 9.96 34.40
C ILE C 97 11.98 11.14 34.82
N GLU C 98 13.12 10.84 35.47
CA GLU C 98 14.06 11.88 35.95
C GLU C 98 14.59 12.80 34.85
N THR C 99 15.09 12.20 33.78
CA THR C 99 15.65 12.96 32.69
C THR C 99 14.63 13.65 31.80
N ASN C 100 13.60 12.93 31.36
CA ASN C 100 12.62 13.52 30.45
C ASN C 100 11.66 14.52 31.08
N ILE C 101 11.17 14.20 32.27
CA ILE C 101 10.21 15.07 32.95
C ILE C 101 10.89 16.02 33.94
N VAL C 102 11.45 15.50 35.00
CA VAL C 102 12.11 16.36 35.99
C VAL C 102 13.23 17.17 35.34
N GLY C 103 13.98 16.53 34.46
CA GLY C 103 15.06 17.22 33.78
C GLY C 103 14.52 18.41 32.97
N THR C 104 13.42 18.24 32.25
CA THR C 104 12.87 19.35 31.48
C THR C 104 12.41 20.48 32.42
N TYR C 105 11.77 20.09 33.51
CA TYR C 105 11.32 21.08 34.49
C TYR C 105 12.51 21.86 35.05
N ALA C 106 13.59 21.15 35.40
CA ALA C 106 14.78 21.79 35.95
C ALA C 106 15.36 22.79 34.95
N LEU C 107 15.46 22.36 33.70
CA LEU C 107 15.98 23.19 32.63
C LEU C 107 15.06 24.40 32.39
N LEU C 108 13.75 24.19 32.44
CA LEU C 108 12.84 25.30 32.23
C LEU C 108 13.00 26.37 33.30
N GLU C 109 13.24 25.93 34.53
CA GLU C 109 13.40 26.88 35.64
C GLU C 109 14.67 27.69 35.51
N VAL C 110 15.77 27.05 35.12
CA VAL C 110 17.02 27.77 34.94
C VAL C 110 16.88 28.77 33.82
N ALA C 111 16.29 28.34 32.72
CA ALA C 111 16.10 29.22 31.57
C ALA C 111 15.16 30.39 31.87
N ARG C 112 14.17 30.17 32.73
CA ARG C 112 13.24 31.24 33.05
C ARG C 112 13.95 32.35 33.83
N LYS C 113 14.72 31.97 34.84
CA LYS C 113 15.45 32.98 35.63
C LYS C 113 16.39 33.77 34.73
N TYR C 114 17.18 33.04 33.96
CA TYR C 114 18.14 33.61 33.02
C TYR C 114 17.44 34.56 32.04
N TRP C 115 16.39 34.07 31.39
CA TRP C 115 15.64 34.88 30.44
C TRP C 115 15.04 36.17 31.04
N SER C 116 14.42 36.08 32.20
CA SER C 116 13.82 37.28 32.78
C SER C 116 14.85 38.33 33.20
N ALA C 117 16.10 37.93 33.37
CA ALA C 117 17.15 38.85 33.78
C ALA C 117 18.05 39.32 32.63
N LEU C 118 17.58 39.30 31.39
CA LEU C 118 18.48 39.60 30.27
C LEU C 118 18.71 41.08 29.88
N GLY C 119 17.82 41.64 29.06
CA GLY C 119 17.93 43.01 28.59
C GLY C 119 16.94 43.06 27.45
N GLU C 120 15.90 43.89 27.57
CA GLU C 120 14.85 44.01 26.55
C GLU C 120 15.18 43.44 25.18
N ASP C 121 16.29 43.88 24.61
CA ASP C 121 16.73 43.43 23.30
C ASP C 121 16.93 41.89 23.26
N LYS C 122 17.97 41.41 23.94
CA LYS C 122 18.29 39.98 23.99
C LYS C 122 17.16 39.13 24.58
N LYS C 123 16.33 39.72 25.44
CA LYS C 123 15.22 39.01 26.06
C LYS C 123 14.08 38.77 25.08
N ASN C 124 13.94 39.65 24.09
CA ASN C 124 12.88 39.50 23.09
C ASN C 124 13.29 38.53 21.99
N ASN C 125 14.59 38.32 21.85
CA ASN C 125 15.09 37.42 20.81
C ASN C 125 15.32 36.00 21.28
N PHE C 126 15.44 35.82 22.60
CA PHE C 126 15.69 34.51 23.20
C PHE C 126 14.64 33.47 22.80
N ARG C 127 15.08 32.24 22.70
CA ARG C 127 14.20 31.14 22.31
C ARG C 127 14.57 29.82 23.02
N PHE C 128 13.55 29.12 23.50
CA PHE C 128 13.75 27.82 24.15
C PHE C 128 13.01 26.83 23.26
N HIS C 129 13.79 26.16 22.43
CA HIS C 129 13.28 25.19 21.47
C HIS C 129 13.35 23.77 22.04
N HIS C 130 12.19 23.18 22.24
CA HIS C 130 12.04 21.84 22.81
C HIS C 130 11.84 20.84 21.69
N ILE C 131 12.69 19.82 21.63
CA ILE C 131 12.57 18.81 20.59
C ILE C 131 11.80 17.60 21.10
N SER C 132 10.77 17.19 20.36
CA SER C 132 9.96 16.07 20.79
C SER C 132 9.61 15.11 19.65
N THR C 133 8.84 14.08 20.01
CA THR C 133 8.45 13.00 19.12
C THR C 133 6.98 12.96 18.69
N ASP C 134 6.74 12.44 17.48
CA ASP C 134 5.38 12.33 16.97
C ASP C 134 4.58 11.30 17.76
N GLU C 135 5.27 10.52 18.58
CA GLU C 135 4.62 9.50 19.38
C GLU C 135 3.62 10.05 20.39
N VAL C 136 3.69 11.35 20.68
CA VAL C 136 2.78 11.98 21.64
C VAL C 136 1.35 11.97 21.14
N TYR C 137 1.19 11.90 19.82
CA TYR C 137 -0.13 11.92 19.21
C TYR C 137 -0.92 10.61 19.24
N GLY C 138 -0.33 9.54 19.76
CA GLY C 138 -1.03 8.26 19.80
C GLY C 138 -0.84 7.43 18.53
N ASP C 139 -1.92 6.85 18.00
CA ASP C 139 -1.81 6.02 16.80
C ASP C 139 -2.78 6.54 15.74
N LEU C 140 -2.53 6.19 14.48
CA LEU C 140 -3.39 6.59 13.37
C LEU C 140 -4.06 5.36 12.78
N PRO C 141 -5.25 5.55 12.12
CA PRO C 141 -5.87 4.40 11.39
C PRO C 141 -4.90 3.71 10.39
N HIS C 142 -4.88 2.38 10.37
CA HIS C 142 -4.04 1.63 9.47
C HIS C 142 -4.66 1.45 8.08
N PRO C 143 -3.85 1.34 7.03
CA PRO C 143 -4.47 1.18 5.69
C PRO C 143 -5.49 0.07 5.58
N ASP C 144 -5.22 -0.99 6.34
CA ASP C 144 -6.08 -2.16 6.25
C ASP C 144 -7.34 -2.11 7.09
N GLU C 145 -7.59 -0.99 7.76
CA GLU C 145 -8.78 -0.84 8.60
C GLU C 145 -9.72 0.10 7.86
N VAL C 146 -9.16 1.25 7.49
CA VAL C 146 -9.91 2.22 6.68
C VAL C 146 -10.03 1.57 5.32
N GLU C 147 -11.05 0.78 5.06
CA GLU C 147 -11.14 -0.04 3.86
C GLU C 147 -11.35 0.83 2.62
N ASN C 148 -10.78 0.25 1.50
CA ASN C 148 -10.89 0.75 0.14
C ASN C 148 -10.84 2.28 -0.11
N SER C 149 -9.64 2.85 -0.41
CA SER C 149 -9.53 4.28 -0.77
C SER C 149 -10.42 5.26 0.03
N VAL C 150 -9.82 5.77 1.12
CA VAL C 150 -10.46 6.68 2.06
C VAL C 150 -9.36 7.48 2.72
N THR C 151 -8.75 8.37 1.93
CA THR C 151 -7.60 9.19 2.37
C THR C 151 -7.40 9.14 3.89
N LEU C 152 -6.28 8.53 4.25
CA LEU C 152 -5.90 8.36 5.64
C LEU C 152 -5.47 9.65 6.34
N PRO C 153 -5.78 9.73 7.63
CA PRO C 153 -5.48 10.86 8.52
C PRO C 153 -3.98 10.99 8.77
N LEU C 154 -3.51 12.21 9.00
CA LEU C 154 -2.09 12.44 9.29
C LEU C 154 -1.95 13.18 10.61
N PHE C 155 -0.78 13.12 11.23
CA PHE C 155 -0.54 13.82 12.48
C PHE C 155 -0.35 15.32 12.16
N THR C 156 -1.19 16.20 12.71
CA THR C 156 -1.01 17.64 12.48
C THR C 156 -0.71 18.28 13.84
N GLU C 157 -0.35 19.57 13.83
CA GLU C 157 -0.04 20.24 15.08
C GLU C 157 -1.24 20.33 16.03
N THR C 158 -2.44 20.05 15.54
CA THR C 158 -3.62 20.14 16.40
C THR C 158 -4.22 18.79 16.73
N THR C 159 -3.49 17.74 16.41
CA THR C 159 -3.96 16.40 16.73
C THR C 159 -3.87 16.27 18.26
N ALA C 160 -4.90 15.64 18.84
CA ALA C 160 -4.94 15.46 20.28
C ALA C 160 -3.84 14.53 20.79
N TYR C 161 -3.31 14.82 21.97
CA TYR C 161 -2.24 14.00 22.56
C TYR C 161 -2.82 12.72 23.11
N ALA C 162 -2.15 11.60 22.86
CA ALA C 162 -2.60 10.28 23.33
C ALA C 162 -1.44 9.27 23.39
N PRO C 163 -0.34 9.63 24.07
CA PRO C 163 0.84 8.75 24.18
C PRO C 163 0.47 7.36 24.73
N SER C 164 0.97 6.30 24.12
CA SER C 164 0.62 4.96 24.59
C SER C 164 1.70 4.14 25.25
N SER C 165 2.89 4.71 25.45
CA SER C 165 3.97 3.99 26.11
C SER C 165 4.57 4.85 27.22
N PRO C 166 5.26 4.24 28.19
CA PRO C 166 5.84 5.09 29.24
C PRO C 166 6.76 6.18 28.65
N TYR C 167 7.55 5.82 27.63
CA TYR C 167 8.45 6.78 27.01
C TYR C 167 7.69 7.92 26.36
N SER C 168 6.70 7.59 25.54
CA SER C 168 5.95 8.65 24.88
C SER C 168 5.16 9.48 25.89
N ALA C 169 4.69 8.85 26.96
CA ALA C 169 4.00 9.60 28.00
C ALA C 169 4.95 10.62 28.60
N SER C 170 6.17 10.19 28.93
CA SER C 170 7.16 11.11 29.50
C SER C 170 7.47 12.29 28.56
N LYS C 171 7.57 12.03 27.25
CA LYS C 171 7.83 13.11 26.31
C LYS C 171 6.62 14.04 26.21
N ALA C 172 5.42 13.47 26.23
CA ALA C 172 4.23 14.30 26.14
C ALA C 172 4.21 15.26 27.34
N SER C 173 4.69 14.78 28.47
CA SER C 173 4.71 15.61 29.69
C SER C 173 5.70 16.76 29.56
N SER C 174 6.89 16.49 29.05
CA SER C 174 7.82 17.58 28.92
C SER C 174 7.21 18.62 27.95
N ASP C 175 6.44 18.18 26.97
CA ASP C 175 5.81 19.12 26.04
C ASP C 175 4.87 20.05 26.79
N HIS C 176 4.03 19.46 27.64
CA HIS C 176 3.09 20.24 28.42
C HIS C 176 3.82 21.25 29.33
N LEU C 177 4.92 20.83 29.96
CA LEU C 177 5.63 21.75 30.83
C LEU C 177 6.12 22.93 30.02
N VAL C 178 6.72 22.67 28.86
CA VAL C 178 7.25 23.71 28.01
C VAL C 178 6.18 24.73 27.59
N ARG C 179 5.00 24.28 27.25
CA ARG C 179 3.98 25.22 26.87
C ARG C 179 3.45 26.01 28.08
N ALA C 180 3.31 25.34 29.22
CA ALA C 180 2.81 26.05 30.38
C ALA C 180 3.78 27.15 30.84
N TRP C 181 5.07 26.92 30.68
CA TRP C 181 6.01 27.95 31.10
C TRP C 181 5.87 29.18 30.21
N ARG C 182 5.44 28.96 28.97
CA ARG C 182 5.24 30.05 28.02
C ARG C 182 4.01 30.84 28.42
N ARG C 183 2.87 30.17 28.55
CA ARG C 183 1.63 30.84 28.92
C ARG C 183 1.62 31.36 30.34
N THR C 184 2.39 30.76 31.24
CA THR C 184 2.40 31.21 32.61
C THR C 184 3.47 32.26 32.94
N TYR C 185 4.67 32.13 32.37
CA TYR C 185 5.71 33.10 32.69
C TYR C 185 6.16 33.93 31.50
N GLY C 186 5.59 33.62 30.33
CA GLY C 186 5.93 34.36 29.13
C GLY C 186 7.22 33.91 28.49
N LEU C 187 7.78 32.80 28.95
CA LEU C 187 9.03 32.29 28.39
C LEU C 187 8.80 31.96 26.90
N PRO C 188 9.60 32.54 26.00
CA PRO C 188 9.43 32.26 24.56
C PRO C 188 9.90 30.85 24.19
N THR C 189 8.95 29.91 24.22
CA THR C 189 9.23 28.52 23.91
C THR C 189 8.64 28.10 22.56
N ILE C 190 9.28 27.11 21.95
CA ILE C 190 8.83 26.53 20.69
C ILE C 190 8.89 25.02 20.83
N VAL C 191 7.95 24.33 20.17
CA VAL C 191 7.89 22.87 20.23
C VAL C 191 7.83 22.19 18.86
N THR C 192 8.74 21.24 18.63
CA THR C 192 8.71 20.51 17.37
C THR C 192 8.59 19.01 17.65
N ASN C 193 7.70 18.37 16.89
CA ASN C 193 7.45 16.93 17.00
C ASN C 193 7.82 16.31 15.67
N CYS C 194 8.81 15.40 15.66
CA CYS C 194 9.21 14.75 14.41
C CYS C 194 8.95 13.26 14.41
N SER C 195 9.09 12.66 13.23
CA SER C 195 8.90 11.22 13.06
C SER C 195 10.24 10.51 13.23
N ASN C 196 10.26 9.21 12.97
CA ASN C 196 11.46 8.41 13.12
C ASN C 196 12.63 8.89 12.28
N ASN C 197 13.78 9.05 12.95
CA ASN C 197 15.00 9.46 12.28
C ASN C 197 15.85 8.24 11.96
N TYR C 198 16.65 8.35 10.89
CA TYR C 198 17.58 7.30 10.51
C TYR C 198 18.74 8.03 9.82
N GLY C 199 19.88 7.37 9.71
CA GLY C 199 21.01 8.01 9.07
C GLY C 199 22.33 7.68 9.78
N PRO C 200 23.39 8.43 9.46
CA PRO C 200 24.71 8.22 10.08
C PRO C 200 24.81 8.41 11.61
N TYR C 201 25.68 7.63 12.24
CA TYR C 201 25.88 7.69 13.68
C TYR C 201 24.73 7.11 14.51
N HIS C 202 23.82 6.40 13.87
CA HIS C 202 22.71 5.77 14.57
C HIS C 202 23.32 4.51 15.23
N PHE C 203 23.04 4.26 16.50
CA PHE C 203 23.61 3.09 17.18
C PHE C 203 23.30 1.77 16.51
N PRO C 204 24.24 0.82 16.57
CA PRO C 204 24.18 -0.52 15.97
C PRO C 204 22.95 -1.35 16.23
N GLU C 205 22.32 -1.17 17.39
CA GLU C 205 21.16 -1.97 17.72
C GLU C 205 19.84 -1.41 17.25
N LYS C 206 19.85 -0.21 16.66
CA LYS C 206 18.61 0.39 16.16
C LYS C 206 18.17 -0.37 14.91
N LEU C 207 16.87 -0.31 14.64
CA LEU C 207 16.28 -0.99 13.50
C LEU C 207 17.04 -0.94 12.17
N ILE C 208 17.11 0.20 11.52
CA ILE C 208 17.81 0.25 10.24
C ILE C 208 19.29 -0.16 10.33
N PRO C 209 20.01 0.33 11.35
CA PRO C 209 21.43 -0.07 11.44
C PRO C 209 21.58 -1.57 11.67
N LEU C 210 20.70 -2.14 12.47
CA LEU C 210 20.76 -3.58 12.75
C LEU C 210 20.56 -4.42 11.50
N VAL C 211 19.64 -4.00 10.64
CA VAL C 211 19.39 -4.73 9.41
C VAL C 211 20.63 -4.65 8.54
N ILE C 212 21.16 -3.45 8.35
CA ILE C 212 22.36 -3.29 7.54
C ILE C 212 23.54 -4.15 8.02
N LEU C 213 23.78 -4.13 9.33
CA LEU C 213 24.91 -4.87 9.85
C LEU C 213 24.71 -6.38 9.89
N ASN C 214 23.56 -6.82 10.39
CA ASN C 214 23.29 -8.25 10.42
C ASN C 214 23.43 -8.76 9.01
N ALA C 215 22.95 -7.97 8.07
CA ALA C 215 23.08 -8.39 6.68
C ALA C 215 24.56 -8.67 6.45
N LEU C 216 25.39 -7.65 6.58
CA LEU C 216 26.83 -7.79 6.37
C LEU C 216 27.50 -8.93 7.15
N GLU C 217 27.04 -9.22 8.36
CA GLU C 217 27.65 -10.29 9.12
C GLU C 217 27.09 -11.62 8.69
N GLY C 218 26.10 -11.57 7.80
CA GLY C 218 25.48 -12.80 7.33
C GLY C 218 24.44 -13.34 8.31
N LYS C 219 23.90 -12.47 9.16
CA LYS C 219 22.89 -12.93 10.09
C LYS C 219 21.47 -12.68 9.58
N PRO C 220 20.47 -13.26 10.26
CA PRO C 220 19.04 -13.17 9.96
C PRO C 220 18.56 -11.74 9.99
N LEU C 221 17.64 -11.40 9.09
CA LEU C 221 17.05 -10.07 9.00
C LEU C 221 15.57 -10.26 9.33
N PRO C 222 15.21 -10.14 10.63
CA PRO C 222 13.83 -10.32 11.11
C PRO C 222 12.78 -9.30 10.65
N ILE C 223 11.63 -9.80 10.26
CA ILE C 223 10.48 -8.97 9.91
C ILE C 223 9.44 -9.43 10.91
N TYR C 224 9.08 -8.55 11.83
CA TYR C 224 8.11 -8.91 12.86
C TYR C 224 6.71 -8.94 12.29
N GLY C 225 6.01 -10.06 12.55
CA GLY C 225 4.66 -10.23 12.06
C GLY C 225 4.60 -10.11 10.55
N LYS C 226 3.72 -9.25 10.06
CA LYS C 226 3.58 -9.09 8.63
C LYS C 226 4.42 -7.95 8.10
N GLY C 227 5.24 -7.33 8.96
CA GLY C 227 6.04 -6.20 8.51
C GLY C 227 5.04 -5.06 8.35
N ASP C 228 3.97 -5.18 9.13
CA ASP C 228 2.80 -4.30 9.16
C ASP C 228 3.06 -2.82 9.46
N GLN C 229 3.73 -2.61 10.59
CA GLN C 229 4.04 -1.29 11.12
C GLN C 229 4.43 -0.22 10.12
N ILE C 230 3.71 0.90 10.18
CA ILE C 230 3.99 2.02 9.30
C ILE C 230 4.61 3.18 10.09
N ARG C 231 5.67 3.75 9.53
CA ARG C 231 6.40 4.86 10.13
C ARG C 231 6.85 5.84 9.04
N ASP C 232 7.01 7.10 9.43
CA ASP C 232 7.42 8.17 8.55
C ASP C 232 8.92 8.35 8.79
N TRP C 233 9.75 7.99 7.82
CA TRP C 233 11.18 8.10 8.04
C TRP C 233 11.79 9.41 7.58
N LEU C 234 12.43 10.08 8.52
CA LEU C 234 13.08 11.37 8.31
C LEU C 234 14.59 11.26 8.47
N TYR C 235 15.31 11.60 7.41
CA TYR C 235 16.78 11.55 7.41
C TYR C 235 17.32 12.53 8.46
N VAL C 236 18.22 12.05 9.31
CA VAL C 236 18.76 12.87 10.37
C VAL C 236 19.34 14.22 9.91
N GLU C 237 20.07 14.24 8.79
CA GLU C 237 20.63 15.49 8.32
C GLU C 237 19.54 16.49 7.91
N ASP C 238 18.37 15.96 7.54
CA ASP C 238 17.28 16.84 7.15
C ASP C 238 16.69 17.41 8.43
N HIS C 239 16.45 16.53 9.40
CA HIS C 239 15.90 16.97 10.67
C HIS C 239 16.83 18.07 11.24
N ALA C 240 18.13 17.85 11.18
CA ALA C 240 19.07 18.82 11.69
C ALA C 240 18.86 20.18 11.04
N ARG C 241 18.71 20.21 9.71
CA ARG C 241 18.48 21.47 9.04
C ARG C 241 17.16 22.10 9.50
N ALA C 242 16.09 21.33 9.60
CA ALA C 242 14.82 21.89 10.05
C ALA C 242 14.95 22.53 11.45
N LEU C 243 15.62 21.84 12.36
CA LEU C 243 15.78 22.34 13.71
C LEU C 243 16.46 23.69 13.76
N HIS C 244 17.56 23.83 13.02
CA HIS C 244 18.28 25.08 13.03
C HIS C 244 17.43 26.19 12.44
N MET C 245 16.66 25.84 11.42
CA MET C 245 15.76 26.78 10.81
C MET C 245 14.76 27.27 11.83
N VAL C 246 14.16 26.32 12.56
CA VAL C 246 13.15 26.64 13.55
C VAL C 246 13.67 27.53 14.68
N VAL C 247 14.82 27.18 15.25
CA VAL C 247 15.33 27.96 16.35
C VAL C 247 15.67 29.41 15.94
N THR C 248 16.09 29.60 14.70
CA THR C 248 16.45 30.94 14.25
C THR C 248 15.31 31.71 13.63
N GLU C 249 14.35 31.03 13.02
CA GLU C 249 13.23 31.72 12.37
C GLU C 249 11.87 31.38 12.95
N GLY C 250 11.82 30.41 13.85
CA GLY C 250 10.57 30.00 14.46
C GLY C 250 9.91 31.07 15.29
N LYS C 251 8.58 31.04 15.35
CA LYS C 251 7.84 32.03 16.11
C LYS C 251 7.47 31.52 17.51
N ALA C 252 7.79 32.30 18.54
CA ALA C 252 7.48 31.90 19.92
C ALA C 252 6.02 31.49 20.13
N GLY C 253 5.82 30.37 20.83
CA GLY C 253 4.48 29.88 21.09
C GLY C 253 3.91 29.03 19.97
N GLU C 254 4.75 28.71 18.98
CA GLU C 254 4.33 27.89 17.85
C GLU C 254 4.80 26.45 17.96
N THR C 255 4.08 25.56 17.28
CA THR C 255 4.42 24.14 17.25
C THR C 255 4.63 23.77 15.78
N TYR C 256 5.61 22.92 15.50
CA TYR C 256 5.89 22.48 14.14
C TYR C 256 6.13 20.97 14.06
N ASN C 257 5.42 20.28 13.19
CA ASN C 257 5.64 18.85 13.01
C ASN C 257 6.71 18.71 11.92
N ILE C 258 7.64 17.76 12.08
CA ILE C 258 8.68 17.56 11.09
C ILE C 258 8.75 16.10 10.65
N GLY C 259 8.65 15.88 9.33
CA GLY C 259 8.67 14.53 8.80
C GLY C 259 9.34 14.46 7.45
N GLY C 260 9.67 13.25 7.03
CA GLY C 260 10.34 13.05 5.75
C GLY C 260 9.43 13.00 4.54
N HIS C 261 8.15 13.33 4.74
CA HIS C 261 7.17 13.30 3.66
C HIS C 261 7.05 11.92 3.02
N ASN C 262 6.87 10.89 3.84
CA ASN C 262 6.70 9.54 3.32
C ASN C 262 6.01 8.66 4.36
N GLU C 263 5.85 7.40 4.03
CA GLU C 263 5.17 6.46 4.92
C GLU C 263 5.67 5.11 4.45
N LYS C 264 6.22 4.29 5.34
CA LYS C 264 6.75 2.97 4.96
C LYS C 264 6.49 1.82 5.94
N LYS C 265 6.20 0.64 5.38
CA LYS C 265 5.99 -0.55 6.21
C LYS C 265 7.38 -1.08 6.54
N ASN C 266 7.55 -1.67 7.72
CA ASN C 266 8.86 -2.20 8.08
C ASN C 266 9.38 -3.14 6.99
N LEU C 267 8.51 -4.05 6.55
CA LEU C 267 8.86 -4.99 5.50
C LEU C 267 9.45 -4.25 4.30
N ASP C 268 8.91 -3.08 3.98
CA ASP C 268 9.44 -2.33 2.85
C ASP C 268 10.85 -1.84 3.17
N VAL C 269 11.08 -1.50 4.43
CA VAL C 269 12.39 -1.01 4.83
C VAL C 269 13.43 -2.09 4.69
N VAL C 270 13.13 -3.29 5.20
CA VAL C 270 14.08 -4.39 5.13
C VAL C 270 14.40 -4.75 3.69
N PHE C 271 13.38 -4.82 2.85
CA PHE C 271 13.63 -5.17 1.47
C PHE C 271 14.41 -4.12 0.74
N THR C 272 14.12 -2.85 0.99
CA THR C 272 14.85 -1.79 0.32
C THR C 272 16.32 -1.88 0.70
N ILE C 273 16.61 -2.19 1.97
CA ILE C 273 18.01 -2.28 2.37
C ILE C 273 18.71 -3.44 1.65
N CYS C 274 18.05 -4.59 1.59
CA CYS C 274 18.62 -5.74 0.90
C CYS C 274 18.85 -5.43 -0.58
N ASP C 275 17.92 -4.72 -1.21
CA ASP C 275 18.10 -4.41 -2.61
C ASP C 275 19.33 -3.54 -2.83
N LEU C 276 19.53 -2.57 -1.95
CA LEU C 276 20.69 -1.68 -2.07
C LEU C 276 21.98 -2.43 -1.80
N LEU C 277 21.93 -3.34 -0.83
CA LEU C 277 23.12 -4.10 -0.54
C LEU C 277 23.39 -5.09 -1.67
N ASP C 278 22.38 -5.43 -2.48
CA ASP C 278 22.62 -6.34 -3.58
C ASP C 278 23.27 -5.55 -4.70
N GLU C 279 22.85 -4.30 -4.86
CA GLU C 279 23.41 -3.43 -5.90
C GLU C 279 24.85 -3.12 -5.58
N ILE C 280 25.05 -2.54 -4.40
CA ILE C 280 26.39 -2.21 -3.91
C ILE C 280 26.77 -3.48 -3.18
N VAL C 281 28.06 -3.79 -3.05
CA VAL C 281 28.46 -5.01 -2.33
C VAL C 281 27.73 -6.29 -2.78
N PRO C 282 27.73 -6.58 -4.10
CA PRO C 282 27.07 -7.78 -4.60
C PRO C 282 27.89 -8.97 -4.15
N LYS C 283 27.25 -10.08 -3.81
CA LYS C 283 27.98 -11.26 -3.40
C LYS C 283 27.44 -12.51 -4.08
N ALA C 284 27.81 -13.68 -3.56
CA ALA C 284 27.36 -14.96 -4.12
C ALA C 284 25.83 -15.13 -4.06
N THR C 285 25.25 -14.75 -2.93
CA THR C 285 23.80 -14.85 -2.75
C THR C 285 23.19 -13.50 -2.42
N SER C 286 21.90 -13.36 -2.69
CA SER C 286 21.19 -12.13 -2.37
C SER C 286 21.11 -12.07 -0.87
N TYR C 287 20.98 -10.87 -0.35
CA TYR C 287 20.89 -10.65 1.09
C TYR C 287 19.51 -11.00 1.53
N ARG C 288 18.57 -10.88 0.60
CA ARG C 288 17.17 -11.19 0.86
C ARG C 288 17.08 -12.54 1.52
N GLU C 289 17.94 -13.44 1.07
CA GLU C 289 17.97 -14.81 1.58
C GLU C 289 18.12 -14.89 3.09
N GLN C 290 18.50 -13.81 3.73
CA GLN C 290 18.66 -13.84 5.18
C GLN C 290 17.41 -13.38 5.90
N ILE C 291 16.47 -12.83 5.15
CA ILE C 291 15.21 -12.36 5.72
C ILE C 291 14.45 -13.52 6.34
N THR C 292 13.95 -13.33 7.54
CA THR C 292 13.18 -14.37 8.18
C THR C 292 12.01 -13.71 8.90
N TYR C 293 10.95 -14.47 9.11
CA TYR C 293 9.77 -13.94 9.78
C TYR C 293 9.84 -14.30 11.25
N VAL C 294 9.42 -13.38 12.12
CA VAL C 294 9.39 -13.64 13.57
C VAL C 294 8.14 -13.01 14.13
N ALA C 295 7.55 -13.62 15.16
CA ALA C 295 6.33 -13.08 15.78
C ALA C 295 6.57 -11.62 16.14
N ASP C 296 5.50 -10.82 16.27
CA ASP C 296 5.71 -9.41 16.63
C ASP C 296 5.27 -9.03 18.05
N ARG C 297 5.31 -7.72 18.36
CA ARG C 297 4.97 -7.17 19.69
C ARG C 297 3.48 -7.09 20.08
N PRO C 298 3.28 -7.42 21.37
CA PRO C 298 1.98 -7.32 22.15
C PRO C 298 1.40 -5.91 22.41
N GLY C 299 1.53 -5.01 21.47
CA GLY C 299 1.10 -3.67 21.73
C GLY C 299 2.23 -2.78 21.27
N HIS C 300 1.94 -2.08 20.21
CA HIS C 300 2.73 -1.19 19.48
C HIS C 300 1.77 -0.39 18.66
N ASP C 301 2.08 0.84 18.30
CA ASP C 301 1.18 1.58 17.45
C ASP C 301 1.44 1.12 16.00
N ARG C 302 0.37 1.00 15.23
CA ARG C 302 0.48 0.50 13.85
C ARG C 302 0.90 1.50 12.81
N ARG C 303 0.54 2.76 12.97
CA ARG C 303 0.90 3.73 11.95
C ARG C 303 1.18 5.14 12.44
N TYR C 304 2.33 5.68 12.04
CA TYR C 304 2.70 7.03 12.37
C TYR C 304 2.98 7.68 11.03
N ALA C 305 2.40 8.86 10.82
CA ALA C 305 2.61 9.57 9.57
C ALA C 305 2.42 11.03 9.88
N ILE C 306 3.37 11.86 9.49
CA ILE C 306 3.28 13.28 9.78
C ILE C 306 2.93 14.20 8.63
N ASP C 307 2.09 15.17 8.91
CA ASP C 307 1.70 16.18 7.93
C ASP C 307 2.62 17.35 8.26
N ALA C 308 3.66 17.56 7.44
CA ALA C 308 4.60 18.65 7.69
C ALA C 308 4.29 19.89 6.87
N GLY C 309 3.02 20.04 6.53
CA GLY C 309 2.58 21.17 5.72
C GLY C 309 2.83 22.53 6.35
N LYS C 310 2.49 22.66 7.63
CA LYS C 310 2.68 23.93 8.31
C LYS C 310 4.10 24.48 8.28
N ILE C 311 5.10 23.66 8.64
CA ILE C 311 6.46 24.17 8.64
C ILE C 311 6.91 24.53 7.23
N SER C 312 6.33 23.86 6.24
CA SER C 312 6.65 24.16 4.84
C SER C 312 6.06 25.55 4.52
N ARG C 313 4.75 25.66 4.71
CA ARG C 313 4.02 26.90 4.45
C ARG C 313 4.60 28.10 5.16
N GLU C 314 4.84 27.97 6.46
CA GLU C 314 5.35 29.07 7.26
C GLU C 314 6.85 29.32 7.32
N LEU C 315 7.67 28.28 7.19
CA LEU C 315 9.11 28.50 7.26
C LEU C 315 9.81 28.07 6.00
N GLY C 316 9.06 27.43 5.12
CA GLY C 316 9.62 26.97 3.86
C GLY C 316 10.59 25.81 3.95
N TRP C 317 10.36 24.88 4.88
CA TRP C 317 11.26 23.72 4.99
C TRP C 317 10.65 22.46 4.40
N LYS C 318 11.48 21.74 3.66
CA LYS C 318 11.10 20.47 3.04
C LYS C 318 12.34 19.59 3.03
N PRO C 319 12.15 18.28 3.22
CA PRO C 319 13.31 17.40 3.21
C PRO C 319 14.00 17.41 1.85
N LEU C 320 15.32 17.33 1.87
CA LEU C 320 16.08 17.31 0.63
C LEU C 320 16.14 15.88 0.14
N GLU C 321 16.17 14.94 1.06
CA GLU C 321 16.22 13.52 0.70
C GLU C 321 14.84 12.92 0.54
N THR C 322 14.78 11.74 -0.03
CA THR C 322 13.61 10.95 -0.16
C THR C 322 13.97 9.73 0.65
N PHE C 323 13.05 8.83 0.93
CA PHE C 323 13.48 7.66 1.66
C PHE C 323 14.54 6.94 0.82
N GLU C 324 14.31 6.86 -0.49
CA GLU C 324 15.23 6.17 -1.39
C GLU C 324 16.66 6.74 -1.33
N SER C 325 16.80 8.03 -1.55
CA SER C 325 18.14 8.62 -1.52
C SER C 325 18.75 8.57 -0.13
N GLY C 326 17.90 8.70 0.88
CA GLY C 326 18.38 8.68 2.25
C GLY C 326 18.87 7.31 2.69
N ILE C 327 18.13 6.26 2.38
CA ILE C 327 18.53 4.92 2.77
C ILE C 327 19.84 4.57 2.10
N ARG C 328 19.98 4.98 0.85
CA ARG C 328 21.20 4.70 0.12
C ARG C 328 22.38 5.34 0.85
N LYS C 329 22.23 6.61 1.26
CA LYS C 329 23.32 7.28 1.96
C LYS C 329 23.67 6.59 3.26
N THR C 330 22.65 6.10 3.94
CA THR C 330 22.85 5.42 5.21
C THR C 330 23.65 4.15 5.00
N VAL C 331 23.28 3.34 4.01
CA VAL C 331 24.01 2.10 3.76
C VAL C 331 25.47 2.39 3.45
N GLU C 332 25.71 3.40 2.65
CA GLU C 332 27.06 3.76 2.30
C GLU C 332 27.83 4.17 3.52
N TRP C 333 27.15 4.84 4.43
CA TRP C 333 27.79 5.31 5.66
C TRP C 333 28.27 4.16 6.53
N TYR C 334 27.41 3.17 6.79
CA TYR C 334 27.82 2.03 7.60
C TYR C 334 28.91 1.20 6.96
N LEU C 335 28.88 1.09 5.63
CA LEU C 335 29.93 0.33 4.95
C LEU C 335 31.26 1.06 5.17
N ALA C 336 31.23 2.41 5.13
CA ALA C 336 32.43 3.22 5.31
C ALA C 336 32.84 3.52 6.75
N ASN C 337 32.05 3.09 7.73
CA ASN C 337 32.37 3.41 9.11
C ASN C 337 32.37 2.28 10.13
N THR C 338 32.99 1.16 9.75
CA THR C 338 33.07 0.01 10.63
C THR C 338 33.82 0.35 11.92
N GLN C 339 34.79 1.27 11.83
CA GLN C 339 35.58 1.68 12.99
C GLN C 339 34.64 2.20 14.07
N TRP C 340 33.82 3.18 13.69
CA TRP C 340 32.86 3.79 14.61
C TRP C 340 31.97 2.69 15.20
N VAL C 341 31.41 1.88 14.32
CA VAL C 341 30.56 0.81 14.78
C VAL C 341 31.27 -0.12 15.76
N ASN C 342 32.52 -0.47 15.47
CA ASN C 342 33.24 -1.38 16.36
C ASN C 342 33.53 -0.77 17.75
N ASN C 343 33.85 0.53 17.79
CA ASN C 343 34.12 1.17 19.06
C ASN C 343 32.86 1.22 19.93
N VAL C 344 31.69 1.23 19.29
CA VAL C 344 30.44 1.24 20.02
C VAL C 344 30.21 -0.19 20.51
N LYS C 345 30.34 -1.15 19.63
CA LYS C 345 30.12 -2.54 20.01
C LYS C 345 31.05 -3.03 21.12
N SER C 346 32.27 -2.51 21.14
CA SER C 346 33.23 -2.95 22.15
C SER C 346 33.14 -2.18 23.47
N GLY C 347 32.55 -0.98 23.42
CA GLY C 347 32.46 -0.17 24.63
C GLY C 347 33.54 0.89 24.63
N ALA C 348 34.54 0.72 23.79
CA ALA C 348 35.66 1.67 23.70
C ALA C 348 35.24 3.14 23.57
N TYR C 349 34.09 3.40 22.95
CA TYR C 349 33.63 4.78 22.76
C TYR C 349 33.40 5.50 24.09
N GLN C 350 33.19 4.75 25.16
CA GLN C 350 32.96 5.39 26.45
C GLN C 350 34.24 5.77 27.18
N SER C 351 35.30 6.06 26.43
CA SER C 351 36.56 6.46 27.04
C SER C 351 36.90 7.86 26.58
N TRP C 352 35.90 8.51 25.97
CA TRP C 352 35.99 9.87 25.46
C TRP C 352 36.43 9.96 23.99
N MET D 1 -15.67 -4.99 49.32
CA MET D 1 -14.52 -4.56 48.47
C MET D 1 -13.61 -3.64 49.28
N LYS D 2 -12.31 -3.92 49.27
CA LYS D 2 -11.38 -3.06 49.99
C LYS D 2 -10.78 -2.07 48.98
N ILE D 3 -10.95 -0.78 49.25
CA ILE D 3 -10.47 0.28 48.38
C ILE D 3 -9.30 1.01 49.03
N LEU D 4 -8.19 1.08 48.31
CA LEU D 4 -7.01 1.78 48.83
C LEU D 4 -7.11 3.18 48.23
N ILE D 5 -7.11 4.18 49.11
CA ILE D 5 -7.24 5.58 48.69
C ILE D 5 -6.07 6.47 49.10
N THR D 6 -5.57 7.25 48.15
CA THR D 6 -4.46 8.16 48.45
C THR D 6 -5.06 9.55 48.56
N GLY D 7 -4.52 10.36 49.47
CA GLY D 7 -5.03 11.71 49.65
C GLY D 7 -6.37 11.76 50.37
N GLY D 8 -6.62 10.74 51.18
CA GLY D 8 -7.87 10.64 51.90
C GLY D 8 -8.11 11.70 52.94
N ALA D 9 -7.07 12.39 53.40
CA ALA D 9 -7.26 13.44 54.39
C ALA D 9 -7.46 14.83 53.73
N GLY D 10 -7.48 14.87 52.41
CA GLY D 10 -7.66 16.15 51.72
C GLY D 10 -9.11 16.55 51.58
N PHE D 11 -9.34 17.68 50.92
CA PHE D 11 -10.68 18.20 50.70
C PHE D 11 -11.63 17.15 50.12
N ILE D 12 -11.44 16.80 48.86
CA ILE D 12 -12.25 15.82 48.16
C ILE D 12 -12.09 14.42 48.72
N GLY D 13 -10.84 14.04 48.98
CA GLY D 13 -10.56 12.72 49.53
C GLY D 13 -11.34 12.46 50.81
N SER D 14 -11.41 13.43 51.72
CA SER D 14 -12.15 13.19 52.95
C SER D 14 -13.64 12.97 52.63
N ALA D 15 -14.16 13.65 51.61
CA ALA D 15 -15.56 13.46 51.24
C ALA D 15 -15.78 12.05 50.70
N VAL D 16 -14.77 11.52 50.02
CA VAL D 16 -14.85 10.16 49.47
C VAL D 16 -14.83 9.15 50.60
N VAL D 17 -13.86 9.29 51.49
CA VAL D 17 -13.75 8.38 52.63
C VAL D 17 -15.06 8.38 53.43
N ARG D 18 -15.51 9.56 53.85
CA ARG D 18 -16.75 9.63 54.63
C ARG D 18 -17.90 8.95 53.92
N HIS D 19 -18.01 9.12 52.61
CA HIS D 19 -19.11 8.50 51.87
C HIS D 19 -19.08 6.98 51.88
N ILE D 20 -17.89 6.41 51.73
CA ILE D 20 -17.74 4.96 51.71
C ILE D 20 -18.06 4.35 53.07
N ILE D 21 -17.66 5.02 54.14
CA ILE D 21 -17.93 4.50 55.46
C ILE D 21 -19.40 4.71 55.86
N LYS D 22 -19.95 5.87 55.54
CA LYS D 22 -21.34 6.16 55.91
C LYS D 22 -22.40 5.52 55.04
N ASN D 23 -22.12 5.36 53.75
CA ASN D 23 -23.13 4.83 52.85
C ASN D 23 -22.84 3.62 52.02
N THR D 24 -21.82 2.86 52.36
CA THR D 24 -21.52 1.67 51.56
C THR D 24 -21.08 0.51 52.42
N GLN D 25 -20.91 -0.63 51.77
CA GLN D 25 -20.49 -1.84 52.44
C GLN D 25 -18.98 -1.99 52.36
N ASP D 26 -18.34 -1.17 51.52
CA ASP D 26 -16.89 -1.24 51.34
C ASP D 26 -16.09 -0.79 52.52
N THR D 27 -14.82 -1.17 52.50
CA THR D 27 -13.87 -0.82 53.55
C THR D 27 -12.77 0.04 52.90
N VAL D 28 -12.02 0.79 53.70
CA VAL D 28 -10.99 1.64 53.13
C VAL D 28 -9.71 1.80 53.96
N VAL D 29 -8.59 1.83 53.24
CA VAL D 29 -7.29 2.08 53.85
C VAL D 29 -6.85 3.40 53.22
N ASN D 30 -6.65 4.40 54.05
CA ASN D 30 -6.28 5.73 53.60
C ASN D 30 -4.80 6.08 53.75
N ILE D 31 -4.14 6.26 52.60
CA ILE D 31 -2.73 6.60 52.58
C ILE D 31 -2.60 8.10 52.34
N ASP D 32 -2.04 8.82 53.30
CA ASP D 32 -1.90 10.26 53.17
C ASP D 32 -0.65 10.68 53.90
N LYS D 33 0.14 11.58 53.33
CA LYS D 33 1.34 12.00 54.02
C LYS D 33 1.10 13.22 54.91
N LEU D 34 -0.11 13.71 54.91
CA LEU D 34 -0.46 14.85 55.74
C LEU D 34 0.38 16.11 55.56
N THR D 35 0.28 16.72 54.38
CA THR D 35 0.93 17.98 54.11
C THR D 35 0.06 19.07 54.71
N TYR D 36 0.41 20.32 54.47
CA TYR D 36 -0.38 21.43 54.99
C TYR D 36 -1.82 21.28 54.52
N ALA D 37 -2.02 20.45 53.48
CA ALA D 37 -3.36 20.27 52.94
C ALA D 37 -4.21 19.18 53.60
N GLY D 38 -3.55 18.28 54.33
CA GLY D 38 -4.26 17.19 54.99
C GLY D 38 -4.86 17.59 56.33
N ASN D 39 -6.04 17.04 56.66
CA ASN D 39 -6.65 17.39 57.93
C ASN D 39 -7.41 16.18 58.50
N LEU D 40 -6.81 15.55 59.50
CA LEU D 40 -7.44 14.40 60.13
C LEU D 40 -8.77 14.74 60.81
N GLU D 41 -8.96 16.02 61.12
CA GLU D 41 -10.22 16.45 61.74
C GLU D 41 -11.38 16.30 60.75
N SER D 42 -11.06 16.34 59.47
CA SER D 42 -12.09 16.22 58.47
C SER D 42 -12.56 14.79 58.36
N LEU D 43 -11.89 13.91 59.07
CA LEU D 43 -12.24 12.49 59.07
C LEU D 43 -12.67 12.04 60.47
N SER D 44 -12.73 12.98 61.40
CA SER D 44 -13.07 12.71 62.79
C SER D 44 -14.30 11.86 63.08
N ASP D 45 -15.40 12.05 62.37
CA ASP D 45 -16.53 11.20 62.71
C ASP D 45 -16.63 9.94 61.85
N ILE D 46 -15.47 9.41 61.47
CA ILE D 46 -15.38 8.20 60.64
C ILE D 46 -14.15 7.38 61.02
N SER D 47 -13.15 8.06 61.59
CA SER D 47 -11.87 7.45 61.95
C SER D 47 -11.86 6.28 62.94
N GLU D 48 -12.96 6.06 63.65
CA GLU D 48 -13.00 4.96 64.60
C GLU D 48 -13.59 3.68 64.01
N SER D 49 -14.20 3.81 62.82
CA SER D 49 -14.80 2.66 62.17
C SER D 49 -13.75 1.57 61.96
N ASN D 50 -14.12 0.32 62.22
CA ASN D 50 -13.17 -0.75 62.02
C ASN D 50 -13.03 -1.02 60.53
N ARG D 51 -13.89 -0.40 59.72
CA ARG D 51 -13.81 -0.54 58.29
C ARG D 51 -12.89 0.52 57.67
N TYR D 52 -12.23 1.29 58.53
CA TYR D 52 -11.34 2.35 58.08
C TYR D 52 -9.96 2.18 58.71
N ASN D 53 -8.93 2.39 57.90
CA ASN D 53 -7.56 2.30 58.37
C ASN D 53 -6.74 3.43 57.79
N PHE D 54 -5.86 3.99 58.60
CA PHE D 54 -5.03 5.08 58.17
C PHE D 54 -3.56 4.71 58.13
N GLU D 55 -2.91 5.09 57.04
CA GLU D 55 -1.48 4.84 56.85
C GLU D 55 -0.80 6.17 56.52
N HIS D 56 0.03 6.66 57.46
CA HIS D 56 0.74 7.92 57.28
C HIS D 56 1.96 7.69 56.37
N ALA D 57 1.81 7.90 55.07
CA ALA D 57 2.91 7.68 54.15
C ALA D 57 2.90 8.55 52.91
N ASP D 58 4.05 8.61 52.25
CA ASP D 58 4.25 9.39 51.04
C ASP D 58 4.15 8.48 49.83
N ILE D 59 3.31 8.79 48.86
CA ILE D 59 3.19 7.93 47.68
C ILE D 59 4.52 7.72 46.93
N CYS D 60 5.52 8.55 47.21
CA CYS D 60 6.83 8.42 46.56
C CYS D 60 7.68 7.31 47.18
N ASP D 61 7.32 6.96 48.40
CA ASP D 61 8.00 5.93 49.17
C ASP D 61 7.57 4.52 48.71
N SER D 62 8.22 4.01 47.68
CA SER D 62 7.87 2.70 47.12
C SER D 62 7.87 1.54 48.11
N ALA D 63 8.92 1.45 48.92
CA ALA D 63 9.00 0.37 49.90
C ALA D 63 7.76 0.43 50.78
N GLU D 64 7.47 1.58 51.38
CA GLU D 64 6.29 1.69 52.25
C GLU D 64 4.99 1.37 51.53
N ILE D 65 4.81 1.95 50.34
CA ILE D 65 3.58 1.72 49.58
C ILE D 65 3.46 0.25 49.19
N THR D 66 4.59 -0.40 48.95
CA THR D 66 4.57 -1.81 48.60
C THR D 66 4.14 -2.61 49.80
N ARG D 67 4.68 -2.28 50.97
CA ARG D 67 4.29 -2.99 52.18
C ARG D 67 2.78 -2.92 52.33
N ILE D 68 2.25 -1.69 52.26
CA ILE D 68 0.82 -1.44 52.40
C ILE D 68 -0.06 -2.23 51.43
N PHE D 69 0.33 -2.32 50.16
CA PHE D 69 -0.47 -3.08 49.22
C PHE D 69 -0.45 -4.54 49.64
N GLU D 70 0.74 -5.05 49.97
CA GLU D 70 0.88 -6.43 50.38
C GLU D 70 0.00 -6.73 51.57
N GLN D 71 0.06 -5.84 52.57
CA GLN D 71 -0.74 -6.05 53.76
C GLN D 71 -2.26 -5.91 53.67
N TYR D 72 -2.76 -5.00 52.84
CA TYR D 72 -4.21 -4.86 52.76
C TYR D 72 -4.85 -5.53 51.57
N GLN D 73 -4.03 -6.01 50.63
CA GLN D 73 -4.57 -6.70 49.44
C GLN D 73 -5.82 -5.97 48.93
N PRO D 74 -5.65 -4.76 48.40
CA PRO D 74 -6.72 -3.91 47.87
C PRO D 74 -7.47 -4.51 46.69
N ASP D 75 -8.75 -4.24 46.60
CA ASP D 75 -9.53 -4.72 45.46
C ASP D 75 -9.50 -3.62 44.41
N ALA D 76 -9.14 -2.42 44.83
CA ALA D 76 -9.09 -1.27 43.92
C ALA D 76 -8.37 -0.09 44.54
N VAL D 77 -7.97 0.82 43.67
CA VAL D 77 -7.25 2.02 44.07
C VAL D 77 -7.91 3.29 43.56
N MET D 78 -8.00 4.29 44.43
CA MET D 78 -8.54 5.60 44.08
C MET D 78 -7.41 6.59 44.41
N HIS D 79 -6.76 7.11 43.37
CA HIS D 79 -5.64 8.02 43.52
C HIS D 79 -6.02 9.51 43.47
N LEU D 80 -6.13 10.13 44.65
CA LEU D 80 -6.46 11.55 44.74
C LEU D 80 -5.32 12.39 45.30
N ALA D 81 -4.30 11.77 45.89
CA ALA D 81 -3.19 12.54 46.44
C ALA D 81 -2.52 13.37 45.33
N ALA D 82 -2.35 14.67 45.59
CA ALA D 82 -1.74 15.56 44.61
C ALA D 82 -1.35 16.82 45.33
N GLU D 83 -0.40 17.56 44.78
CA GLU D 83 0.04 18.80 45.39
C GLU D 83 -0.50 19.90 44.50
N SER D 84 -1.31 20.80 45.05
CA SER D 84 -1.88 21.84 44.22
C SER D 84 -1.22 23.18 44.39
N HIS D 85 -0.22 23.25 45.25
CA HIS D 85 0.49 24.50 45.42
C HIS D 85 1.76 24.44 44.56
N VAL D 86 1.96 25.44 43.71
CA VAL D 86 3.16 25.44 42.89
C VAL D 86 4.30 26.17 43.60
N ASP D 87 5.27 25.40 44.03
CA ASP D 87 6.42 25.92 44.74
C ASP D 87 7.63 25.90 43.84
N ARG D 88 8.70 26.48 44.31
CA ARG D 88 9.97 26.48 43.67
C ARG D 88 10.87 25.87 44.70
N SER D 89 11.86 25.12 44.30
CA SER D 89 12.73 24.49 45.29
C SER D 89 14.18 24.90 45.11
N ILE D 90 15.00 24.71 46.13
CA ILE D 90 16.40 25.08 45.97
C ILE D 90 17.26 23.83 45.94
N THR D 91 16.64 22.67 46.16
CA THR D 91 17.36 21.39 46.08
C THR D 91 16.41 20.33 45.63
N GLY D 92 16.64 19.82 44.42
CA GLY D 92 15.75 18.80 43.92
C GLY D 92 14.55 19.45 43.27
N PRO D 93 13.69 18.65 42.64
CA PRO D 93 12.48 19.09 41.95
C PRO D 93 11.48 19.65 42.94
N ALA D 94 10.61 20.53 42.43
CA ALA D 94 9.58 21.15 43.26
C ALA D 94 8.68 20.04 43.82
N ALA D 95 7.88 20.36 44.83
CA ALA D 95 7.00 19.36 45.40
C ALA D 95 5.88 18.92 44.45
N PHE D 96 5.29 19.85 43.70
CA PHE D 96 4.21 19.46 42.81
C PHE D 96 4.69 18.51 41.73
N ILE D 97 5.94 18.66 41.28
CA ILE D 97 6.47 17.76 40.25
C ILE D 97 6.62 16.38 40.90
N GLU D 98 7.29 16.34 42.06
CA GLU D 98 7.53 15.10 42.80
C GLU D 98 6.27 14.29 43.07
N THR D 99 5.30 14.95 43.69
CA THR D 99 4.07 14.29 44.05
C THR D 99 3.14 13.96 42.90
N ASN D 100 2.86 14.93 42.05
CA ASN D 100 1.92 14.70 40.96
C ASN D 100 2.43 13.79 39.85
N ILE D 101 3.66 13.99 39.42
CA ILE D 101 4.22 13.18 38.37
C ILE D 101 4.96 11.93 38.90
N VAL D 102 6.14 12.13 39.46
CA VAL D 102 6.92 11.02 40.01
C VAL D 102 6.06 10.14 40.95
N GLY D 103 5.29 10.78 41.84
CA GLY D 103 4.42 10.04 42.75
C GLY D 103 3.44 9.14 42.02
N THR D 104 2.83 9.64 40.94
CA THR D 104 1.87 8.82 40.20
C THR D 104 2.60 7.65 39.57
N TYR D 105 3.76 7.90 38.99
CA TYR D 105 4.58 6.86 38.37
C TYR D 105 4.93 5.80 39.43
N ALA D 106 5.39 6.25 40.59
CA ALA D 106 5.76 5.33 41.64
C ALA D 106 4.56 4.47 42.04
N LEU D 107 3.40 5.09 42.19
CA LEU D 107 2.22 4.36 42.57
C LEU D 107 1.81 3.39 41.49
N LEU D 108 1.93 3.80 40.22
CA LEU D 108 1.57 2.92 39.10
C LEU D 108 2.47 1.68 39.04
N GLU D 109 3.73 1.83 39.43
CA GLU D 109 4.64 0.69 39.40
C GLU D 109 4.33 -0.29 40.51
N VAL D 110 4.02 0.21 41.71
CA VAL D 110 3.68 -0.69 42.81
C VAL D 110 2.39 -1.42 42.44
N ALA D 111 1.41 -0.68 41.91
CA ALA D 111 0.14 -1.27 41.56
C ALA D 111 0.29 -2.29 40.44
N ARG D 112 1.21 -2.06 39.50
CA ARG D 112 1.38 -3.02 38.40
C ARG D 112 1.91 -4.35 38.91
N LYS D 113 2.95 -4.33 39.74
CA LYS D 113 3.51 -5.56 40.27
C LYS D 113 2.46 -6.32 41.06
N TYR D 114 1.78 -5.59 41.93
CA TYR D 114 0.71 -6.17 42.75
C TYR D 114 -0.36 -6.81 41.85
N TRP D 115 -0.89 -6.03 40.91
CA TRP D 115 -1.93 -6.51 40.02
C TRP D 115 -1.55 -7.75 39.22
N SER D 116 -0.36 -7.78 38.64
CA SER D 116 0.02 -8.93 37.84
C SER D 116 0.19 -10.22 38.66
N ALA D 117 0.52 -10.07 39.95
CA ALA D 117 0.69 -11.22 40.83
C ALA D 117 -0.63 -11.65 41.48
N LEU D 118 -1.73 -11.24 40.84
CA LEU D 118 -3.07 -11.55 41.33
C LEU D 118 -3.69 -12.73 40.57
N GLY D 119 -4.59 -13.42 41.26
CA GLY D 119 -5.28 -14.56 40.68
C GLY D 119 -6.36 -14.14 39.72
N GLU D 120 -6.35 -14.73 38.52
CA GLU D 120 -7.31 -14.40 37.47
C GLU D 120 -8.59 -13.70 37.89
N ASP D 121 -9.26 -14.22 38.91
CA ASP D 121 -10.49 -13.61 39.42
C ASP D 121 -10.28 -12.16 39.88
N LYS D 122 -9.57 -12.02 40.99
CA LYS D 122 -9.28 -10.73 41.59
C LYS D 122 -8.53 -9.80 40.62
N LYS D 123 -7.74 -10.39 39.72
CA LYS D 123 -6.96 -9.63 38.77
C LYS D 123 -7.84 -9.00 37.67
N ASN D 124 -8.95 -9.65 37.33
CA ASN D 124 -9.82 -9.10 36.31
C ASN D 124 -10.79 -8.07 36.86
N ASN D 125 -10.92 -8.04 38.18
CA ASN D 125 -11.83 -7.09 38.83
C ASN D 125 -11.10 -5.85 39.31
N PHE D 126 -9.79 -5.96 39.48
CA PHE D 126 -8.97 -4.85 39.96
C PHE D 126 -9.16 -3.61 39.11
N ARG D 127 -9.09 -2.46 39.77
CA ARG D 127 -9.25 -1.16 39.10
C ARG D 127 -8.32 -0.11 39.71
N PHE D 128 -7.69 0.69 38.85
CA PHE D 128 -6.81 1.77 39.31
C PHE D 128 -7.51 3.03 38.79
N HIS D 129 -8.23 3.70 39.69
CA HIS D 129 -8.99 4.90 39.35
C HIS D 129 -8.21 6.18 39.66
N HIS D 130 -7.83 6.90 38.60
CA HIS D 130 -7.06 8.13 38.71
C HIS D 130 -7.96 9.36 38.69
N ILE D 131 -7.89 10.17 39.74
CA ILE D 131 -8.72 11.38 39.82
C ILE D 131 -7.95 12.56 39.25
N SER D 132 -8.57 13.31 38.35
CA SER D 132 -7.89 14.45 37.74
C SER D 132 -8.76 15.70 37.56
N THR D 133 -8.23 16.69 36.87
CA THR D 133 -8.93 17.96 36.67
C THR D 133 -9.30 18.35 35.23
N ASP D 134 -10.35 19.15 35.12
CA ASP D 134 -10.80 19.61 33.82
C ASP D 134 -9.79 20.62 33.27
N GLU D 135 -8.85 21.05 34.10
CA GLU D 135 -7.84 21.99 33.65
C GLU D 135 -6.90 21.46 32.56
N VAL D 136 -6.80 20.14 32.43
CA VAL D 136 -5.93 19.54 31.41
C VAL D 136 -6.40 19.86 29.99
N TYR D 137 -7.67 20.21 29.85
CA TYR D 137 -8.22 20.52 28.53
C TYR D 137 -7.89 21.92 28.01
N GLY D 138 -7.26 22.76 28.83
CA GLY D 138 -6.94 24.11 28.36
C GLY D 138 -8.03 25.12 28.66
N ASP D 139 -8.43 25.93 27.68
CA ASP D 139 -9.46 26.95 27.90
C ASP D 139 -10.54 26.87 26.82
N LEU D 140 -11.73 27.38 27.12
CA LEU D 140 -12.85 27.37 26.17
C LEU D 140 -13.22 28.81 25.76
N PRO D 141 -13.95 28.93 24.63
CA PRO D 141 -14.43 30.26 24.16
C PRO D 141 -15.24 30.97 25.23
N HIS D 142 -15.02 32.24 25.42
CA HIS D 142 -15.80 32.99 26.42
C HIS D 142 -17.06 33.56 25.80
N PRO D 143 -18.10 33.75 26.63
CA PRO D 143 -19.37 34.30 26.06
C PRO D 143 -19.18 35.59 25.31
N ASP D 144 -18.36 36.42 25.92
CA ASP D 144 -18.13 37.76 25.40
C ASP D 144 -17.19 37.79 24.20
N GLU D 145 -17.04 36.64 23.56
CA GLU D 145 -16.18 36.52 22.38
C GLU D 145 -17.03 35.93 21.25
N VAL D 146 -17.72 34.83 21.53
CA VAL D 146 -18.55 34.14 20.51
C VAL D 146 -19.72 34.97 20.01
N GLU D 147 -20.16 35.96 20.78
CA GLU D 147 -21.27 36.80 20.35
C GLU D 147 -22.61 36.04 20.19
N ASN D 148 -23.68 36.84 20.01
CA ASN D 148 -25.05 36.41 19.85
C ASN D 148 -25.17 34.91 20.00
N SER D 149 -25.68 34.48 21.19
CA SER D 149 -25.90 33.08 21.50
C SER D 149 -24.75 32.18 20.97
N VAL D 150 -24.92 31.65 19.76
CA VAL D 150 -23.94 30.76 19.12
C VAL D 150 -23.43 29.71 20.09
N THR D 151 -24.28 28.74 20.44
CA THR D 151 -23.96 27.66 21.36
C THR D 151 -22.44 27.49 21.57
N LEU D 152 -22.03 27.62 22.85
CA LEU D 152 -20.63 27.49 23.25
C LEU D 152 -20.17 26.07 23.55
N PRO D 153 -18.90 25.84 23.20
CA PRO D 153 -18.20 24.55 23.42
C PRO D 153 -18.16 24.05 24.83
N LEU D 154 -18.05 22.75 25.02
CA LEU D 154 -17.87 22.25 26.37
C LEU D 154 -16.72 21.26 26.35
N PHE D 155 -16.22 20.92 27.54
CA PHE D 155 -15.13 19.96 27.65
C PHE D 155 -15.73 18.56 27.59
N THR D 156 -15.24 17.73 26.67
CA THR D 156 -15.73 16.35 26.58
C THR D 156 -14.50 15.46 26.75
N GLU D 157 -14.74 14.16 26.93
CA GLU D 157 -13.63 13.22 27.08
C GLU D 157 -12.71 13.17 25.85
N THR D 158 -13.13 13.74 24.71
CA THR D 158 -12.24 13.69 23.55
C THR D 158 -11.68 15.08 23.21
N THR D 159 -11.78 16.00 24.15
CA THR D 159 -11.23 17.33 23.93
C THR D 159 -9.70 17.23 24.07
N ALA D 160 -8.98 17.89 23.16
CA ALA D 160 -7.51 17.86 23.19
C ALA D 160 -6.89 18.45 24.47
N TYR D 161 -5.84 17.80 24.99
CA TYR D 161 -5.17 18.30 26.20
C TYR D 161 -4.40 19.55 25.85
N ALA D 162 -4.48 20.56 26.71
CA ALA D 162 -3.77 21.81 26.48
C ALA D 162 -3.57 22.57 27.79
N PRO D 163 -3.04 21.88 28.82
CA PRO D 163 -2.82 22.53 30.12
C PRO D 163 -2.02 23.83 30.00
N SER D 164 -2.45 24.88 30.69
CA SER D 164 -1.75 26.16 30.61
C SER D 164 -0.97 26.60 31.83
N SER D 165 -1.04 25.82 32.91
CA SER D 165 -0.29 26.17 34.12
C SER D 165 0.61 25.02 34.58
N PRO D 166 1.63 25.33 35.39
CA PRO D 166 2.48 24.24 35.85
C PRO D 166 1.65 23.13 36.52
N TYR D 167 0.68 23.54 37.33
CA TYR D 167 -0.14 22.56 38.03
C TYR D 167 -0.94 21.71 37.05
N SER D 168 -1.73 22.36 36.20
CA SER D 168 -2.50 21.59 35.25
C SER D 168 -1.57 20.76 34.33
N ALA D 169 -0.35 21.24 34.08
CA ALA D 169 0.57 20.47 33.22
C ALA D 169 0.97 19.20 33.98
N SER D 170 1.28 19.32 35.27
CA SER D 170 1.67 18.15 36.04
C SER D 170 0.52 17.15 36.10
N LYS D 171 -0.71 17.62 36.22
CA LYS D 171 -1.86 16.69 36.27
C LYS D 171 -2.07 16.02 34.92
N ALA D 172 -1.87 16.77 33.85
CA ALA D 172 -2.04 16.20 32.51
C ALA D 172 -1.03 15.07 32.35
N SER D 173 0.16 15.26 32.91
CA SER D 173 1.22 14.26 32.81
C SER D 173 0.85 13.01 33.55
N SER D 174 0.29 13.15 34.74
CA SER D 174 -0.09 11.96 35.48
C SER D 174 -1.16 11.21 34.68
N ASP D 175 -2.03 11.94 34.00
CA ASP D 175 -3.08 11.32 33.20
C ASP D 175 -2.45 10.45 32.11
N HIS D 176 -1.43 10.98 31.44
CA HIS D 176 -0.76 10.23 30.39
C HIS D 176 -0.08 8.96 30.93
N LEU D 177 0.57 9.05 32.08
CA LEU D 177 1.22 7.89 32.65
C LEU D 177 0.18 6.82 32.93
N VAL D 178 -0.98 7.21 33.45
CA VAL D 178 -2.01 6.24 33.78
C VAL D 178 -2.52 5.50 32.54
N ARG D 179 -2.73 6.20 31.46
CA ARG D 179 -3.21 5.56 30.25
C ARG D 179 -2.14 4.69 29.62
N ALA D 180 -0.89 5.14 29.62
CA ALA D 180 0.20 4.34 29.05
C ALA D 180 0.42 3.01 29.78
N TRP D 181 0.20 3.00 31.09
CA TRP D 181 0.40 1.79 31.84
C TRP D 181 -0.70 0.81 31.49
N ARG D 182 -1.84 1.32 31.08
CA ARG D 182 -2.94 0.46 30.70
C ARG D 182 -2.62 -0.14 29.34
N ARG D 183 -2.27 0.69 28.37
CA ARG D 183 -1.98 0.17 27.04
C ARG D 183 -0.69 -0.59 26.91
N THR D 184 0.25 -0.35 27.82
CA THR D 184 1.52 -1.02 27.74
C THR D 184 1.59 -2.30 28.58
N TYR D 185 1.03 -2.26 29.78
CA TYR D 185 1.10 -3.41 30.66
C TYR D 185 -0.25 -4.05 30.93
N GLY D 186 -1.30 -3.44 30.41
CA GLY D 186 -2.64 -3.97 30.59
C GLY D 186 -3.26 -3.64 31.93
N LEU D 187 -2.60 -2.82 32.73
CA LEU D 187 -3.14 -2.42 34.03
C LEU D 187 -4.53 -1.76 33.81
N PRO D 188 -5.59 -2.31 34.43
CA PRO D 188 -6.95 -1.78 34.29
C PRO D 188 -7.12 -0.44 35.02
N THR D 189 -6.89 0.64 34.28
CA THR D 189 -6.96 1.99 34.82
C THR D 189 -8.13 2.76 34.29
N ILE D 190 -8.65 3.68 35.10
CA ILE D 190 -9.75 4.55 34.70
C ILE D 190 -9.37 5.99 35.05
N VAL D 191 -9.79 6.94 34.23
CA VAL D 191 -9.47 8.35 34.49
C VAL D 191 -10.70 9.26 34.52
N THR D 192 -10.84 10.05 35.58
CA THR D 192 -11.95 11.00 35.63
C THR D 192 -11.42 12.43 35.76
N ASN D 193 -12.03 13.35 35.03
CA ASN D 193 -11.65 14.76 35.09
C ASN D 193 -12.87 15.55 35.54
N CYS D 194 -12.73 16.28 36.65
CA CYS D 194 -13.86 17.06 37.16
C CYS D 194 -13.59 18.56 37.17
N SER D 195 -14.65 19.33 37.35
CA SER D 195 -14.56 20.79 37.41
C SER D 195 -14.33 21.20 38.88
N ASN D 196 -14.43 22.49 39.14
CA ASN D 196 -14.22 23.04 40.48
C ASN D 196 -15.16 22.50 41.56
N ASN D 197 -14.58 22.01 42.64
CA ASN D 197 -15.39 21.51 43.75
C ASN D 197 -15.56 22.60 44.82
N TYR D 198 -16.65 22.52 45.58
CA TYR D 198 -16.89 23.44 46.67
C TYR D 198 -17.74 22.67 47.64
N GLY D 199 -17.84 23.12 48.87
CA GLY D 199 -18.63 22.41 49.86
C GLY D 199 -17.96 22.35 51.23
N PRO D 200 -18.47 21.51 52.14
CA PRO D 200 -17.91 21.37 53.50
C PRO D 200 -16.44 20.96 53.53
N TYR D 201 -15.75 21.36 54.60
CA TYR D 201 -14.33 21.05 54.81
C TYR D 201 -13.34 21.64 53.79
N HIS D 202 -13.76 22.66 53.06
CA HIS D 202 -12.89 23.32 52.10
C HIS D 202 -12.07 24.31 52.93
N PHE D 203 -10.75 24.34 52.72
CA PHE D 203 -9.92 25.27 53.50
C PHE D 203 -10.38 26.74 53.42
N PRO D 204 -10.30 27.44 54.54
CA PRO D 204 -10.70 28.85 54.66
C PRO D 204 -10.18 29.85 53.63
N GLU D 205 -8.98 29.64 53.09
CA GLU D 205 -8.46 30.59 52.11
C GLU D 205 -8.97 30.34 50.67
N LYS D 206 -9.76 29.28 50.47
CA LYS D 206 -10.29 28.97 49.14
C LYS D 206 -11.35 29.98 48.75
N LEU D 207 -11.52 30.19 47.45
CA LEU D 207 -12.47 31.18 46.93
C LEU D 207 -13.84 31.27 47.63
N ILE D 208 -14.67 30.26 47.50
CA ILE D 208 -15.97 30.29 48.12
C ILE D 208 -15.93 30.41 49.65
N PRO D 209 -15.08 29.61 50.33
CA PRO D 209 -15.05 29.74 51.78
C PRO D 209 -14.58 31.14 52.17
N LEU D 210 -13.60 31.67 51.44
CA LEU D 210 -13.09 32.99 51.77
C LEU D 210 -14.17 34.06 51.67
N VAL D 211 -15.01 33.98 50.65
CA VAL D 211 -16.06 34.96 50.48
C VAL D 211 -17.06 34.87 51.63
N ILE D 212 -17.44 33.65 52.02
CA ILE D 212 -18.38 33.46 53.13
C ILE D 212 -17.82 33.96 54.46
N LEU D 213 -16.57 33.64 54.76
CA LEU D 213 -15.99 34.06 56.01
C LEU D 213 -15.79 35.56 56.03
N ASN D 214 -15.14 36.11 55.01
CA ASN D 214 -14.92 37.55 54.97
C ASN D 214 -16.24 38.33 55.07
N ALA D 215 -17.28 37.86 54.37
CA ALA D 215 -18.59 38.50 54.35
C ALA D 215 -19.23 38.63 55.72
N LEU D 216 -19.23 37.53 56.48
CA LEU D 216 -19.78 37.54 57.82
C LEU D 216 -18.90 38.44 58.67
N GLU D 217 -17.59 38.29 58.53
CA GLU D 217 -16.63 39.09 59.28
C GLU D 217 -16.83 40.55 58.88
N GLY D 218 -17.78 40.79 57.97
CA GLY D 218 -18.03 42.16 57.52
C GLY D 218 -16.89 42.76 56.71
N LYS D 219 -15.89 41.96 56.34
CA LYS D 219 -14.76 42.45 55.55
C LYS D 219 -15.20 42.69 54.10
N PRO D 220 -14.36 43.33 53.30
CA PRO D 220 -14.76 43.56 51.90
C PRO D 220 -14.67 42.30 51.02
N LEU D 221 -15.53 42.22 50.01
CA LEU D 221 -15.57 41.09 49.08
C LEU D 221 -15.05 41.57 47.73
N PRO D 222 -13.72 41.62 47.57
CA PRO D 222 -12.98 42.08 46.38
C PRO D 222 -13.04 41.24 45.10
N ILE D 223 -13.55 41.86 44.02
CA ILE D 223 -13.66 41.23 42.71
C ILE D 223 -12.44 41.63 41.89
N TYR D 224 -11.73 40.63 41.33
CA TYR D 224 -10.49 40.85 40.58
C TYR D 224 -10.53 41.62 39.28
N GLY D 225 -11.40 41.23 38.35
CA GLY D 225 -11.47 41.94 37.09
C GLY D 225 -12.87 42.44 36.91
N LYS D 226 -13.59 41.83 35.98
CA LYS D 226 -14.98 42.16 35.75
C LYS D 226 -15.76 41.02 36.39
N GLY D 227 -15.03 40.10 37.03
CA GLY D 227 -15.68 38.94 37.63
C GLY D 227 -16.06 38.06 36.47
N ASP D 228 -15.24 38.22 35.43
CA ASP D 228 -15.37 37.57 34.12
C ASP D 228 -15.34 36.04 34.12
N GLN D 229 -14.26 35.50 34.72
CA GLN D 229 -14.02 34.06 34.78
C GLN D 229 -15.22 33.17 34.99
N ILE D 230 -15.33 32.17 34.11
CA ILE D 230 -16.42 31.22 34.21
C ILE D 230 -15.90 29.83 34.61
N ARG D 231 -16.61 29.19 35.52
CA ARG D 231 -16.25 27.88 36.01
C ARG D 231 -17.51 27.06 36.27
N ASP D 232 -17.37 25.74 36.18
CA ASP D 232 -18.43 24.77 36.41
C ASP D 232 -18.28 24.32 37.88
N TRP D 233 -19.20 24.70 38.76
CA TRP D 233 -19.06 24.31 40.15
C TRP D 233 -19.78 23.04 40.52
N LEU D 234 -19.01 22.06 41.00
CA LEU D 234 -19.50 20.74 41.41
C LEU D 234 -19.46 20.62 42.94
N TYR D 235 -20.59 20.25 43.54
CA TYR D 235 -20.65 20.10 44.99
C TYR D 235 -19.83 18.86 45.38
N VAL D 236 -18.94 19.00 46.36
CA VAL D 236 -18.07 17.89 46.75
C VAL D 236 -18.76 16.57 47.04
N GLU D 237 -19.89 16.61 47.74
CA GLU D 237 -20.63 15.38 48.08
C GLU D 237 -21.11 14.68 46.81
N ASP D 238 -21.39 15.45 45.76
CA ASP D 238 -21.83 14.89 44.49
C ASP D 238 -20.64 14.23 43.79
N HIS D 239 -19.48 14.89 43.86
CA HIS D 239 -18.26 14.37 43.26
C HIS D 239 -18.00 13.02 43.92
N ALA D 240 -18.09 13.00 45.24
CA ALA D 240 -17.83 11.78 46.02
C ALA D 240 -18.70 10.63 45.56
N ARG D 241 -19.98 10.91 45.31
CA ARG D 241 -20.87 9.85 44.87
C ARG D 241 -20.47 9.38 43.49
N ALA D 242 -20.18 10.30 42.59
CA ALA D 242 -19.77 9.91 41.25
C ALA D 242 -18.49 9.04 41.27
N LEU D 243 -17.52 9.42 42.08
CA LEU D 243 -16.28 8.66 42.16
C LEU D 243 -16.48 7.21 42.59
N HIS D 244 -17.28 6.98 43.62
CA HIS D 244 -17.52 5.61 44.09
C HIS D 244 -18.22 4.81 42.99
N MET D 245 -19.19 5.45 42.35
CA MET D 245 -19.92 4.84 41.27
C MET D 245 -18.94 4.37 40.18
N VAL D 246 -18.00 5.24 39.81
CA VAL D 246 -17.00 4.94 38.78
C VAL D 246 -16.06 3.80 39.16
N VAL D 247 -15.54 3.83 40.36
CA VAL D 247 -14.61 2.78 40.75
C VAL D 247 -15.29 1.42 40.86
N THR D 248 -16.60 1.41 41.09
CA THR D 248 -17.29 0.14 41.22
C THR D 248 -17.98 -0.32 39.93
N GLU D 249 -18.42 0.61 39.09
CA GLU D 249 -19.10 0.25 37.85
C GLU D 249 -18.38 0.73 36.60
N GLY D 250 -17.31 1.50 36.76
CA GLY D 250 -16.59 2.01 35.61
C GLY D 250 -15.90 0.94 34.80
N LYS D 251 -15.76 1.21 33.50
CA LYS D 251 -15.14 0.27 32.60
C LYS D 251 -13.65 0.58 32.36
N ALA D 252 -12.79 -0.40 32.59
CA ALA D 252 -11.35 -0.24 32.39
C ALA D 252 -11.02 0.40 31.03
N GLY D 253 -10.13 1.38 31.05
CA GLY D 253 -9.73 2.05 29.82
C GLY D 253 -10.67 3.19 29.43
N GLU D 254 -11.62 3.48 30.29
CA GLU D 254 -12.58 4.56 30.01
C GLU D 254 -12.25 5.87 30.74
N THR D 255 -12.71 6.97 30.14
CA THR D 255 -12.52 8.30 30.73
C THR D 255 -13.89 8.92 31.01
N TYR D 256 -14.05 9.55 32.16
CA TYR D 256 -15.34 10.17 32.49
C TYR D 256 -15.19 11.62 32.98
N ASN D 257 -15.88 12.56 32.34
CA ASN D 257 -15.83 13.93 32.82
C ASN D 257 -16.91 14.05 33.87
N ILE D 258 -16.65 14.83 34.92
CA ILE D 258 -17.62 15.00 36.00
C ILE D 258 -17.81 16.49 36.31
N GLY D 259 -19.04 16.96 36.23
CA GLY D 259 -19.33 18.35 36.50
C GLY D 259 -20.67 18.55 37.17
N GLY D 260 -20.90 19.77 37.64
CA GLY D 260 -22.16 20.07 38.33
C GLY D 260 -23.27 20.53 37.40
N HIS D 261 -23.09 20.34 36.09
CA HIS D 261 -24.08 20.73 35.09
C HIS D 261 -24.45 22.20 35.21
N ASN D 262 -23.45 23.07 35.26
CA ASN D 262 -23.74 24.49 35.35
C ASN D 262 -22.55 25.29 34.86
N GLU D 263 -22.67 26.61 34.93
CA GLU D 263 -21.62 27.49 34.45
C GLU D 263 -21.84 28.80 35.19
N LYS D 264 -20.81 29.33 35.86
CA LYS D 264 -20.98 30.58 36.60
C LYS D 264 -19.80 31.54 36.55
N LYS D 265 -20.08 32.84 36.50
CA LYS D 265 -19.03 33.84 36.52
C LYS D 265 -18.70 34.06 38.00
N ASN D 266 -17.46 34.42 38.30
CA ASN D 266 -17.09 34.64 39.69
C ASN D 266 -18.03 35.64 40.36
N LEU D 267 -18.31 36.73 39.65
CA LEU D 267 -19.21 37.75 40.18
C LEU D 267 -20.53 37.11 40.58
N ASP D 268 -21.01 36.16 39.81
CA ASP D 268 -22.27 35.53 40.15
C ASP D 268 -22.13 34.72 41.41
N VAL D 269 -20.95 34.17 41.61
CA VAL D 269 -20.69 33.36 42.81
C VAL D 269 -20.75 34.24 44.06
N VAL D 270 -20.07 35.39 44.00
CA VAL D 270 -20.06 36.29 45.13
C VAL D 270 -21.46 36.81 45.42
N PHE D 271 -22.19 37.18 44.37
CA PHE D 271 -23.54 37.70 44.58
C PHE D 271 -24.47 36.67 45.16
N THR D 272 -24.32 35.43 44.72
CA THR D 272 -25.17 34.36 45.22
C THR D 272 -24.93 34.16 46.71
N ILE D 273 -23.66 34.21 47.12
CA ILE D 273 -23.35 34.02 48.52
C ILE D 273 -23.92 35.17 49.34
N CYS D 274 -23.76 36.40 48.84
CA CYS D 274 -24.27 37.58 49.51
C CYS D 274 -25.77 37.49 49.70
N ASP D 275 -26.45 37.02 48.67
CA ASP D 275 -27.89 36.91 48.74
C ASP D 275 -28.33 35.94 49.81
N LEU D 276 -27.68 34.79 49.88
CA LEU D 276 -28.02 33.82 50.90
C LEU D 276 -27.69 34.35 52.30
N LEU D 277 -26.54 35.00 52.44
CA LEU D 277 -26.14 35.54 53.74
C LEU D 277 -27.10 36.66 54.16
N ASP D 278 -27.84 37.21 53.21
CA ASP D 278 -28.78 38.28 53.54
C ASP D 278 -30.06 37.63 54.03
N GLU D 279 -30.40 36.49 53.44
CA GLU D 279 -31.60 35.74 53.81
C GLU D 279 -31.42 35.11 55.20
N ILE D 280 -30.33 34.37 55.37
CA ILE D 280 -29.97 33.75 56.64
C ILE D 280 -29.06 34.80 57.26
N VAL D 281 -28.90 34.88 58.55
CA VAL D 281 -28.00 35.88 59.12
C VAL D 281 -28.19 37.31 58.53
N PRO D 282 -29.49 37.75 58.57
CA PRO D 282 -29.93 39.11 58.12
C PRO D 282 -29.27 40.30 58.78
N LYS D 283 -29.00 41.43 58.10
CA LYS D 283 -28.37 42.53 58.88
C LYS D 283 -28.62 43.96 58.40
N ALA D 284 -29.85 44.27 57.96
CA ALA D 284 -30.18 45.62 57.50
C ALA D 284 -28.99 46.32 56.81
N THR D 285 -28.60 45.77 55.70
CA THR D 285 -27.46 46.28 54.91
C THR D 285 -26.98 45.08 54.15
N SER D 286 -27.30 45.04 52.87
CA SER D 286 -26.94 43.86 52.14
C SER D 286 -25.44 43.63 52.09
N TYR D 287 -25.14 42.38 52.14
CA TYR D 287 -23.79 41.94 52.10
C TYR D 287 -23.09 42.38 50.83
N ARG D 288 -23.82 42.78 49.79
CA ARG D 288 -23.18 43.20 48.55
C ARG D 288 -22.43 44.49 48.78
N GLU D 289 -22.98 45.32 49.66
CA GLU D 289 -22.37 46.57 50.05
C GLU D 289 -20.85 46.44 50.11
N GLN D 290 -20.40 45.30 50.63
CA GLN D 290 -18.99 45.00 50.81
C GLN D 290 -18.18 44.75 49.53
N ILE D 291 -18.86 44.41 48.43
CA ILE D 291 -18.19 44.12 47.16
C ILE D 291 -17.40 45.28 46.56
N THR D 292 -16.13 45.06 46.25
CA THR D 292 -15.27 46.11 45.72
C THR D 292 -14.46 45.61 44.52
N TYR D 293 -14.10 46.50 43.59
CA TYR D 293 -13.35 46.07 42.41
C TYR D 293 -11.85 46.39 42.38
N VAL D 294 -11.03 45.34 42.49
CA VAL D 294 -9.56 45.44 42.49
C VAL D 294 -9.01 45.20 41.06
N ALA D 295 -7.68 45.17 40.88
CA ALA D 295 -7.07 44.90 39.56
C ALA D 295 -7.10 43.37 39.32
N ASP D 296 -6.70 42.84 38.15
CA ASP D 296 -6.80 41.37 38.01
C ASP D 296 -5.65 40.60 37.32
N ARG D 297 -5.69 39.27 37.54
CA ARG D 297 -4.72 38.27 37.03
C ARG D 297 -4.33 38.39 35.55
N PRO D 298 -3.03 38.31 35.29
CA PRO D 298 -2.53 38.34 33.88
C PRO D 298 -2.96 37.14 33.05
N GLY D 299 -2.16 36.08 33.15
CA GLY D 299 -2.43 34.88 32.40
C GLY D 299 -3.33 33.87 33.10
N HIS D 300 -4.65 34.04 32.95
CA HIS D 300 -5.58 33.08 33.58
C HIS D 300 -6.64 32.63 32.55
N ASP D 301 -7.17 31.43 32.76
CA ASP D 301 -8.17 30.85 31.84
C ASP D 301 -9.56 31.47 32.03
N ARG D 302 -10.16 31.88 30.94
CA ARG D 302 -11.46 32.54 30.97
C ARG D 302 -12.71 31.68 31.18
N ARG D 303 -12.71 30.43 30.73
CA ARG D 303 -13.91 29.64 30.90
C ARG D 303 -13.70 28.12 30.90
N TYR D 304 -14.27 27.46 31.90
CA TYR D 304 -14.22 26.01 32.01
C TYR D 304 -15.66 25.61 32.15
N ALA D 305 -16.07 24.60 31.38
CA ALA D 305 -17.43 24.12 31.45
C ALA D 305 -17.37 22.66 31.01
N ILE D 306 -17.97 21.78 31.79
CA ILE D 306 -17.94 20.36 31.49
C ILE D 306 -19.22 19.74 30.98
N ASP D 307 -19.07 18.91 29.96
CA ASP D 307 -20.18 18.18 29.38
C ASP D 307 -20.10 16.81 30.08
N ALA D 308 -20.97 16.56 31.05
CA ALA D 308 -20.95 15.29 31.75
C ALA D 308 -22.00 14.32 31.19
N GLY D 309 -22.25 14.43 29.89
CA GLY D 309 -23.22 13.56 29.26
C GLY D 309 -22.85 12.09 29.25
N LYS D 310 -21.59 11.80 28.95
CA LYS D 310 -21.13 10.43 28.89
C LYS D 310 -21.34 9.65 30.17
N ILE D 311 -20.93 10.19 31.31
CA ILE D 311 -21.10 9.46 32.55
C ILE D 311 -22.58 9.29 32.87
N SER D 312 -23.41 10.23 32.43
CA SER D 312 -24.84 10.15 32.66
C SER D 312 -25.42 9.02 31.82
N ARG D 313 -25.11 9.04 30.52
CA ARG D 313 -25.56 8.01 29.60
C ARG D 313 -25.09 6.61 29.97
N GLU D 314 -23.80 6.47 30.26
CA GLU D 314 -23.22 5.17 30.56
C GLU D 314 -23.29 4.65 31.99
N LEU D 315 -23.27 5.52 32.97
CA LEU D 315 -23.31 5.05 34.35
C LEU D 315 -24.51 5.58 35.08
N GLY D 316 -25.23 6.47 34.40
CA GLY D 316 -26.41 7.06 34.98
C GLY D 316 -26.17 7.97 36.17
N TRP D 317 -25.11 8.78 36.13
CA TRP D 317 -24.83 9.69 37.24
C TRP D 317 -25.16 11.13 36.89
N LYS D 318 -25.82 11.82 37.82
CA LYS D 318 -26.16 13.22 37.67
C LYS D 318 -26.07 13.84 39.05
N PRO D 319 -25.72 15.13 39.12
CA PRO D 319 -25.60 15.81 40.41
C PRO D 319 -26.97 15.95 41.05
N LEU D 320 -27.02 15.74 42.36
CA LEU D 320 -28.28 15.86 43.10
C LEU D 320 -28.52 17.32 43.43
N GLU D 321 -27.45 18.07 43.63
CA GLU D 321 -27.53 19.49 43.97
C GLU D 321 -27.46 20.37 42.75
N THR D 322 -27.91 21.59 42.88
CA THR D 322 -27.83 22.61 41.85
C THR D 322 -26.89 23.63 42.50
N PHE D 323 -26.35 24.56 41.72
CA PHE D 323 -25.46 25.53 42.34
C PHE D 323 -26.15 26.22 43.52
N GLU D 324 -27.43 26.53 43.33
CA GLU D 324 -28.22 27.20 44.36
C GLU D 324 -28.34 26.36 45.64
N SER D 325 -28.85 25.14 45.52
CA SER D 325 -29.01 24.30 46.71
C SER D 325 -27.67 23.97 47.34
N GLY D 326 -26.63 23.83 46.50
CA GLY D 326 -25.31 23.50 46.99
C GLY D 326 -24.66 24.63 47.76
N ILE D 327 -24.76 25.83 47.23
CA ILE D 327 -24.17 26.97 47.90
C ILE D 327 -24.85 27.18 49.26
N ARG D 328 -26.16 26.96 49.30
CA ARG D 328 -26.90 27.12 50.53
C ARG D 328 -26.34 26.18 51.60
N LYS D 329 -26.13 24.91 51.23
CA LYS D 329 -25.59 23.94 52.19
C LYS D 329 -24.20 24.32 52.66
N THR D 330 -23.40 24.89 51.76
CA THR D 330 -22.04 25.29 52.10
C THR D 330 -22.07 26.41 53.13
N VAL D 331 -22.83 27.46 52.87
CA VAL D 331 -22.94 28.58 53.80
C VAL D 331 -23.38 28.04 55.17
N GLU D 332 -24.40 27.20 55.16
CA GLU D 332 -24.89 26.65 56.42
C GLU D 332 -23.78 25.88 57.13
N TRP D 333 -22.96 25.16 56.37
CA TRP D 333 -21.88 24.39 56.98
C TRP D 333 -20.83 25.27 57.66
N TYR D 334 -20.37 26.31 56.99
CA TYR D 334 -19.39 27.16 57.62
C TYR D 334 -19.94 27.87 58.85
N LEU D 335 -21.22 28.26 58.81
CA LEU D 335 -21.83 28.91 59.96
C LEU D 335 -21.81 27.95 61.14
N ALA D 336 -21.98 26.66 60.85
CA ALA D 336 -22.04 25.67 61.92
C ALA D 336 -20.70 25.06 62.31
N ASN D 337 -19.63 25.43 61.62
CA ASN D 337 -18.33 24.83 61.91
C ASN D 337 -17.16 25.76 62.16
N THR D 338 -17.39 26.75 63.00
CA THR D 338 -16.38 27.72 63.36
C THR D 338 -15.14 27.05 63.96
N GLN D 339 -15.34 26.02 64.77
CA GLN D 339 -14.20 25.36 65.39
C GLN D 339 -13.25 24.75 64.37
N TRP D 340 -13.79 24.01 63.42
CA TRP D 340 -12.95 23.40 62.40
C TRP D 340 -12.17 24.52 61.71
N VAL D 341 -12.87 25.57 61.29
CA VAL D 341 -12.20 26.67 60.62
C VAL D 341 -11.10 27.27 61.47
N ASN D 342 -11.37 27.50 62.74
CA ASN D 342 -10.35 28.06 63.60
C ASN D 342 -9.15 27.16 63.85
N ASN D 343 -9.36 25.83 63.89
CA ASN D 343 -8.22 24.94 64.10
C ASN D 343 -7.30 24.94 62.89
N VAL D 344 -7.87 25.23 61.73
CA VAL D 344 -7.10 25.29 60.52
C VAL D 344 -6.35 26.62 60.54
N LYS D 345 -7.06 27.71 60.78
CA LYS D 345 -6.42 29.01 60.80
C LYS D 345 -5.29 29.09 61.83
N SER D 346 -5.48 28.44 62.99
CA SER D 346 -4.46 28.47 64.03
C SER D 346 -3.32 27.49 63.81
N GLY D 347 -3.57 26.44 63.04
CA GLY D 347 -2.53 25.46 62.82
C GLY D 347 -2.73 24.26 63.73
N ALA D 348 -3.60 24.40 64.70
CA ALA D 348 -3.89 23.32 65.64
C ALA D 348 -4.28 22.02 64.96
N TYR D 349 -4.84 22.09 63.75
CA TYR D 349 -5.24 20.87 63.07
C TYR D 349 -4.07 19.94 62.75
N GLN D 350 -2.86 20.48 62.72
CA GLN D 350 -1.70 19.65 62.40
C GLN D 350 -1.08 18.95 63.60
N SER D 351 -1.95 18.53 64.58
CA SER D 351 -1.44 17.77 65.73
C SER D 351 -1.81 16.34 65.46
N TRP D 352 -1.88 16.11 64.17
CA TRP D 352 -2.16 14.81 63.62
C TRP D 352 -3.12 14.72 62.43
#